data_2HRR
#
_entry.id   2HRR
#
_cell.length_a   55.570
_cell.length_b   181.050
_cell.length_c   202.920
_cell.angle_alpha   90.00
_cell.angle_beta   90.00
_cell.angle_gamma   90.00
#
_symmetry.space_group_name_H-M   'P 21 21 21'
#
loop_
_entity.id
_entity.type
_entity.pdbx_description
1 polymer 'Liver carboxylesterase 1'
2 branched beta-D-fructofuranose-(2-1)-alpha-D-glucopyranose
3 non-polymer 'R-ETHYL N,N-DIMETHYLPHOSPHONAMIDATE'
4 non-polymer 2-acetamido-2-deoxy-beta-D-glucopyranose
5 non-polymer 'N-acetyl-alpha-neuraminic acid'
6 non-polymer 'SULFATE ION'
7 water water
#
_entity_poly.entity_id   1
_entity_poly.type   'polypeptide(L)'
_entity_poly.pdbx_seq_one_letter_code
;SSPPVVDTVHGKVLGKFVSLEGFAQPVAIFLGIPFAKPPLGPLRFTPPQPAEPWSFVKNATSYPPMCTQDPKAGQLLSEL
FTNRKENIPLKLSEDCLYLNIYTPADLTKKNRLPVMVWIHGGGLMVGAASTYDGLALAAHENVVVVTIQYRLGIWGFFST
GDEHSRGNWGHLDQVAALRWVQDNIASFGGNPGSVTIFGESAGGESVSVLVLSPLAKNLFHRAISESGVALTSVLVKKGD
VKPLAEQIAITAGCKTTTSAVMVHCLRQKTEEELLETTLKMKFLSLDLQGDPRESQPLLGTVIDGMLLLKTPEELQAERN
FHTVPYMVGINKQEFGWLIPMLMSYPLSEGQLDQKTAMSLLWKSYPLVCIAKELIPEATEKYLGGTDDTVKKKDLFLDLI
ADVMFGVPSVIVARNHRDAGAPTYMYEFQYRPSFSSDMKPKTVIGDHGDELFSVFGAPFLKEGASEEEIRLSKMVMKFWA
NFARNGNPNGEGLPHWPEYNQKEGYLQIGANTQAAQKLKDKEVAFWTNLFAK
;
_entity_poly.pdbx_strand_id   A,B,C
#
loop_
_chem_comp.id
_chem_comp.type
_chem_comp.name
_chem_comp.formula
FRU D-saccharide, beta linking beta-D-fructofuranose 'C6 H12 O6'
GLC D-saccharide, alpha linking alpha-D-glucopyranose 'C6 H12 O6'
NAG D-saccharide, beta linking 2-acetamido-2-deoxy-beta-D-glucopyranose 'C8 H15 N O6'
NTJ non-polymer 'R-ETHYL N,N-DIMETHYLPHOSPHONAMIDATE' 'C4 H12 N O2 P'
SIA D-saccharide, alpha linking 'N-acetyl-alpha-neuraminic acid' 'C11 H19 N O9'
SO4 non-polymer 'SULFATE ION' 'O4 S -2'
#
# COMPACT_ATOMS: atom_id res chain seq x y z
N SER A 1 -26.04 27.96 25.83
CA SER A 1 -26.97 27.72 24.68
C SER A 1 -26.15 27.78 23.40
N SER A 2 -24.87 27.44 23.57
CA SER A 2 -23.92 27.46 22.47
C SER A 2 -23.60 25.98 22.12
N PRO A 3 -23.24 25.68 20.85
CA PRO A 3 -22.95 24.28 20.55
C PRO A 3 -21.90 23.67 21.48
N PRO A 4 -22.13 22.43 21.96
CA PRO A 4 -21.19 21.76 22.87
C PRO A 4 -19.91 21.25 22.19
N VAL A 5 -18.76 21.55 22.78
CA VAL A 5 -17.46 21.11 22.22
C VAL A 5 -16.75 20.19 23.18
N VAL A 6 -16.55 18.95 22.73
CA VAL A 6 -15.90 17.94 23.56
C VAL A 6 -14.53 17.54 23.05
N ASP A 7 -13.58 17.43 23.97
CA ASP A 7 -12.24 17.04 23.61
C ASP A 7 -12.02 15.53 23.79
N THR A 8 -11.75 14.82 22.69
CA THR A 8 -11.50 13.39 22.77
C THR A 8 -10.01 13.15 22.58
N VAL A 9 -9.58 11.89 22.66
CA VAL A 9 -8.18 11.57 22.50
C VAL A 9 -7.65 12.02 21.13
N HIS A 10 -8.45 11.81 20.08
CA HIS A 10 -8.03 12.18 18.73
C HIS A 10 -8.33 13.59 18.28
N GLY A 11 -9.04 14.36 19.10
CA GLY A 11 -9.34 15.74 18.73
C GLY A 11 -10.66 16.26 19.25
N LYS A 12 -10.89 17.56 19.05
CA LYS A 12 -12.12 18.17 19.52
C LYS A 12 -13.28 17.85 18.59
N VAL A 13 -14.48 17.81 19.18
CA VAL A 13 -15.68 17.51 18.44
C VAL A 13 -16.76 18.52 18.80
N LEU A 14 -17.49 18.96 17.78
CA LEU A 14 -18.54 19.94 17.95
C LEU A 14 -19.88 19.33 17.60
N GLY A 15 -20.78 19.27 18.58
CA GLY A 15 -22.10 18.70 18.35
C GLY A 15 -23.16 19.79 18.42
N LYS A 16 -24.39 19.41 18.72
CA LYS A 16 -25.49 20.37 18.81
C LYS A 16 -26.42 20.02 19.96
N PHE A 17 -27.24 20.99 20.37
CA PHE A 17 -28.20 20.78 21.43
C PHE A 17 -29.60 20.48 20.89
N VAL A 18 -30.34 19.63 21.58
CA VAL A 18 -31.70 19.29 21.17
C VAL A 18 -32.52 18.99 22.42
N SER A 19 -33.55 19.78 22.66
CA SER A 19 -34.40 19.58 23.83
C SER A 19 -35.60 18.70 23.55
N LEU A 20 -36.01 17.94 24.56
CA LEU A 20 -37.17 17.08 24.43
C LEU A 20 -38.16 17.59 25.48
N GLU A 21 -39.43 17.68 25.10
CA GLU A 21 -40.47 18.15 26.03
C GLU A 21 -40.42 17.33 27.32
N GLY A 22 -40.41 18.03 28.44
CA GLY A 22 -40.37 17.36 29.72
C GLY A 22 -38.98 17.29 30.35
N PHE A 23 -38.00 17.91 29.70
CA PHE A 23 -36.64 17.91 30.21
C PHE A 23 -35.97 19.25 29.98
N ALA A 24 -35.49 19.85 31.06
CA ALA A 24 -34.84 21.13 31.00
C ALA A 24 -33.48 21.04 30.31
N GLN A 25 -32.63 20.13 30.78
CA GLN A 25 -31.31 19.98 30.20
C GLN A 25 -31.32 19.48 28.76
N PRO A 26 -30.82 20.31 27.83
CA PRO A 26 -30.77 19.92 26.42
C PRO A 26 -29.88 18.69 26.28
N VAL A 27 -30.16 17.88 25.27
CA VAL A 27 -29.36 16.69 25.03
C VAL A 27 -28.32 17.04 23.98
N ALA A 28 -27.08 16.64 24.21
CA ALA A 28 -26.01 16.92 23.26
C ALA A 28 -25.89 15.76 22.30
N ILE A 29 -26.06 16.04 21.03
CA ILE A 29 -25.98 15.03 19.98
C ILE A 29 -24.73 15.28 19.13
N PHE A 30 -23.93 14.25 18.92
CA PHE A 30 -22.74 14.35 18.11
C PHE A 30 -22.91 13.29 17.05
N LEU A 31 -22.93 13.72 15.80
CA LEU A 31 -23.15 12.81 14.68
C LEU A 31 -21.91 12.55 13.86
N GLY A 32 -21.76 11.29 13.46
CA GLY A 32 -20.63 10.92 12.66
C GLY A 32 -19.25 11.11 13.28
N ILE A 33 -18.98 10.44 14.41
CA ILE A 33 -17.65 10.53 15.01
C ILE A 33 -16.86 9.30 14.56
N PRO A 34 -15.69 9.52 13.91
CA PRO A 34 -14.87 8.40 13.43
C PRO A 34 -14.18 7.65 14.56
N PHE A 35 -14.37 6.33 14.61
CA PHE A 35 -13.75 5.52 15.65
C PHE A 35 -12.68 4.61 15.05
N ALA A 36 -12.46 4.78 13.76
CA ALA A 36 -11.46 3.97 13.06
C ALA A 36 -11.06 4.64 11.75
N LYS A 37 -9.95 4.19 11.19
CA LYS A 37 -9.47 4.74 9.93
C LYS A 37 -10.37 4.18 8.84
N PRO A 38 -10.73 5.00 7.84
CA PRO A 38 -11.59 4.50 6.76
C PRO A 38 -10.99 3.25 6.11
N PRO A 39 -11.75 2.15 6.09
CA PRO A 39 -11.30 0.89 5.51
C PRO A 39 -11.32 0.88 3.99
N LEU A 40 -10.58 1.81 3.38
CA LEU A 40 -10.53 1.92 1.92
C LEU A 40 -9.29 1.24 1.33
N GLY A 41 -9.30 1.06 0.00
CA GLY A 41 -8.18 0.45 -0.70
C GLY A 41 -7.63 -0.83 -0.09
N PRO A 42 -6.33 -0.86 0.25
CA PRO A 42 -5.72 -2.06 0.84
C PRO A 42 -6.31 -2.40 2.22
N LEU A 43 -6.89 -1.40 2.88
CA LEU A 43 -7.50 -1.61 4.20
C LEU A 43 -8.79 -2.43 4.15
N ARG A 44 -9.33 -2.62 2.96
CA ARG A 44 -10.54 -3.41 2.79
C ARG A 44 -10.20 -4.87 3.14
N PHE A 45 -11.06 -5.52 3.90
CA PHE A 45 -10.85 -6.91 4.32
C PHE A 45 -9.71 -7.07 5.32
N THR A 46 -9.50 -6.06 6.17
CA THR A 46 -8.48 -6.12 7.21
C THR A 46 -9.08 -5.54 8.49
N PRO A 47 -8.49 -5.89 9.65
CA PRO A 47 -9.00 -5.38 10.91
C PRO A 47 -9.00 -3.86 10.91
N PRO A 48 -10.00 -3.24 11.55
CA PRO A 48 -10.07 -1.77 11.59
C PRO A 48 -8.88 -1.17 12.33
N GLN A 49 -8.32 -0.09 11.79
CA GLN A 49 -7.18 0.58 12.42
C GLN A 49 -7.61 1.87 13.09
N PRO A 50 -6.85 2.32 14.09
CA PRO A 50 -7.15 3.55 14.83
C PRO A 50 -7.25 4.72 13.87
N ALA A 51 -8.22 5.59 14.12
CA ALA A 51 -8.44 6.77 13.29
C ALA A 51 -7.29 7.76 13.51
N GLU A 52 -7.04 8.59 12.50
CA GLU A 52 -5.99 9.60 12.57
C GLU A 52 -6.51 10.79 13.39
N PRO A 53 -5.65 11.40 14.21
CA PRO A 53 -6.07 12.54 15.00
C PRO A 53 -6.23 13.79 14.12
N TRP A 54 -7.15 14.68 14.50
CA TRP A 54 -7.36 15.89 13.72
C TRP A 54 -6.92 17.12 14.50
N SER A 55 -6.54 18.15 13.77
CA SER A 55 -6.01 19.39 14.36
C SER A 55 -6.93 20.39 15.05
N PHE A 56 -8.12 20.62 14.52
CA PHE A 56 -8.95 21.62 15.19
C PHE A 56 -10.25 21.09 15.74
N VAL A 57 -11.36 21.66 15.31
CA VAL A 57 -12.64 21.16 15.81
C VAL A 57 -13.39 20.43 14.70
N LYS A 58 -13.49 19.12 14.82
CA LYS A 58 -14.20 18.35 13.81
C LYS A 58 -15.69 18.60 14.02
N ASN A 59 -16.40 18.78 12.93
CA ASN A 59 -17.83 19.03 12.99
C ASN A 59 -18.60 17.74 12.92
N ALA A 60 -19.23 17.36 14.03
CA ALA A 60 -20.00 16.13 14.09
C ALA A 60 -21.49 16.47 14.13
N THR A 61 -21.96 17.16 13.10
CA THR A 61 -23.34 17.58 13.04
C THR A 61 -24.14 17.11 11.83
N SER A 62 -23.61 16.13 11.11
CA SER A 62 -24.31 15.59 9.94
C SER A 62 -24.29 14.08 10.10
N TYR A 63 -25.31 13.40 9.58
CA TYR A 63 -25.36 11.95 9.67
C TYR A 63 -24.30 11.37 8.76
N PRO A 64 -23.52 10.41 9.27
CA PRO A 64 -22.48 9.81 8.45
C PRO A 64 -23.15 8.96 7.36
N PRO A 65 -22.35 8.48 6.41
CA PRO A 65 -22.95 7.65 5.35
C PRO A 65 -23.19 6.28 5.99
N MET A 66 -23.92 5.40 5.31
CA MET A 66 -24.11 4.05 5.85
C MET A 66 -23.25 3.14 5.00
N CYS A 67 -22.74 2.05 5.59
CA CYS A 67 -21.89 1.14 4.85
C CYS A 67 -22.60 0.62 3.60
N THR A 68 -21.86 0.54 2.50
CA THR A 68 -22.41 0.07 1.25
C THR A 68 -23.32 -1.12 1.46
N GLN A 69 -24.46 -1.10 0.79
CA GLN A 69 -25.46 -2.14 0.92
C GLN A 69 -26.50 -1.90 -0.16
N ASP A 70 -27.43 -2.82 -0.31
CA ASP A 70 -28.51 -2.66 -1.27
C ASP A 70 -29.20 -1.39 -0.78
N PRO A 71 -29.10 -0.30 -1.55
CA PRO A 71 -29.72 0.98 -1.17
C PRO A 71 -31.21 0.90 -0.91
N LYS A 72 -31.92 0.17 -1.77
CA LYS A 72 -33.37 0.03 -1.62
C LYS A 72 -33.77 -0.73 -0.37
N ALA A 73 -33.07 -1.84 -0.13
CA ALA A 73 -33.34 -2.68 1.03
C ALA A 73 -32.99 -1.95 2.32
N GLY A 74 -31.88 -1.22 2.29
CA GLY A 74 -31.45 -0.49 3.47
C GLY A 74 -32.43 0.61 3.81
N GLN A 75 -32.93 1.29 2.79
CA GLN A 75 -33.88 2.37 3.05
C GLN A 75 -35.18 1.84 3.59
N LEU A 76 -35.71 0.79 2.98
CA LEU A 76 -36.96 0.21 3.44
C LEU A 76 -36.86 -0.23 4.89
N LEU A 77 -35.77 -0.92 5.24
CA LEU A 77 -35.60 -1.39 6.61
C LEU A 77 -35.49 -0.21 7.57
N SER A 78 -34.85 0.87 7.12
CA SER A 78 -34.69 2.03 7.98
C SER A 78 -36.04 2.66 8.29
N GLU A 79 -36.89 2.80 7.28
CA GLU A 79 -38.21 3.39 7.47
C GLU A 79 -39.06 2.57 8.43
N LEU A 80 -38.90 1.25 8.38
CA LEU A 80 -39.65 0.36 9.24
C LEU A 80 -39.11 0.25 10.66
N PHE A 81 -37.85 0.59 10.86
CA PHE A 81 -37.26 0.49 12.20
C PHE A 81 -37.00 1.82 12.87
N THR A 82 -37.02 2.90 12.11
CA THR A 82 -36.75 4.21 12.67
C THR A 82 -37.79 4.61 13.72
N ASN A 83 -37.31 5.17 14.83
CA ASN A 83 -38.18 5.62 15.91
C ASN A 83 -38.45 7.10 15.77
N ARG A 84 -37.86 7.71 14.74
CA ARG A 84 -38.05 9.14 14.52
C ARG A 84 -39.24 9.39 13.61
N LYS A 85 -39.86 10.56 13.77
CA LYS A 85 -41.02 11.01 13.00
C LYS A 85 -40.87 10.69 11.51
N GLU A 86 -39.86 11.30 10.89
CA GLU A 86 -39.57 11.10 9.47
C GLU A 86 -38.27 10.35 9.31
N ASN A 87 -38.21 9.42 8.36
CA ASN A 87 -36.97 8.69 8.15
C ASN A 87 -35.98 9.58 7.42
N ILE A 88 -34.72 9.49 7.86
CA ILE A 88 -33.65 10.28 7.28
C ILE A 88 -32.93 9.51 6.18
N PRO A 89 -32.99 10.02 4.94
CA PRO A 89 -32.33 9.35 3.81
C PRO A 89 -30.80 9.44 3.98
N LEU A 90 -30.13 8.32 3.74
CA LEU A 90 -28.69 8.28 3.90
C LEU A 90 -27.93 7.96 2.62
N LYS A 91 -26.65 8.26 2.65
CA LYS A 91 -25.75 8.01 1.53
C LYS A 91 -25.04 6.68 1.78
N LEU A 92 -24.36 6.17 0.77
CA LEU A 92 -23.62 4.92 0.87
C LEU A 92 -22.13 5.20 0.74
N SER A 93 -21.32 4.48 1.51
CA SER A 93 -19.87 4.67 1.43
C SER A 93 -19.10 3.61 2.21
N GLU A 94 -17.91 3.27 1.72
CA GLU A 94 -17.07 2.30 2.40
C GLU A 94 -16.56 3.00 3.63
N ASP A 95 -16.50 4.33 3.54
CA ASP A 95 -16.05 5.17 4.65
C ASP A 95 -17.30 5.34 5.51
N CYS A 96 -17.57 4.31 6.33
CA CYS A 96 -18.76 4.31 7.18
C CYS A 96 -18.51 3.92 8.64
N LEU A 97 -17.26 3.88 9.06
CA LEU A 97 -16.99 3.50 10.44
C LEU A 97 -17.11 4.69 11.38
N TYR A 98 -18.35 5.04 11.70
CA TYR A 98 -18.62 6.16 12.60
C TYR A 98 -19.61 5.74 13.64
N LEU A 99 -19.83 6.61 14.62
CA LEU A 99 -20.81 6.34 15.66
C LEU A 99 -21.49 7.64 16.03
N ASN A 100 -22.68 7.53 16.59
CA ASN A 100 -23.44 8.69 17.02
C ASN A 100 -23.57 8.61 18.53
N ILE A 101 -23.57 9.77 19.18
CA ILE A 101 -23.67 9.83 20.63
C ILE A 101 -24.79 10.77 21.07
N TYR A 102 -25.57 10.32 22.04
CA TYR A 102 -26.65 11.15 22.59
C TYR A 102 -26.45 11.17 24.11
N THR A 103 -25.93 12.27 24.64
CA THR A 103 -25.73 12.37 26.08
C THR A 103 -26.61 13.47 26.68
N PRO A 104 -27.35 13.14 27.75
CA PRO A 104 -28.24 14.05 28.45
C PRO A 104 -27.53 14.82 29.56
N ALA A 105 -26.27 14.47 29.79
CA ALA A 105 -25.50 15.12 30.84
C ALA A 105 -25.20 16.57 30.53
N ASP A 106 -24.94 17.34 31.57
CA ASP A 106 -24.56 18.74 31.41
C ASP A 106 -23.06 18.60 31.21
N LEU A 107 -22.58 18.89 30.00
CA LEU A 107 -21.16 18.74 29.69
C LEU A 107 -20.26 19.75 30.39
N THR A 108 -20.86 20.76 31.00
CA THR A 108 -20.10 21.76 31.71
C THR A 108 -19.85 21.29 33.15
N LYS A 109 -20.19 20.04 33.40
CA LYS A 109 -20.01 19.43 34.72
C LYS A 109 -19.42 18.04 34.61
N LYS A 110 -19.11 17.43 35.75
CA LYS A 110 -18.55 16.08 35.76
C LYS A 110 -19.75 15.14 35.81
N ASN A 111 -19.77 14.17 34.92
CA ASN A 111 -20.87 13.22 34.88
C ASN A 111 -20.34 11.88 34.45
N ARG A 112 -20.85 10.85 35.08
CA ARG A 112 -20.43 9.50 34.77
C ARG A 112 -21.66 8.61 34.72
N LEU A 113 -22.47 8.81 33.69
CA LEU A 113 -23.71 8.07 33.47
C LEU A 113 -23.51 6.75 32.76
N PRO A 114 -24.39 5.77 33.01
CA PRO A 114 -24.24 4.48 32.35
C PRO A 114 -24.33 4.66 30.83
N VAL A 115 -23.50 3.90 30.11
CA VAL A 115 -23.45 3.98 28.66
C VAL A 115 -24.07 2.77 27.98
N MET A 116 -24.89 3.03 26.97
CA MET A 116 -25.55 1.96 26.22
C MET A 116 -25.14 2.03 24.75
N VAL A 117 -24.47 0.99 24.28
CA VAL A 117 -24.02 0.94 22.90
C VAL A 117 -24.94 0.06 22.06
N TRP A 118 -25.64 0.68 21.13
CA TRP A 118 -26.60 0.01 20.26
C TRP A 118 -25.99 -0.53 18.97
N ILE A 119 -26.25 -1.80 18.70
CA ILE A 119 -25.76 -2.45 17.50
C ILE A 119 -26.98 -2.81 16.64
N HIS A 120 -27.13 -2.12 15.51
CA HIS A 120 -28.28 -2.34 14.64
C HIS A 120 -28.27 -3.70 13.94
N GLY A 121 -29.46 -4.14 13.54
CA GLY A 121 -29.60 -5.41 12.85
C GLY A 121 -29.71 -5.18 11.36
N GLY A 122 -30.06 -6.23 10.62
CA GLY A 122 -30.17 -6.11 9.18
C GLY A 122 -29.44 -7.26 8.51
N GLY A 123 -29.41 -8.41 9.17
CA GLY A 123 -28.75 -9.58 8.64
C GLY A 123 -27.29 -9.41 8.29
N LEU A 124 -26.60 -8.49 8.96
CA LEU A 124 -25.19 -8.26 8.68
C LEU A 124 -25.00 -7.85 7.23
N MET A 125 -26.10 -7.57 6.53
CA MET A 125 -26.06 -7.16 5.12
C MET A 125 -26.41 -5.68 4.92
N VAL A 126 -27.45 -5.21 5.60
CA VAL A 126 -27.89 -3.82 5.50
C VAL A 126 -28.07 -3.23 6.89
N GLY A 127 -28.51 -1.97 6.97
CA GLY A 127 -28.69 -1.36 8.26
C GLY A 127 -27.87 -0.10 8.43
N ALA A 128 -28.21 0.72 9.43
CA ALA A 128 -27.48 1.96 9.68
C ALA A 128 -27.68 2.44 11.13
N ALA A 129 -26.68 3.12 11.66
CA ALA A 129 -26.76 3.63 13.02
C ALA A 129 -27.69 4.84 13.12
N SER A 130 -27.78 5.60 12.04
CA SER A 130 -28.61 6.79 12.02
C SER A 130 -30.09 6.52 12.09
N THR A 131 -30.49 5.30 11.79
CA THR A 131 -31.89 4.92 11.82
C THR A 131 -32.42 5.13 13.24
N TYR A 132 -31.55 4.90 14.23
CA TYR A 132 -31.93 5.00 15.62
C TYR A 132 -31.55 6.32 16.29
N ASP A 133 -32.58 7.04 16.73
CA ASP A 133 -32.41 8.31 17.42
C ASP A 133 -32.43 8.03 18.92
N GLY A 134 -31.33 8.34 19.60
CA GLY A 134 -31.26 8.08 21.03
C GLY A 134 -31.77 9.15 21.96
N LEU A 135 -32.29 10.24 21.38
CA LEU A 135 -32.80 11.38 22.15
C LEU A 135 -33.67 11.02 23.34
N ALA A 136 -34.73 10.28 23.09
CA ALA A 136 -35.68 9.88 24.12
C ALA A 136 -35.12 8.99 25.22
N LEU A 137 -34.48 7.88 24.86
CA LEU A 137 -33.93 6.98 25.87
C LEU A 137 -32.91 7.69 26.74
N ALA A 138 -32.03 8.49 26.13
CA ALA A 138 -31.02 9.24 26.87
C ALA A 138 -31.61 10.20 27.89
N ALA A 139 -32.56 11.03 27.45
CA ALA A 139 -33.18 12.01 28.34
C ALA A 139 -34.08 11.35 29.39
N HIS A 140 -34.90 10.41 28.95
CA HIS A 140 -35.82 9.72 29.85
C HIS A 140 -35.11 8.91 30.93
N GLU A 141 -34.10 8.14 30.54
CA GLU A 141 -33.40 7.31 31.51
C GLU A 141 -32.04 7.80 31.98
N ASN A 142 -31.67 9.01 31.57
CA ASN A 142 -30.41 9.61 32.00
C ASN A 142 -29.19 8.72 31.75
N VAL A 143 -29.07 8.24 30.50
CA VAL A 143 -27.96 7.38 30.11
C VAL A 143 -27.39 7.89 28.79
N VAL A 144 -26.12 7.59 28.52
CA VAL A 144 -25.50 8.01 27.27
C VAL A 144 -25.77 6.91 26.25
N VAL A 145 -26.40 7.27 25.14
CA VAL A 145 -26.70 6.29 24.11
C VAL A 145 -25.77 6.48 22.92
N VAL A 146 -25.13 5.39 22.51
CA VAL A 146 -24.19 5.38 21.39
C VAL A 146 -24.60 4.34 20.36
N THR A 147 -24.91 4.80 19.15
CA THR A 147 -25.27 3.91 18.06
C THR A 147 -24.03 3.75 17.18
N ILE A 148 -23.67 2.51 16.85
CA ILE A 148 -22.48 2.30 16.05
C ILE A 148 -22.73 1.72 14.66
N GLN A 149 -21.72 1.82 13.81
CA GLN A 149 -21.81 1.25 12.50
C GLN A 149 -20.65 0.28 12.31
N TYR A 150 -20.82 -0.66 11.39
CA TYR A 150 -19.80 -1.64 11.12
C TYR A 150 -19.96 -2.15 9.69
N ARG A 151 -18.85 -2.53 9.07
CA ARG A 151 -18.87 -3.01 7.70
C ARG A 151 -19.86 -4.14 7.50
N LEU A 152 -20.65 -4.03 6.45
CA LEU A 152 -21.66 -5.03 6.15
C LEU A 152 -21.29 -5.86 4.94
N GLY A 153 -22.13 -6.86 4.68
CA GLY A 153 -21.96 -7.74 3.55
C GLY A 153 -20.55 -8.18 3.22
N ILE A 154 -20.21 -8.09 1.93
CA ILE A 154 -18.89 -8.47 1.44
C ILE A 154 -17.79 -7.77 2.22
N TRP A 155 -17.89 -6.45 2.31
CA TRP A 155 -16.92 -5.63 3.01
C TRP A 155 -16.65 -6.10 4.44
N GLY A 156 -17.70 -6.40 5.19
CA GLY A 156 -17.49 -6.80 6.57
C GLY A 156 -17.46 -8.28 6.86
N PHE A 157 -17.69 -9.12 5.86
CA PHE A 157 -17.71 -10.55 6.15
C PHE A 157 -17.14 -11.46 5.08
N PHE A 158 -16.50 -10.90 4.06
CA PHE A 158 -15.90 -11.74 3.04
C PHE A 158 -14.87 -12.61 3.74
N SER A 159 -14.91 -13.92 3.49
CA SER A 159 -13.97 -14.83 4.11
C SER A 159 -13.51 -15.96 3.18
N THR A 160 -12.20 -16.16 3.13
CA THR A 160 -11.62 -17.20 2.30
C THR A 160 -11.31 -18.43 3.15
N GLY A 161 -11.66 -18.34 4.44
CA GLY A 161 -11.43 -19.45 5.35
C GLY A 161 -10.00 -19.64 5.84
N ASP A 162 -9.08 -18.79 5.37
CA ASP A 162 -7.69 -18.90 5.77
C ASP A 162 -7.09 -17.54 6.14
N GLU A 163 -5.78 -17.49 6.35
CA GLU A 163 -5.12 -16.27 6.77
C GLU A 163 -5.23 -15.04 5.84
N HIS A 164 -5.42 -15.27 4.55
CA HIS A 164 -5.50 -14.15 3.59
C HIS A 164 -6.78 -13.34 3.73
N SER A 165 -7.76 -13.87 4.47
CA SER A 165 -9.01 -13.16 4.71
C SER A 165 -9.86 -13.96 5.69
N ARG A 166 -9.50 -13.92 6.95
CA ARG A 166 -10.22 -14.63 8.00
C ARG A 166 -11.71 -14.28 8.06
N GLY A 167 -12.03 -13.01 7.93
CA GLY A 167 -13.43 -12.60 7.97
C GLY A 167 -13.82 -11.89 9.25
N ASN A 168 -15.13 -11.71 9.44
CA ASN A 168 -15.69 -11.06 10.63
C ASN A 168 -15.24 -9.63 10.83
N TRP A 169 -14.85 -8.97 9.74
CA TRP A 169 -14.40 -7.58 9.81
C TRP A 169 -15.40 -6.70 10.57
N GLY A 170 -16.68 -6.88 10.27
CA GLY A 170 -17.71 -6.09 10.94
C GLY A 170 -17.69 -6.28 12.44
N HIS A 171 -17.42 -7.49 12.89
CA HIS A 171 -17.39 -7.77 14.32
C HIS A 171 -16.16 -7.08 14.91
N LEU A 172 -15.05 -7.10 14.17
CA LEU A 172 -13.84 -6.46 14.65
C LEU A 172 -14.08 -4.95 14.71
N ASP A 173 -14.96 -4.46 13.84
CA ASP A 173 -15.31 -3.04 13.84
C ASP A 173 -16.09 -2.71 15.13
N GLN A 174 -16.97 -3.63 15.54
CA GLN A 174 -17.78 -3.45 16.73
C GLN A 174 -16.90 -3.45 17.99
N VAL A 175 -15.91 -4.33 18.00
CA VAL A 175 -14.97 -4.39 19.11
C VAL A 175 -14.18 -3.08 19.12
N ALA A 176 -13.83 -2.61 17.93
CA ALA A 176 -13.08 -1.37 17.79
C ALA A 176 -13.86 -0.17 18.31
N ALA A 177 -15.16 -0.16 18.05
CA ALA A 177 -16.03 0.94 18.50
C ALA A 177 -16.15 0.92 20.01
N LEU A 178 -16.23 -0.28 20.58
CA LEU A 178 -16.34 -0.42 22.03
C LEU A 178 -15.06 0.04 22.71
N ARG A 179 -13.93 -0.17 22.05
CA ARG A 179 -12.65 0.23 22.59
C ARG A 179 -12.55 1.74 22.57
N TRP A 180 -13.15 2.36 21.55
CA TRP A 180 -13.15 3.82 21.43
C TRP A 180 -14.01 4.39 22.56
N VAL A 181 -15.12 3.71 22.84
CA VAL A 181 -16.02 4.14 23.90
C VAL A 181 -15.29 4.16 25.24
N GLN A 182 -14.45 3.16 25.49
CA GLN A 182 -13.71 3.10 26.74
C GLN A 182 -12.75 4.26 26.90
N ASP A 183 -12.09 4.65 25.82
CA ASP A 183 -11.11 5.73 25.90
C ASP A 183 -11.67 7.14 25.80
N ASN A 184 -12.87 7.29 25.26
CA ASN A 184 -13.45 8.61 25.08
C ASN A 184 -14.79 8.91 25.72
N ILE A 185 -15.62 7.89 25.97
CA ILE A 185 -16.94 8.15 26.50
C ILE A 185 -16.95 9.09 27.71
N ALA A 186 -15.88 9.07 28.50
CA ALA A 186 -15.80 9.93 29.68
C ALA A 186 -16.05 11.39 29.30
N SER A 187 -15.53 11.81 28.15
CA SER A 187 -15.69 13.18 27.70
C SER A 187 -17.16 13.56 27.47
N PHE A 188 -17.98 12.58 27.16
CA PHE A 188 -19.40 12.83 26.90
C PHE A 188 -20.32 12.61 28.09
N GLY A 189 -19.73 12.51 29.29
CA GLY A 189 -20.50 12.32 30.49
C GLY A 189 -20.82 10.87 30.79
N GLY A 190 -20.15 9.95 30.11
CA GLY A 190 -20.42 8.55 30.31
C GLY A 190 -19.44 7.85 31.22
N ASN A 191 -19.90 6.79 31.88
CA ASN A 191 -19.05 6.04 32.79
C ASN A 191 -18.42 4.86 32.02
N PRO A 192 -17.14 4.99 31.65
CA PRO A 192 -16.49 3.90 30.92
C PRO A 192 -16.53 2.58 31.69
N GLY A 193 -16.74 2.68 33.00
CA GLY A 193 -16.79 1.48 33.82
C GLY A 193 -18.14 0.79 33.78
N SER A 194 -19.07 1.31 32.98
CA SER A 194 -20.39 0.71 32.89
C SER A 194 -21.01 0.83 31.49
N VAL A 195 -20.47 0.06 30.55
CA VAL A 195 -20.97 0.06 29.18
C VAL A 195 -21.86 -1.16 28.93
N THR A 196 -23.08 -0.91 28.47
CA THR A 196 -23.99 -2.01 28.16
C THR A 196 -24.12 -2.09 26.64
N ILE A 197 -23.92 -3.29 26.08
CA ILE A 197 -24.08 -3.45 24.65
C ILE A 197 -25.41 -4.13 24.41
N PHE A 198 -26.13 -3.69 23.39
CA PHE A 198 -27.39 -4.30 23.06
C PHE A 198 -27.68 -4.08 21.60
N GLY A 199 -28.48 -4.95 21.02
CA GLY A 199 -28.81 -4.84 19.62
C GLY A 199 -29.88 -5.88 19.32
N GLU A 200 -30.54 -5.74 18.18
CA GLU A 200 -31.57 -6.71 17.86
C GLU A 200 -31.32 -7.39 16.51
N SER A 201 -31.77 -8.63 16.41
CA SER A 201 -31.59 -9.42 15.21
C SER A 201 -30.09 -9.65 15.00
N ALA A 202 -29.55 -9.19 13.87
CA ALA A 202 -28.12 -9.35 13.59
C ALA A 202 -27.35 -8.64 14.71
N GLY A 203 -27.97 -7.60 15.26
CA GLY A 203 -27.36 -6.84 16.33
C GLY A 203 -27.31 -7.67 17.60
N GLY A 204 -28.34 -8.49 17.80
CA GLY A 204 -28.41 -9.34 18.97
C GLY A 204 -27.42 -10.48 18.82
N GLU A 205 -27.31 -10.97 17.59
CA GLU A 205 -26.38 -12.05 17.29
C GLU A 205 -24.99 -11.48 17.52
N SER A 206 -24.79 -10.23 17.09
CA SER A 206 -23.52 -9.56 17.28
C SER A 206 -23.20 -9.48 18.78
N VAL A 207 -24.16 -8.99 19.56
CA VAL A 207 -23.98 -8.89 21.00
C VAL A 207 -23.67 -10.28 21.55
N SER A 208 -24.45 -11.26 21.12
CA SER A 208 -24.27 -12.64 21.55
C SER A 208 -22.86 -13.14 21.25
N VAL A 209 -22.36 -12.80 20.06
CA VAL A 209 -21.04 -13.20 19.64
C VAL A 209 -19.98 -12.48 20.46
N LEU A 210 -20.18 -11.18 20.69
CA LEU A 210 -19.23 -10.41 21.49
C LEU A 210 -19.10 -10.95 22.91
N VAL A 211 -20.19 -11.51 23.42
CA VAL A 211 -20.21 -12.09 24.76
C VAL A 211 -19.31 -13.33 24.85
N LEU A 212 -19.19 -14.05 23.73
CA LEU A 212 -18.38 -15.26 23.68
C LEU A 212 -16.97 -15.06 23.17
N SER A 213 -16.63 -13.82 22.79
CA SER A 213 -15.32 -13.53 22.25
C SER A 213 -14.27 -12.99 23.21
N PRO A 214 -13.09 -13.62 23.24
CA PRO A 214 -11.99 -13.19 24.12
C PRO A 214 -11.49 -11.78 23.76
N LEU A 215 -11.85 -11.30 22.56
CA LEU A 215 -11.44 -9.97 22.11
C LEU A 215 -12.23 -8.84 22.76
N ALA A 216 -13.44 -9.12 23.23
CA ALA A 216 -14.26 -8.08 23.84
C ALA A 216 -14.19 -8.14 25.36
N LYS A 217 -13.53 -9.17 25.87
CA LYS A 217 -13.40 -9.39 27.31
C LYS A 217 -13.81 -8.23 28.22
N ASN A 218 -12.99 -7.19 28.29
CA ASN A 218 -13.30 -6.08 29.18
C ASN A 218 -13.76 -4.78 28.55
N LEU A 219 -14.64 -4.88 27.55
CA LEU A 219 -15.12 -3.69 26.89
C LEU A 219 -16.58 -3.38 27.17
N PHE A 220 -17.26 -4.27 27.90
CA PHE A 220 -18.65 -4.05 28.26
C PHE A 220 -18.92 -4.77 29.58
N HIS A 221 -20.00 -4.39 30.26
CA HIS A 221 -20.32 -4.97 31.55
C HIS A 221 -21.72 -5.58 31.67
N ARG A 222 -22.56 -5.33 30.67
CA ARG A 222 -23.90 -5.90 30.62
C ARG A 222 -24.11 -6.17 29.14
N ALA A 223 -25.04 -7.05 28.83
CA ALA A 223 -25.30 -7.36 27.43
C ALA A 223 -26.79 -7.65 27.26
N ILE A 224 -27.34 -7.22 26.14
CA ILE A 224 -28.76 -7.45 25.84
C ILE A 224 -28.90 -7.87 24.38
N SER A 225 -29.50 -9.03 24.15
CA SER A 225 -29.73 -9.52 22.80
C SER A 225 -31.24 -9.57 22.59
N GLU A 226 -31.73 -8.74 21.67
CA GLU A 226 -33.14 -8.67 21.35
C GLU A 226 -33.43 -9.40 20.03
N SER A 227 -34.06 -10.57 20.11
CA SER A 227 -34.41 -11.34 18.92
C SER A 227 -33.20 -11.74 18.07
N GLY A 228 -32.29 -12.52 18.64
CA GLY A 228 -31.12 -12.94 17.90
C GLY A 228 -29.95 -13.28 18.80
N VAL A 229 -29.33 -14.43 18.53
CA VAL A 229 -28.18 -14.88 19.31
C VAL A 229 -27.24 -15.70 18.44
N ALA A 230 -26.12 -16.11 19.04
CA ALA A 230 -25.11 -16.89 18.33
C ALA A 230 -25.61 -18.22 17.79
N LEU A 231 -26.76 -18.68 18.27
CA LEU A 231 -27.28 -19.96 17.78
C LEU A 231 -28.29 -19.78 16.65
N THR A 232 -28.56 -18.51 16.30
CA THR A 232 -29.45 -18.20 15.19
C THR A 232 -28.59 -18.51 13.97
N SER A 233 -28.40 -19.81 13.74
CA SER A 233 -27.56 -20.36 12.69
C SER A 233 -27.50 -19.68 11.32
N VAL A 234 -28.59 -19.05 10.90
CA VAL A 234 -28.60 -18.38 9.60
C VAL A 234 -27.43 -17.40 9.44
N LEU A 235 -26.98 -16.83 10.56
CA LEU A 235 -25.89 -15.87 10.54
C LEU A 235 -24.51 -16.44 10.85
N VAL A 236 -24.45 -17.69 11.28
CA VAL A 236 -23.16 -18.30 11.60
C VAL A 236 -22.82 -19.43 10.63
N LYS A 237 -21.72 -19.27 9.91
CA LYS A 237 -21.29 -20.26 8.94
C LYS A 237 -20.34 -21.29 9.53
N LYS A 238 -20.75 -22.54 9.50
CA LYS A 238 -19.93 -23.63 10.00
C LYS A 238 -19.48 -24.40 8.75
N GLY A 239 -18.32 -25.03 8.79
CA GLY A 239 -17.85 -25.76 7.63
C GLY A 239 -16.96 -24.95 6.71
N ASP A 240 -16.74 -25.45 5.50
CA ASP A 240 -15.90 -24.79 4.50
C ASP A 240 -16.60 -23.58 3.89
N VAL A 241 -16.03 -22.39 4.08
CA VAL A 241 -16.62 -21.17 3.52
C VAL A 241 -15.92 -20.77 2.21
N LYS A 242 -14.89 -21.53 1.85
CA LYS A 242 -14.09 -21.27 0.66
C LYS A 242 -14.91 -21.29 -0.64
N PRO A 243 -15.85 -22.23 -0.78
CA PRO A 243 -16.67 -22.27 -2.00
C PRO A 243 -17.49 -21.01 -2.21
N LEU A 244 -18.05 -20.47 -1.12
CA LEU A 244 -18.85 -19.25 -1.20
C LEU A 244 -17.92 -18.09 -1.54
N ALA A 245 -16.69 -18.16 -1.05
CA ALA A 245 -15.70 -17.13 -1.31
C ALA A 245 -15.43 -17.10 -2.81
N GLU A 246 -15.36 -18.29 -3.40
CA GLU A 246 -15.10 -18.41 -4.82
C GLU A 246 -16.30 -17.94 -5.64
N GLN A 247 -17.50 -18.30 -5.20
CA GLN A 247 -18.70 -17.90 -5.92
C GLN A 247 -18.79 -16.38 -5.97
N ILE A 248 -18.26 -15.72 -4.95
CA ILE A 248 -18.28 -14.26 -4.90
C ILE A 248 -17.21 -13.69 -5.82
N ALA A 249 -16.03 -14.30 -5.79
CA ALA A 249 -14.91 -13.86 -6.63
C ALA A 249 -15.27 -13.92 -8.11
N ILE A 250 -15.91 -15.02 -8.51
CA ILE A 250 -16.31 -15.19 -9.90
C ILE A 250 -17.40 -14.19 -10.31
N THR A 251 -18.39 -13.99 -9.44
CA THR A 251 -19.47 -13.04 -9.73
C THR A 251 -18.91 -11.63 -9.90
N ALA A 252 -17.80 -11.36 -9.22
CA ALA A 252 -17.16 -10.06 -9.29
C ALA A 252 -16.21 -9.95 -10.47
N GLY A 253 -15.89 -11.09 -11.09
CA GLY A 253 -14.99 -11.09 -12.23
C GLY A 253 -13.54 -11.24 -11.85
N CYS A 254 -13.28 -12.16 -10.94
CA CYS A 254 -11.91 -12.41 -10.46
C CYS A 254 -11.48 -13.85 -10.70
N LYS A 255 -10.18 -14.07 -10.63
CA LYS A 255 -9.66 -15.42 -10.79
C LYS A 255 -9.86 -16.08 -9.41
N THR A 256 -9.64 -17.38 -9.34
CA THR A 256 -9.77 -18.11 -8.09
C THR A 256 -8.60 -19.07 -7.93
N THR A 257 -7.48 -18.71 -8.55
CA THR A 257 -6.25 -19.51 -8.51
C THR A 257 -5.89 -19.87 -7.08
N THR A 258 -5.95 -18.88 -6.18
CA THR A 258 -5.65 -19.05 -4.76
C THR A 258 -6.38 -17.97 -3.96
N SER A 259 -6.43 -18.14 -2.64
CA SER A 259 -7.11 -17.16 -1.80
C SER A 259 -6.44 -15.78 -1.89
N ALA A 260 -5.12 -15.76 -1.81
CA ALA A 260 -4.39 -14.50 -1.88
C ALA A 260 -4.72 -13.74 -3.15
N VAL A 261 -4.90 -14.46 -4.25
CA VAL A 261 -5.21 -13.82 -5.53
C VAL A 261 -6.65 -13.35 -5.51
N MET A 262 -7.56 -14.18 -4.99
CA MET A 262 -8.96 -13.79 -4.91
C MET A 262 -9.08 -12.47 -4.13
N VAL A 263 -8.42 -12.40 -2.98
CA VAL A 263 -8.45 -11.23 -2.12
C VAL A 263 -7.82 -10.01 -2.78
N HIS A 264 -6.69 -10.22 -3.45
CA HIS A 264 -6.00 -9.13 -4.14
C HIS A 264 -6.94 -8.48 -5.16
N CYS A 265 -7.62 -9.32 -5.95
CA CYS A 265 -8.53 -8.86 -6.97
C CYS A 265 -9.72 -8.08 -6.40
N LEU A 266 -10.43 -8.70 -5.46
CA LEU A 266 -11.57 -8.04 -4.85
C LEU A 266 -11.19 -6.70 -4.23
N ARG A 267 -9.96 -6.61 -3.71
CA ARG A 267 -9.46 -5.37 -3.11
C ARG A 267 -9.29 -4.27 -4.17
N GLN A 268 -9.12 -4.68 -5.42
CA GLN A 268 -8.94 -3.71 -6.48
C GLN A 268 -10.23 -3.39 -7.23
N LYS A 269 -11.33 -4.01 -6.80
CA LYS A 269 -12.63 -3.74 -7.41
C LYS A 269 -13.08 -2.44 -6.77
N THR A 270 -14.00 -1.75 -7.41
CA THR A 270 -14.50 -0.49 -6.86
C THR A 270 -15.75 -0.73 -6.02
N GLU A 271 -16.15 0.30 -5.29
CA GLU A 271 -17.34 0.24 -4.44
C GLU A 271 -18.55 -0.17 -5.27
N GLU A 272 -18.75 0.52 -6.40
CA GLU A 272 -19.87 0.24 -7.28
C GLU A 272 -19.79 -1.17 -7.86
N GLU A 273 -18.57 -1.64 -8.14
CA GLU A 273 -18.42 -2.99 -8.68
C GLU A 273 -18.85 -4.00 -7.63
N LEU A 274 -18.38 -3.83 -6.40
CA LEU A 274 -18.74 -4.75 -5.32
C LEU A 274 -20.21 -4.56 -4.95
N LEU A 275 -20.77 -3.39 -5.24
CA LEU A 275 -22.18 -3.17 -4.95
C LEU A 275 -23.02 -3.96 -5.95
N GLU A 276 -22.61 -3.92 -7.23
CA GLU A 276 -23.31 -4.67 -8.26
C GLU A 276 -23.15 -6.16 -8.01
N THR A 277 -21.97 -6.57 -7.55
CA THR A 277 -21.74 -7.98 -7.25
C THR A 277 -22.74 -8.42 -6.17
N THR A 278 -22.86 -7.59 -5.13
CA THR A 278 -23.76 -7.86 -4.01
C THR A 278 -25.19 -8.08 -4.48
N LEU A 279 -25.63 -7.26 -5.43
CA LEU A 279 -26.98 -7.41 -5.97
C LEU A 279 -27.12 -8.69 -6.79
N LYS A 280 -26.15 -8.99 -7.65
CA LYS A 280 -26.22 -10.22 -8.44
C LYS A 280 -26.34 -11.44 -7.54
N MET A 281 -25.62 -11.43 -6.42
CA MET A 281 -25.62 -12.54 -5.46
C MET A 281 -27.00 -12.79 -4.82
N LYS A 282 -27.94 -11.90 -5.09
CA LYS A 282 -29.30 -12.00 -4.56
C LYS A 282 -29.42 -12.51 -3.12
N PHE A 283 -28.79 -11.80 -2.19
CA PHE A 283 -28.84 -12.13 -0.77
C PHE A 283 -30.18 -11.60 -0.23
N LEU A 284 -30.55 -12.02 0.97
CA LEU A 284 -31.80 -11.57 1.58
C LEU A 284 -32.99 -11.89 0.68
N SER A 285 -32.88 -12.97 -0.07
CA SER A 285 -33.94 -13.38 -0.99
C SER A 285 -33.99 -14.89 -1.04
N LEU A 286 -35.19 -15.44 -0.87
CA LEU A 286 -35.38 -16.89 -0.87
C LEU A 286 -35.53 -17.44 -2.30
N ASP A 287 -34.63 -18.33 -2.69
CA ASP A 287 -34.67 -18.93 -4.03
C ASP A 287 -35.71 -20.06 -4.04
N LEU A 288 -36.61 -20.03 -5.02
CA LEU A 288 -37.68 -21.03 -5.12
C LEU A 288 -37.44 -22.18 -6.11
N GLN A 289 -36.56 -21.97 -7.09
CA GLN A 289 -36.31 -23.00 -8.10
C GLN A 289 -35.16 -23.96 -7.79
N GLY A 290 -33.96 -23.42 -7.66
CA GLY A 290 -32.78 -24.23 -7.41
C GLY A 290 -32.79 -25.18 -6.23
N ASP A 291 -31.59 -25.65 -5.88
CA ASP A 291 -31.40 -26.56 -4.76
C ASP A 291 -31.20 -25.74 -3.49
N PRO A 292 -32.09 -25.90 -2.50
CA PRO A 292 -32.06 -25.20 -1.21
C PRO A 292 -30.74 -25.25 -0.43
N ARG A 293 -30.17 -26.44 -0.27
CA ARG A 293 -28.90 -26.59 0.45
C ARG A 293 -27.82 -25.68 -0.11
N GLU A 294 -27.98 -25.29 -1.36
CA GLU A 294 -27.01 -24.42 -2.04
C GLU A 294 -27.59 -23.01 -2.13
N SER A 295 -28.90 -22.92 -1.90
CA SER A 295 -29.60 -21.65 -1.95
C SER A 295 -28.89 -20.61 -1.10
N GLN A 296 -28.04 -19.88 -1.77
CA GLN A 296 -27.29 -18.83 -1.16
C GLN A 296 -26.54 -18.96 0.17
N PRO A 297 -25.36 -19.61 0.17
CA PRO A 297 -24.76 -19.56 1.52
C PRO A 297 -24.87 -18.02 1.69
N LEU A 298 -25.19 -17.58 2.88
CA LEU A 298 -25.38 -16.17 3.09
C LEU A 298 -24.13 -15.73 3.79
N LEU A 299 -23.79 -14.48 3.57
CA LEU A 299 -22.60 -13.91 4.18
C LEU A 299 -22.88 -13.72 5.65
N GLY A 300 -21.88 -13.99 6.48
CA GLY A 300 -22.05 -13.82 7.91
C GLY A 300 -20.83 -14.12 8.75
N THR A 301 -21.07 -14.42 10.03
CA THR A 301 -20.03 -14.74 11.00
C THR A 301 -19.39 -16.10 10.73
N VAL A 302 -18.07 -16.19 10.92
CA VAL A 302 -17.38 -17.45 10.73
C VAL A 302 -16.51 -17.70 11.95
N ILE A 303 -15.91 -18.90 12.00
CA ILE A 303 -15.01 -19.27 13.09
C ILE A 303 -13.64 -18.95 12.47
N ASP A 304 -13.16 -17.75 12.76
CA ASP A 304 -11.91 -17.26 12.20
C ASP A 304 -10.63 -17.54 12.98
N GLY A 305 -10.74 -17.89 14.26
CA GLY A 305 -9.55 -18.15 15.03
C GLY A 305 -9.05 -16.89 15.72
N MET A 306 -9.73 -15.77 15.45
CA MET A 306 -9.37 -14.49 16.07
C MET A 306 -10.51 -14.04 16.98
N LEU A 307 -11.65 -13.68 16.38
CA LEU A 307 -12.81 -13.27 17.14
C LEU A 307 -13.38 -14.49 17.86
N LEU A 308 -13.51 -15.59 17.11
CA LEU A 308 -14.04 -16.85 17.66
C LEU A 308 -13.06 -17.98 17.39
N LEU A 309 -12.70 -18.71 18.44
CA LEU A 309 -11.76 -19.81 18.33
C LEU A 309 -12.47 -21.13 18.05
N LYS A 310 -13.77 -21.18 18.35
CA LYS A 310 -14.58 -22.36 18.07
C LYS A 310 -16.03 -21.95 17.85
N THR A 311 -16.88 -22.93 17.57
CA THR A 311 -18.29 -22.63 17.32
C THR A 311 -18.95 -22.12 18.58
N PRO A 312 -19.97 -21.26 18.43
CA PRO A 312 -20.66 -20.72 19.59
C PRO A 312 -21.11 -21.87 20.49
N GLU A 313 -21.55 -22.97 19.87
CA GLU A 313 -22.00 -24.14 20.60
C GLU A 313 -20.91 -24.67 21.55
N GLU A 314 -19.71 -24.87 21.03
CA GLU A 314 -18.59 -25.36 21.84
C GLU A 314 -18.16 -24.32 22.88
N LEU A 315 -18.39 -23.04 22.58
CA LEU A 315 -18.00 -21.95 23.47
C LEU A 315 -18.88 -21.80 24.71
N GLN A 316 -20.18 -22.07 24.56
CA GLN A 316 -21.11 -21.95 25.67
C GLN A 316 -20.90 -23.06 26.69
N ALA A 317 -20.62 -24.25 26.18
CA ALA A 317 -20.37 -25.41 27.03
C ALA A 317 -19.00 -25.31 27.67
N GLU A 318 -18.34 -24.17 27.46
CA GLU A 318 -17.00 -23.98 27.98
C GLU A 318 -16.97 -23.25 29.32
N ARG A 319 -18.06 -22.55 29.64
CA ARG A 319 -18.13 -21.81 30.90
C ARG A 319 -16.92 -20.89 31.02
N ASN A 320 -16.09 -20.87 29.98
CA ASN A 320 -14.87 -20.07 29.93
C ASN A 320 -15.07 -18.56 29.74
N PHE A 321 -15.90 -18.19 28.78
CA PHE A 321 -16.17 -16.78 28.49
C PHE A 321 -16.46 -15.99 29.76
N HIS A 322 -15.88 -14.80 29.86
CA HIS A 322 -16.08 -13.94 31.03
C HIS A 322 -17.58 -13.72 31.22
N THR A 323 -18.05 -13.80 32.45
CA THR A 323 -19.47 -13.64 32.71
C THR A 323 -19.89 -12.21 32.97
N VAL A 324 -21.05 -11.85 32.41
CA VAL A 324 -21.64 -10.53 32.59
C VAL A 324 -23.15 -10.71 32.55
N PRO A 325 -23.89 -9.85 33.26
CA PRO A 325 -25.34 -9.99 33.24
C PRO A 325 -25.76 -9.98 31.78
N TYR A 326 -26.66 -10.87 31.41
CA TYR A 326 -27.11 -10.98 30.03
C TYR A 326 -28.63 -11.09 29.95
N MET A 327 -29.23 -10.22 29.16
CA MET A 327 -30.68 -10.23 28.97
C MET A 327 -30.96 -10.69 27.56
N VAL A 328 -31.70 -11.79 27.42
CA VAL A 328 -32.04 -12.35 26.12
C VAL A 328 -33.56 -12.40 25.96
N GLY A 329 -34.06 -11.92 24.83
CA GLY A 329 -35.49 -11.92 24.62
C GLY A 329 -35.95 -12.07 23.19
N ILE A 330 -37.23 -12.41 23.04
CA ILE A 330 -37.83 -12.57 21.72
C ILE A 330 -39.21 -11.92 21.70
N ASN A 331 -39.72 -11.69 20.49
CA ASN A 331 -41.03 -11.12 20.32
C ASN A 331 -41.98 -12.30 20.12
N LYS A 332 -43.27 -12.07 20.34
CA LYS A 332 -44.28 -13.12 20.21
C LYS A 332 -44.27 -13.79 18.84
N GLN A 333 -44.37 -13.00 17.78
CA GLN A 333 -44.38 -13.52 16.42
C GLN A 333 -43.19 -13.04 15.59
N GLU A 334 -42.00 -13.49 15.95
CA GLU A 334 -40.77 -13.10 15.26
C GLU A 334 -40.90 -13.16 13.75
N PHE A 335 -41.54 -14.21 13.23
CA PHE A 335 -41.69 -14.34 11.78
C PHE A 335 -43.12 -14.01 11.39
N GLY A 336 -43.75 -13.14 12.17
CA GLY A 336 -45.13 -12.76 11.92
C GLY A 336 -45.42 -12.05 10.62
N TRP A 337 -44.61 -11.06 10.22
CA TRP A 337 -44.86 -10.32 9.00
C TRP A 337 -43.60 -9.75 8.31
N LEU A 338 -42.95 -8.81 9.01
CA LEU A 338 -41.78 -8.13 8.50
C LEU A 338 -40.76 -8.93 7.74
N ILE A 339 -40.27 -10.02 8.33
CA ILE A 339 -39.26 -10.81 7.67
C ILE A 339 -39.80 -11.48 6.40
N PRO A 340 -40.94 -12.20 6.50
CA PRO A 340 -41.48 -12.84 5.30
C PRO A 340 -41.72 -11.82 4.18
N MET A 341 -42.31 -10.69 4.56
CA MET A 341 -42.58 -9.62 3.59
C MET A 341 -41.29 -9.17 2.92
N LEU A 342 -40.26 -8.95 3.71
CA LEU A 342 -38.98 -8.52 3.19
C LEU A 342 -38.36 -9.55 2.25
N MET A 343 -38.43 -10.82 2.63
CA MET A 343 -37.88 -11.89 1.81
C MET A 343 -38.83 -12.33 0.70
N SER A 344 -39.90 -11.58 0.51
CA SER A 344 -40.88 -11.90 -0.52
C SER A 344 -41.29 -13.36 -0.43
N TYR A 345 -41.79 -13.77 0.73
CA TYR A 345 -42.19 -15.16 0.93
C TYR A 345 -43.41 -15.55 0.11
N PRO A 346 -43.41 -16.79 -0.42
CA PRO A 346 -44.49 -17.35 -1.25
C PRO A 346 -45.79 -17.54 -0.48
N LEU A 347 -46.08 -16.61 0.42
CA LEU A 347 -47.29 -16.69 1.23
C LEU A 347 -48.30 -15.65 0.75
N SER A 348 -48.50 -15.57 -0.56
CA SER A 348 -49.43 -14.60 -1.12
C SER A 348 -50.91 -14.96 -0.94
N GLU A 349 -51.17 -16.25 -0.74
CA GLU A 349 -52.54 -16.74 -0.57
C GLU A 349 -53.10 -16.63 0.85
N GLY A 350 -52.23 -16.62 1.85
CA GLY A 350 -52.69 -16.54 3.22
C GLY A 350 -53.33 -17.87 3.60
N GLN A 351 -52.89 -18.92 2.91
CA GLN A 351 -53.39 -20.28 3.13
C GLN A 351 -52.30 -21.28 2.78
N LEU A 352 -52.08 -22.25 3.66
CA LEU A 352 -51.03 -23.24 3.43
C LEU A 352 -51.46 -24.65 3.84
N ASP A 353 -50.99 -25.66 3.11
CA ASP A 353 -51.32 -27.04 3.40
C ASP A 353 -50.07 -27.91 3.56
N GLN A 354 -50.16 -28.89 4.45
CA GLN A 354 -49.06 -29.81 4.76
C GLN A 354 -48.02 -29.96 3.65
N LYS A 355 -48.48 -30.35 2.46
CA LYS A 355 -47.58 -30.55 1.34
C LYS A 355 -46.77 -29.31 0.98
N THR A 356 -47.45 -28.21 0.71
CA THR A 356 -46.79 -26.97 0.34
C THR A 356 -45.87 -26.43 1.45
N ALA A 357 -46.20 -26.73 2.70
CA ALA A 357 -45.39 -26.28 3.82
C ALA A 357 -44.04 -26.99 3.85
N MET A 358 -44.04 -28.29 3.55
CA MET A 358 -42.80 -29.06 3.54
C MET A 358 -41.89 -28.59 2.41
N SER A 359 -42.48 -28.00 1.38
CA SER A 359 -41.73 -27.50 0.24
C SER A 359 -41.04 -26.21 0.67
N LEU A 360 -41.83 -25.28 1.21
CA LEU A 360 -41.29 -24.02 1.68
C LEU A 360 -40.24 -24.28 2.76
N LEU A 361 -40.58 -25.13 3.71
CA LEU A 361 -39.65 -25.46 4.79
C LEU A 361 -38.34 -25.98 4.23
N TRP A 362 -38.41 -26.57 3.04
CA TRP A 362 -37.21 -27.11 2.39
C TRP A 362 -36.50 -25.98 1.65
N LYS A 363 -37.25 -25.17 0.92
CA LYS A 363 -36.68 -24.06 0.17
C LYS A 363 -36.12 -22.98 1.08
N SER A 364 -36.56 -22.99 2.34
CA SER A 364 -36.08 -21.99 3.29
C SER A 364 -34.96 -22.58 4.13
N TYR A 365 -34.24 -23.52 3.55
CA TYR A 365 -33.14 -24.19 4.23
C TYR A 365 -32.10 -23.24 4.81
N PRO A 366 -31.78 -22.15 4.09
CA PRO A 366 -30.78 -21.22 4.63
C PRO A 366 -31.21 -20.47 5.90
N LEU A 367 -32.52 -20.32 6.09
CA LEU A 367 -33.05 -19.62 7.25
C LEU A 367 -33.14 -20.52 8.48
N VAL A 368 -33.66 -21.73 8.31
CA VAL A 368 -33.83 -22.66 9.42
C VAL A 368 -32.84 -23.81 9.47
N CYS A 369 -32.27 -24.16 8.32
CA CYS A 369 -31.30 -25.25 8.24
C CYS A 369 -31.83 -26.58 8.77
N ILE A 370 -32.96 -27.03 8.22
CA ILE A 370 -33.56 -28.29 8.64
C ILE A 370 -33.43 -29.34 7.53
N ALA A 371 -32.86 -30.49 7.87
CA ALA A 371 -32.66 -31.57 6.91
C ALA A 371 -33.98 -31.96 6.25
N LYS A 372 -33.94 -32.20 4.94
CA LYS A 372 -35.13 -32.57 4.19
C LYS A 372 -35.77 -33.83 4.76
N GLU A 373 -34.97 -34.59 5.51
CA GLU A 373 -35.43 -35.84 6.12
C GLU A 373 -36.11 -35.57 7.45
N LEU A 374 -36.05 -34.32 7.91
CA LEU A 374 -36.67 -33.95 9.17
C LEU A 374 -37.97 -33.18 8.90
N ILE A 375 -37.99 -32.41 7.81
CA ILE A 375 -39.15 -31.61 7.43
C ILE A 375 -40.49 -32.24 7.87
N PRO A 376 -40.73 -33.50 7.48
CA PRO A 376 -41.99 -34.15 7.87
C PRO A 376 -42.28 -34.15 9.38
N GLU A 377 -41.37 -34.69 10.18
CA GLU A 377 -41.56 -34.72 11.63
C GLU A 377 -41.91 -33.33 12.12
N ALA A 378 -41.11 -32.35 11.73
CA ALA A 378 -41.31 -30.96 12.12
C ALA A 378 -42.66 -30.40 11.68
N THR A 379 -42.95 -30.48 10.39
CA THR A 379 -44.21 -29.95 9.85
C THR A 379 -45.43 -30.56 10.53
N GLU A 380 -45.35 -31.84 10.87
CA GLU A 380 -46.47 -32.53 11.51
C GLU A 380 -46.64 -32.05 12.94
N LYS A 381 -45.53 -31.75 13.59
CA LYS A 381 -45.56 -31.30 14.97
C LYS A 381 -46.26 -29.95 15.09
N TYR A 382 -46.15 -29.13 14.05
CA TYR A 382 -46.76 -27.80 14.05
C TYR A 382 -48.06 -27.66 13.26
N LEU A 383 -48.10 -28.22 12.04
CA LEU A 383 -49.28 -28.09 11.20
C LEU A 383 -50.33 -29.19 11.31
N GLY A 384 -49.95 -30.36 11.82
CA GLY A 384 -50.89 -31.45 11.94
C GLY A 384 -52.13 -31.07 12.74
N GLY A 385 -51.92 -30.59 13.96
CA GLY A 385 -53.01 -30.19 14.84
C GLY A 385 -54.37 -29.83 14.27
N THR A 386 -54.40 -28.91 13.30
CA THR A 386 -55.67 -28.50 12.72
C THR A 386 -55.79 -28.84 11.25
N ASP A 387 -56.95 -28.51 10.68
CA ASP A 387 -57.23 -28.78 9.27
C ASP A 387 -57.50 -27.49 8.52
N ASP A 388 -57.67 -26.39 9.24
CA ASP A 388 -57.91 -25.11 8.60
C ASP A 388 -56.57 -24.65 8.04
N THR A 389 -56.45 -24.68 6.72
CA THR A 389 -55.21 -24.28 6.05
C THR A 389 -54.64 -22.96 6.54
N VAL A 390 -55.51 -21.98 6.79
CA VAL A 390 -55.05 -20.68 7.25
C VAL A 390 -54.37 -20.85 8.61
N LYS A 391 -54.91 -21.71 9.46
CA LYS A 391 -54.30 -21.96 10.77
C LYS A 391 -52.95 -22.62 10.60
N LYS A 392 -52.81 -23.44 9.55
CA LYS A 392 -51.54 -24.11 9.28
C LYS A 392 -50.55 -23.01 8.89
N LYS A 393 -50.97 -22.16 7.97
CA LYS A 393 -50.14 -21.06 7.50
C LYS A 393 -49.63 -20.20 8.66
N ASP A 394 -50.39 -20.13 9.75
CA ASP A 394 -49.94 -19.34 10.89
C ASP A 394 -49.00 -20.16 11.75
N LEU A 395 -49.35 -21.43 11.97
CA LEU A 395 -48.51 -22.32 12.77
C LEU A 395 -47.15 -22.49 12.10
N PHE A 396 -47.14 -22.30 10.79
CA PHE A 396 -45.93 -22.41 9.98
C PHE A 396 -45.00 -21.23 10.28
N LEU A 397 -45.59 -20.04 10.43
CA LEU A 397 -44.84 -18.84 10.75
C LEU A 397 -44.25 -18.97 12.15
N ASP A 398 -44.95 -19.70 13.03
CA ASP A 398 -44.46 -19.91 14.38
C ASP A 398 -43.37 -20.95 14.35
N LEU A 399 -43.43 -21.84 13.37
CA LEU A 399 -42.45 -22.90 13.20
C LEU A 399 -41.11 -22.23 12.91
N ILE A 400 -41.08 -21.42 11.85
CA ILE A 400 -39.87 -20.71 11.46
C ILE A 400 -39.31 -19.92 12.64
N ALA A 401 -40.16 -19.06 13.22
CA ALA A 401 -39.78 -18.22 14.35
C ALA A 401 -39.13 -19.00 15.48
N ASP A 402 -39.71 -20.15 15.83
CA ASP A 402 -39.16 -20.95 16.92
C ASP A 402 -37.78 -21.51 16.59
N VAL A 403 -37.55 -21.83 15.31
CA VAL A 403 -36.27 -22.39 14.87
C VAL A 403 -35.19 -21.31 14.79
N MET A 404 -35.55 -20.17 14.23
CA MET A 404 -34.62 -19.05 14.09
C MET A 404 -34.29 -18.30 15.37
N PHE A 405 -35.31 -17.91 16.13
CA PHE A 405 -35.10 -17.13 17.36
C PHE A 405 -35.50 -17.82 18.67
N GLY A 406 -36.79 -18.14 18.77
CA GLY A 406 -37.30 -18.77 19.98
C GLY A 406 -36.40 -19.75 20.71
N VAL A 407 -36.16 -20.89 20.09
CA VAL A 407 -35.34 -21.92 20.71
C VAL A 407 -33.89 -21.51 20.96
N PRO A 408 -33.19 -20.98 19.95
CA PRO A 408 -31.80 -20.58 20.16
C PRO A 408 -31.63 -19.67 21.36
N SER A 409 -32.54 -18.71 21.51
CA SER A 409 -32.47 -17.77 22.62
C SER A 409 -32.52 -18.45 23.99
N VAL A 410 -33.49 -19.34 24.17
CA VAL A 410 -33.62 -20.04 25.45
C VAL A 410 -32.39 -20.89 25.76
N ILE A 411 -31.84 -21.54 24.74
CA ILE A 411 -30.64 -22.37 24.94
C ILE A 411 -29.49 -21.47 25.38
N VAL A 412 -29.30 -20.36 24.67
CA VAL A 412 -28.24 -19.43 25.00
C VAL A 412 -28.43 -18.94 26.42
N ALA A 413 -29.67 -18.64 26.79
CA ALA A 413 -29.98 -18.17 28.14
C ALA A 413 -29.63 -19.26 29.15
N ARG A 414 -30.14 -20.47 28.95
CA ARG A 414 -29.87 -21.58 29.87
C ARG A 414 -28.38 -21.79 30.05
N ASN A 415 -27.64 -21.82 28.94
CA ASN A 415 -26.19 -22.00 29.00
C ASN A 415 -25.52 -20.89 29.80
N HIS A 416 -25.91 -19.65 29.53
CA HIS A 416 -25.33 -18.50 30.25
C HIS A 416 -25.68 -18.62 31.73
N ARG A 417 -26.90 -19.07 32.00
CA ARG A 417 -27.34 -19.24 33.38
C ARG A 417 -26.48 -20.31 34.02
N ASP A 418 -26.37 -21.46 33.34
CA ASP A 418 -25.60 -22.59 33.84
C ASP A 418 -24.12 -22.22 34.04
N ALA A 419 -23.67 -21.14 33.40
CA ALA A 419 -22.29 -20.73 33.54
C ALA A 419 -22.14 -19.82 34.74
N GLY A 420 -23.17 -19.81 35.59
CA GLY A 420 -23.17 -19.00 36.80
C GLY A 420 -23.21 -17.49 36.64
N ALA A 421 -23.96 -16.99 35.67
CA ALA A 421 -24.05 -15.55 35.45
C ALA A 421 -25.50 -15.09 35.48
N PRO A 422 -25.72 -13.81 35.84
CA PRO A 422 -27.09 -13.28 35.88
C PRO A 422 -27.72 -13.33 34.49
N THR A 423 -28.92 -13.90 34.41
CA THR A 423 -29.61 -14.00 33.13
C THR A 423 -31.06 -13.55 33.29
N TYR A 424 -31.60 -12.93 32.27
CA TYR A 424 -32.98 -12.48 32.30
C TYR A 424 -33.55 -12.65 30.91
N MET A 425 -34.79 -13.09 30.84
CA MET A 425 -35.45 -13.27 29.56
C MET A 425 -36.78 -12.53 29.53
N TYR A 426 -37.29 -12.32 28.32
CA TYR A 426 -38.57 -11.66 28.17
C TYR A 426 -39.19 -12.13 26.87
N GLU A 427 -40.50 -11.91 26.74
CA GLU A 427 -41.19 -12.26 25.53
C GLU A 427 -42.07 -11.06 25.29
N PHE A 428 -41.66 -10.22 24.35
CA PHE A 428 -42.39 -9.01 24.03
C PHE A 428 -43.57 -9.35 23.13
N GLN A 429 -44.75 -8.87 23.50
CA GLN A 429 -45.95 -9.15 22.73
C GLN A 429 -46.88 -7.92 22.72
N TYR A 430 -46.70 -7.08 21.72
CA TYR A 430 -47.51 -5.87 21.57
C TYR A 430 -47.44 -5.44 20.11
N ARG A 431 -48.47 -4.74 19.65
CA ARG A 431 -48.51 -4.27 18.29
C ARG A 431 -48.41 -2.75 18.26
N PRO A 432 -47.19 -2.22 18.04
CA PRO A 432 -47.08 -0.76 18.02
C PRO A 432 -48.03 -0.13 17.00
N SER A 433 -48.41 1.10 17.24
CA SER A 433 -49.32 1.82 16.36
C SER A 433 -48.58 2.40 15.17
N PHE A 434 -47.26 2.41 15.26
CA PHE A 434 -46.42 2.95 14.18
C PHE A 434 -46.19 1.88 13.11
N SER A 435 -46.76 0.69 13.35
CA SER A 435 -46.64 -0.43 12.43
C SER A 435 -47.12 0.00 11.05
N SER A 436 -46.45 -0.50 10.01
CA SER A 436 -46.82 -0.18 8.65
C SER A 436 -48.27 -0.65 8.43
N ASP A 437 -49.01 0.05 7.58
CA ASP A 437 -50.40 -0.30 7.31
C ASP A 437 -50.60 -1.59 6.52
N MET A 438 -49.55 -2.08 5.88
CA MET A 438 -49.63 -3.30 5.09
C MET A 438 -49.48 -4.55 5.97
N LYS A 439 -49.39 -4.33 7.28
CA LYS A 439 -49.23 -5.39 8.25
C LYS A 439 -50.56 -5.88 8.80
N PRO A 440 -50.86 -7.18 8.61
CA PRO A 440 -52.12 -7.76 9.09
C PRO A 440 -52.33 -7.50 10.58
N LYS A 441 -53.47 -6.89 10.89
CA LYS A 441 -53.82 -6.53 12.26
C LYS A 441 -53.71 -7.65 13.29
N THR A 442 -53.80 -8.89 12.85
CA THR A 442 -53.72 -10.03 13.77
C THR A 442 -52.30 -10.33 14.24
N VAL A 443 -51.33 -9.60 13.70
CA VAL A 443 -49.94 -9.81 14.07
C VAL A 443 -49.48 -8.88 15.19
N ILE A 444 -49.19 -9.47 16.34
CA ILE A 444 -48.75 -8.71 17.51
C ILE A 444 -47.44 -9.30 18.01
N GLY A 445 -46.42 -8.46 18.17
CA GLY A 445 -45.13 -8.95 18.63
C GLY A 445 -44.31 -9.43 17.44
N ASP A 446 -44.44 -8.69 16.34
CA ASP A 446 -43.71 -9.00 15.13
C ASP A 446 -42.24 -8.69 15.35
N HIS A 447 -41.40 -9.09 14.40
CA HIS A 447 -39.98 -8.83 14.52
C HIS A 447 -39.77 -7.30 14.56
N GLY A 448 -38.93 -6.86 15.47
CA GLY A 448 -38.63 -5.45 15.59
C GLY A 448 -39.65 -4.61 16.35
N ASP A 449 -40.78 -5.18 16.72
CA ASP A 449 -41.80 -4.39 17.42
C ASP A 449 -41.36 -3.80 18.76
N GLU A 450 -40.41 -4.44 19.45
CA GLU A 450 -39.96 -3.90 20.73
C GLU A 450 -39.09 -2.64 20.55
N LEU A 451 -38.51 -2.48 19.37
CA LEU A 451 -37.67 -1.32 19.08
C LEU A 451 -38.37 0.01 19.38
N PHE A 452 -39.66 0.09 19.03
CA PHE A 452 -40.41 1.32 19.27
C PHE A 452 -40.59 1.65 20.75
N SER A 453 -40.51 0.64 21.60
CA SER A 453 -40.63 0.86 23.03
C SER A 453 -39.26 1.19 23.63
N VAL A 454 -38.24 0.40 23.27
CA VAL A 454 -36.89 0.60 23.75
C VAL A 454 -36.32 1.97 23.38
N PHE A 455 -36.58 2.43 22.16
CA PHE A 455 -36.07 3.74 21.75
C PHE A 455 -37.06 4.87 21.91
N GLY A 456 -38.12 4.62 22.67
CA GLY A 456 -39.12 5.64 22.92
C GLY A 456 -39.80 6.33 21.75
N ALA A 457 -40.11 5.56 20.71
CA ALA A 457 -40.79 6.11 19.53
C ALA A 457 -42.02 6.93 19.94
N PRO A 458 -42.75 6.48 20.97
CA PRO A 458 -43.93 7.21 21.43
C PRO A 458 -43.68 8.67 21.76
N PHE A 459 -42.41 9.06 21.92
CA PHE A 459 -42.08 10.44 22.25
C PHE A 459 -41.45 11.22 21.12
N LEU A 460 -41.40 10.62 19.94
CA LEU A 460 -40.83 11.28 18.77
C LEU A 460 -41.86 11.27 17.65
N LYS A 461 -42.48 10.11 17.42
CA LYS A 461 -43.52 10.00 16.40
C LYS A 461 -44.81 10.56 16.97
N GLU A 462 -45.90 10.51 16.20
CA GLU A 462 -47.17 11.05 16.67
C GLU A 462 -48.35 10.08 16.80
N GLY A 463 -49.33 10.48 17.62
CA GLY A 463 -50.51 9.68 17.83
C GLY A 463 -50.45 8.55 18.84
N ALA A 464 -49.31 8.40 19.52
CA ALA A 464 -49.18 7.33 20.51
C ALA A 464 -50.23 7.44 21.62
N SER A 465 -50.79 6.31 22.01
CA SER A 465 -51.78 6.28 23.07
C SER A 465 -51.09 6.22 24.43
N GLU A 466 -51.83 6.51 25.49
CA GLU A 466 -51.25 6.51 26.82
C GLU A 466 -50.74 5.12 27.20
N GLU A 467 -51.39 4.09 26.68
CA GLU A 467 -50.99 2.73 26.98
C GLU A 467 -49.63 2.42 26.36
N GLU A 468 -49.42 2.94 25.16
CA GLU A 468 -48.17 2.72 24.44
C GLU A 468 -47.04 3.52 25.08
N ILE A 469 -47.34 4.77 25.40
CA ILE A 469 -46.36 5.66 26.05
C ILE A 469 -45.92 4.99 27.35
N ARG A 470 -46.90 4.47 28.07
CA ARG A 470 -46.71 3.79 29.33
C ARG A 470 -45.80 2.58 29.16
N LEU A 471 -45.99 1.86 28.07
CA LEU A 471 -45.18 0.67 27.79
C LEU A 471 -43.73 1.06 27.50
N SER A 472 -43.56 2.10 26.68
CA SER A 472 -42.23 2.58 26.34
C SER A 472 -41.52 2.95 27.65
N LYS A 473 -42.16 3.78 28.45
CA LYS A 473 -41.57 4.19 29.71
C LYS A 473 -41.09 3.00 30.54
N MET A 474 -41.95 2.01 30.70
CA MET A 474 -41.57 0.84 31.49
C MET A 474 -40.39 0.13 30.89
N VAL A 475 -40.42 -0.05 29.57
CA VAL A 475 -39.34 -0.72 28.87
C VAL A 475 -38.00 0.03 28.97
N MET A 476 -38.03 1.35 28.92
CA MET A 476 -36.78 2.10 29.01
C MET A 476 -36.21 2.03 30.41
N LYS A 477 -37.08 2.10 31.42
CA LYS A 477 -36.61 2.00 32.80
C LYS A 477 -35.94 0.65 33.02
N PHE A 478 -36.66 -0.42 32.66
CA PHE A 478 -36.14 -1.78 32.78
C PHE A 478 -34.77 -1.88 32.12
N TRP A 479 -34.68 -1.40 30.88
CA TRP A 479 -33.43 -1.43 30.12
C TRP A 479 -32.32 -0.63 30.82
N ALA A 480 -32.62 0.61 31.20
CA ALA A 480 -31.65 1.46 31.86
C ALA A 480 -31.26 0.93 33.24
N ASN A 481 -32.23 0.37 33.96
CA ASN A 481 -31.95 -0.19 35.28
C ASN A 481 -30.93 -1.30 35.09
N PHE A 482 -31.14 -2.13 34.07
CA PHE A 482 -30.23 -3.22 33.78
C PHE A 482 -28.84 -2.67 33.44
N ALA A 483 -28.82 -1.62 32.61
CA ALA A 483 -27.57 -1.02 32.20
C ALA A 483 -26.77 -0.56 33.41
N ARG A 484 -27.44 -0.01 34.42
CA ARG A 484 -26.74 0.47 35.60
C ARG A 484 -26.58 -0.51 36.76
N ASN A 485 -27.37 -1.58 36.80
CA ASN A 485 -27.22 -2.53 37.90
C ASN A 485 -27.02 -3.97 37.49
N GLY A 486 -27.32 -4.30 36.24
CA GLY A 486 -27.19 -5.68 35.82
C GLY A 486 -28.42 -6.40 36.33
N ASN A 487 -29.46 -5.61 36.58
CA ASN A 487 -30.75 -6.08 37.08
C ASN A 487 -31.78 -5.08 36.62
N PRO A 488 -32.82 -5.54 35.90
CA PRO A 488 -33.85 -4.62 35.41
C PRO A 488 -34.79 -4.01 36.45
N ASN A 489 -35.01 -4.74 37.54
CA ASN A 489 -35.91 -4.29 38.60
C ASN A 489 -35.59 -2.96 39.24
N GLY A 490 -36.64 -2.29 39.72
CA GLY A 490 -36.51 -1.00 40.36
C GLY A 490 -37.89 -0.58 40.81
N GLU A 491 -37.99 0.52 41.55
CA GLU A 491 -39.29 0.97 42.02
C GLU A 491 -40.19 1.33 40.84
N GLY A 492 -41.50 1.19 41.04
CA GLY A 492 -42.46 1.51 40.00
C GLY A 492 -42.49 0.56 38.81
N LEU A 493 -42.00 -0.67 38.99
CA LEU A 493 -41.97 -1.64 37.91
C LEU A 493 -42.35 -3.04 38.40
N PRO A 494 -43.12 -3.78 37.59
CA PRO A 494 -43.52 -5.13 37.99
C PRO A 494 -42.27 -5.98 38.18
N HIS A 495 -42.34 -6.99 39.04
CA HIS A 495 -41.18 -7.82 39.28
C HIS A 495 -40.77 -8.63 38.08
N TRP A 496 -39.48 -8.55 37.76
CA TRP A 496 -38.92 -9.30 36.64
C TRP A 496 -38.07 -10.35 37.32
N PRO A 497 -38.53 -11.61 37.30
CA PRO A 497 -37.75 -12.68 37.94
C PRO A 497 -36.48 -12.96 37.16
N GLU A 498 -35.48 -13.49 37.85
CA GLU A 498 -34.23 -13.83 37.19
C GLU A 498 -34.40 -15.19 36.50
N TYR A 499 -33.76 -15.37 35.35
CA TYR A 499 -33.89 -16.63 34.65
C TYR A 499 -32.96 -17.66 35.26
N ASN A 500 -33.41 -18.25 36.37
CA ASN A 500 -32.65 -19.28 37.07
C ASN A 500 -33.25 -20.64 36.74
N GLN A 501 -33.14 -21.59 37.66
CA GLN A 501 -33.67 -22.93 37.43
C GLN A 501 -35.17 -22.96 37.20
N LYS A 502 -35.92 -22.11 37.89
CA LYS A 502 -37.37 -22.05 37.71
C LYS A 502 -37.68 -21.46 36.33
N GLU A 503 -36.65 -20.91 35.68
CA GLU A 503 -36.73 -20.31 34.34
C GLU A 503 -37.82 -19.26 34.16
N GLY A 504 -37.93 -18.36 35.14
CA GLY A 504 -38.92 -17.31 35.06
C GLY A 504 -38.50 -16.23 34.09
N TYR A 505 -39.46 -15.71 33.33
CA TYR A 505 -39.17 -14.66 32.36
C TYR A 505 -40.27 -13.61 32.45
N LEU A 506 -40.07 -12.47 31.79
CA LEU A 506 -41.05 -11.41 31.83
C LEU A 506 -41.87 -11.36 30.56
N GLN A 507 -43.18 -11.27 30.70
CA GLN A 507 -44.03 -11.16 29.53
C GLN A 507 -44.32 -9.68 29.46
N ILE A 508 -43.87 -9.03 28.39
CA ILE A 508 -44.05 -7.61 28.24
C ILE A 508 -45.10 -7.24 27.18
N GLY A 509 -46.08 -6.45 27.61
CA GLY A 509 -47.14 -6.03 26.70
C GLY A 509 -48.05 -5.06 27.41
N ALA A 510 -49.32 -5.03 27.00
CA ALA A 510 -50.28 -4.14 27.64
C ALA A 510 -50.43 -4.59 29.08
N ASN A 511 -50.26 -5.90 29.30
CA ASN A 511 -50.36 -6.48 30.63
C ASN A 511 -49.07 -7.21 30.93
N THR A 512 -48.12 -6.51 31.53
CA THR A 512 -46.83 -7.09 31.85
C THR A 512 -46.83 -7.89 33.16
N GLN A 513 -46.50 -9.18 33.08
CA GLN A 513 -46.42 -10.02 34.28
C GLN A 513 -45.39 -11.14 34.07
N ALA A 514 -44.96 -11.74 35.16
CA ALA A 514 -43.97 -12.82 35.09
C ALA A 514 -44.59 -14.16 34.72
N ALA A 515 -43.78 -15.04 34.15
CA ALA A 515 -44.22 -16.37 33.75
C ALA A 515 -43.02 -17.31 33.88
N GLN A 516 -43.14 -18.56 33.43
CA GLN A 516 -42.05 -19.52 33.53
C GLN A 516 -41.90 -20.48 32.36
N LYS A 517 -40.67 -20.99 32.22
CA LYS A 517 -40.28 -21.95 31.17
C LYS A 517 -40.69 -21.60 29.74
N LEU A 518 -40.23 -20.46 29.28
CA LEU A 518 -40.50 -19.96 27.93
C LEU A 518 -40.00 -20.98 26.90
N LYS A 519 -40.83 -21.32 25.92
CA LYS A 519 -40.48 -22.28 24.87
C LYS A 519 -39.87 -23.56 25.41
N ASP A 520 -40.34 -24.00 26.57
CA ASP A 520 -39.83 -25.20 27.19
C ASP A 520 -40.05 -26.47 26.35
N LYS A 521 -41.27 -26.62 25.83
CA LYS A 521 -41.58 -27.78 25.00
C LYS A 521 -40.87 -27.68 23.66
N GLU A 522 -40.96 -26.52 23.03
CA GLU A 522 -40.33 -26.30 21.75
C GLU A 522 -38.86 -26.72 21.78
N VAL A 523 -38.11 -26.23 22.77
CA VAL A 523 -36.70 -26.57 22.88
C VAL A 523 -36.51 -28.08 22.89
N ALA A 524 -37.18 -28.77 23.80
CA ALA A 524 -37.09 -30.22 23.89
C ALA A 524 -37.32 -30.86 22.53
N PHE A 525 -38.37 -30.43 21.84
CA PHE A 525 -38.69 -30.97 20.53
C PHE A 525 -37.51 -30.80 19.56
N TRP A 526 -37.24 -29.56 19.18
CA TRP A 526 -36.15 -29.27 18.24
C TRP A 526 -34.78 -29.78 18.67
N THR A 527 -34.50 -29.77 19.97
CA THR A 527 -33.22 -30.27 20.45
C THR A 527 -33.16 -31.75 20.09
N ASN A 528 -34.29 -32.41 20.27
CA ASN A 528 -34.45 -33.83 19.99
C ASN A 528 -34.48 -34.14 18.50
N LEU A 529 -35.07 -33.23 17.71
CA LEU A 529 -35.15 -33.44 16.26
C LEU A 529 -33.78 -33.31 15.61
N PHE A 530 -33.13 -32.18 15.80
CA PHE A 530 -31.81 -31.93 15.23
C PHE A 530 -30.81 -33.00 15.67
N ALA A 531 -30.97 -33.50 16.89
CA ALA A 531 -30.07 -34.53 17.39
C ALA A 531 -30.25 -35.78 16.53
N LYS A 532 -31.12 -35.68 15.53
CA LYS A 532 -31.41 -36.77 14.61
C LYS A 532 -31.92 -38.00 15.35
N SER B 2 39.79 13.60 -11.92
CA SER B 2 39.03 12.54 -11.25
C SER B 2 37.77 13.12 -10.59
N PRO B 3 36.59 12.57 -10.93
CA PRO B 3 35.30 13.01 -10.38
C PRO B 3 35.22 12.92 -8.86
N PRO B 4 34.57 13.91 -8.22
CA PRO B 4 34.42 13.95 -6.77
C PRO B 4 33.37 12.95 -6.26
N VAL B 5 33.72 12.21 -5.22
CA VAL B 5 32.80 11.24 -4.64
C VAL B 5 32.63 11.56 -3.17
N VAL B 6 31.38 11.81 -2.78
CA VAL B 6 31.06 12.12 -1.39
C VAL B 6 30.27 10.98 -0.74
N ASP B 7 30.46 10.84 0.57
CA ASP B 7 29.79 9.83 1.36
C ASP B 7 28.67 10.44 2.18
N THR B 8 27.43 10.14 1.82
CA THR B 8 26.29 10.67 2.55
C THR B 8 25.68 9.56 3.36
N VAL B 9 24.74 9.92 4.23
CA VAL B 9 24.06 8.97 5.09
C VAL B 9 23.44 7.80 4.33
N HIS B 10 22.86 8.08 3.17
CA HIS B 10 22.20 7.05 2.39
C HIS B 10 23.07 6.39 1.31
N GLY B 11 24.34 6.79 1.24
CA GLY B 11 25.21 6.20 0.23
C GLY B 11 26.11 7.21 -0.45
N LYS B 12 27.00 6.72 -1.32
CA LYS B 12 27.93 7.60 -2.01
C LYS B 12 27.35 8.24 -3.28
N VAL B 13 27.68 9.51 -3.50
CA VAL B 13 27.22 10.21 -4.69
C VAL B 13 28.43 10.65 -5.48
N LEU B 14 28.32 10.55 -6.80
CA LEU B 14 29.39 10.92 -7.71
C LEU B 14 28.95 12.16 -8.47
N GLY B 15 29.75 13.22 -8.37
CA GLY B 15 29.43 14.45 -9.06
C GLY B 15 30.44 14.74 -10.14
N LYS B 16 30.55 16.02 -10.52
CA LYS B 16 31.50 16.44 -11.56
C LYS B 16 32.11 17.78 -11.21
N PHE B 17 33.25 18.09 -11.85
CA PHE B 17 33.94 19.34 -11.63
C PHE B 17 33.65 20.32 -12.76
N VAL B 18 33.48 21.59 -12.38
CA VAL B 18 33.24 22.67 -13.34
C VAL B 18 34.04 23.87 -12.85
N SER B 19 35.02 24.28 -13.64
CA SER B 19 35.84 25.42 -13.27
C SER B 19 35.25 26.71 -13.82
N LEU B 20 35.35 27.78 -13.06
CA LEU B 20 34.82 29.06 -13.51
C LEU B 20 35.98 30.02 -13.73
N GLU B 21 35.97 30.69 -14.87
CA GLU B 21 37.03 31.62 -15.21
C GLU B 21 37.27 32.56 -14.04
N GLY B 22 38.49 32.56 -13.51
CA GLY B 22 38.81 33.44 -12.40
C GLY B 22 39.00 32.74 -11.07
N PHE B 23 38.81 31.44 -11.03
CA PHE B 23 38.95 30.69 -9.80
C PHE B 23 39.70 29.39 -10.05
N ALA B 24 40.79 29.18 -9.31
CA ALA B 24 41.62 27.98 -9.46
C ALA B 24 40.90 26.71 -9.01
N GLN B 25 40.23 26.79 -7.87
CA GLN B 25 39.51 25.64 -7.33
C GLN B 25 38.22 25.35 -8.12
N PRO B 26 38.11 24.15 -8.69
CA PRO B 26 36.89 23.81 -9.45
C PRO B 26 35.71 23.67 -8.49
N VAL B 27 34.50 23.92 -8.99
CA VAL B 27 33.33 23.78 -8.14
C VAL B 27 32.78 22.36 -8.34
N ALA B 28 32.52 21.67 -7.24
CA ALA B 28 31.97 20.31 -7.32
C ALA B 28 30.46 20.43 -7.42
N ILE B 29 29.90 19.90 -8.50
CA ILE B 29 28.47 19.96 -8.70
C ILE B 29 27.81 18.58 -8.66
N PHE B 30 26.76 18.47 -7.85
CA PHE B 30 26.01 17.23 -7.73
C PHE B 30 24.58 17.54 -8.12
N LEU B 31 24.11 16.83 -9.14
CA LEU B 31 22.77 17.03 -9.64
C LEU B 31 21.85 15.86 -9.33
N GLY B 32 20.61 16.17 -8.96
CA GLY B 32 19.62 15.16 -8.66
C GLY B 32 19.90 14.21 -7.50
N ILE B 33 20.15 14.74 -6.31
CA ILE B 33 20.38 13.88 -5.15
C ILE B 33 19.03 13.77 -4.47
N PRO B 34 18.53 12.54 -4.27
CA PRO B 34 17.23 12.36 -3.62
C PRO B 34 17.31 12.74 -2.14
N PHE B 35 16.33 13.47 -1.64
CA PHE B 35 16.34 13.83 -0.22
C PHE B 35 15.13 13.24 0.48
N ALA B 36 14.34 12.49 -0.28
CA ALA B 36 13.14 11.82 0.21
C ALA B 36 12.76 10.68 -0.73
N LYS B 37 11.88 9.81 -0.27
CA LYS B 37 11.40 8.69 -1.06
C LYS B 37 10.40 9.26 -2.08
N PRO B 38 10.39 8.73 -3.33
CA PRO B 38 9.46 9.22 -4.36
C PRO B 38 8.00 9.18 -3.88
N PRO B 39 7.33 10.34 -3.84
CA PRO B 39 5.94 10.42 -3.39
C PRO B 39 4.96 9.83 -4.41
N LEU B 40 5.16 8.56 -4.75
CA LEU B 40 4.33 7.86 -5.72
C LEU B 40 3.23 7.03 -5.06
N GLY B 41 2.23 6.66 -5.84
CA GLY B 41 1.14 5.85 -5.34
C GLY B 41 0.54 6.28 -4.01
N PRO B 42 0.53 5.38 -3.01
CA PRO B 42 -0.03 5.68 -1.69
C PRO B 42 0.65 6.83 -0.94
N LEU B 43 1.89 7.15 -1.32
CA LEU B 43 2.61 8.24 -0.67
C LEU B 43 2.15 9.62 -1.17
N ARG B 44 1.25 9.63 -2.16
CA ARG B 44 0.72 10.88 -2.68
C ARG B 44 -0.15 11.52 -1.58
N PHE B 45 -0.07 12.84 -1.46
CA PHE B 45 -0.82 13.59 -0.45
C PHE B 45 -0.46 13.21 0.98
N THR B 46 0.82 12.86 1.20
CA THR B 46 1.26 12.51 2.55
C THR B 46 2.62 13.17 2.79
N PRO B 47 3.07 13.21 4.04
CA PRO B 47 4.37 13.80 4.36
C PRO B 47 5.49 13.04 3.67
N PRO B 48 6.58 13.72 3.31
CA PRO B 48 7.68 13.02 2.63
C PRO B 48 8.42 12.11 3.60
N GLN B 49 8.78 10.93 3.11
CA GLN B 49 9.51 9.95 3.92
C GLN B 49 10.97 9.92 3.52
N PRO B 50 11.84 9.44 4.41
CA PRO B 50 13.27 9.38 4.10
C PRO B 50 13.58 8.56 2.85
N ALA B 51 14.63 8.93 2.14
CA ALA B 51 15.02 8.21 0.96
C ALA B 51 15.60 6.86 1.39
N GLU B 52 15.41 5.83 0.59
CA GLU B 52 15.95 4.52 0.90
C GLU B 52 17.40 4.51 0.46
N PRO B 53 18.29 3.95 1.30
CA PRO B 53 19.72 3.88 0.99
C PRO B 53 20.05 3.06 -0.26
N TRP B 54 21.07 3.50 -0.98
CA TRP B 54 21.51 2.81 -2.19
C TRP B 54 22.81 2.07 -1.92
N SER B 55 23.08 1.05 -2.72
CA SER B 55 24.24 0.19 -2.52
C SER B 55 25.64 0.58 -2.99
N PHE B 56 25.77 1.12 -4.19
CA PHE B 56 27.12 1.45 -4.64
C PHE B 56 27.34 2.94 -4.75
N VAL B 57 27.70 3.42 -5.93
CA VAL B 57 27.91 4.85 -6.12
C VAL B 57 26.84 5.41 -7.02
N LYS B 58 26.12 6.43 -6.54
CA LYS B 58 25.07 7.06 -7.32
C LYS B 58 25.63 8.21 -8.15
N ASN B 59 25.24 8.25 -9.42
CA ASN B 59 25.68 9.28 -10.36
C ASN B 59 24.83 10.54 -10.27
N ALA B 60 25.26 11.52 -9.49
CA ALA B 60 24.50 12.76 -9.37
C ALA B 60 24.99 13.68 -10.48
N THR B 61 24.83 13.24 -11.72
CA THR B 61 25.29 14.03 -12.86
C THR B 61 24.25 14.37 -13.91
N SER B 62 22.97 14.12 -13.60
CA SER B 62 21.91 14.43 -14.53
C SER B 62 20.89 15.34 -13.86
N TYR B 63 20.28 16.25 -14.62
CA TYR B 63 19.29 17.14 -14.04
C TYR B 63 18.04 16.34 -13.75
N PRO B 64 17.51 16.46 -12.52
CA PRO B 64 16.30 15.73 -12.13
C PRO B 64 15.08 16.34 -12.81
N PRO B 65 13.97 15.59 -12.86
CA PRO B 65 12.76 16.12 -13.50
C PRO B 65 12.19 17.24 -12.63
N MET B 66 11.28 18.04 -13.19
CA MET B 66 10.66 19.09 -12.40
C MET B 66 9.30 18.51 -12.00
N CYS B 67 8.83 18.79 -10.79
CA CYS B 67 7.56 18.24 -10.37
C CYS B 67 6.48 18.49 -11.43
N THR B 68 5.55 17.55 -11.55
CA THR B 68 4.49 17.69 -12.55
C THR B 68 3.85 19.05 -12.44
N GLN B 69 3.61 19.67 -13.59
CA GLN B 69 3.05 21.00 -13.67
C GLN B 69 2.78 21.27 -15.13
N ASP B 70 2.19 22.43 -15.41
CA ASP B 70 1.90 22.85 -16.77
C ASP B 70 3.28 23.00 -17.45
N PRO B 71 3.62 22.05 -18.32
CA PRO B 71 4.91 22.06 -19.02
C PRO B 71 5.26 23.34 -19.77
N LYS B 72 4.29 23.89 -20.50
CA LYS B 72 4.51 25.12 -21.26
C LYS B 72 4.72 26.31 -20.33
N ALA B 73 3.88 26.43 -19.31
CA ALA B 73 4.02 27.54 -18.38
C ALA B 73 5.31 27.40 -17.59
N GLY B 74 5.73 26.15 -17.36
CA GLY B 74 6.93 25.90 -16.59
C GLY B 74 8.21 26.17 -17.34
N GLN B 75 8.25 25.76 -18.59
CA GLN B 75 9.44 25.97 -19.40
C GLN B 75 9.63 27.47 -19.63
N LEU B 76 8.51 28.19 -19.74
CA LEU B 76 8.49 29.62 -19.97
C LEU B 76 9.08 30.38 -18.80
N LEU B 77 8.69 29.99 -17.59
CA LEU B 77 9.20 30.64 -16.39
C LEU B 77 10.69 30.33 -16.25
N SER B 78 11.06 29.09 -16.56
CA SER B 78 12.46 28.70 -16.47
C SER B 78 13.29 29.54 -17.43
N GLU B 79 12.89 29.61 -18.70
CA GLU B 79 13.61 30.39 -19.69
C GLU B 79 13.77 31.83 -19.23
N LEU B 80 12.72 32.39 -18.64
CA LEU B 80 12.76 33.77 -18.18
C LEU B 80 13.69 33.99 -16.99
N PHE B 81 13.65 33.09 -16.01
CA PHE B 81 14.46 33.25 -14.81
C PHE B 81 15.85 32.65 -14.82
N THR B 82 16.12 31.72 -15.71
CA THR B 82 17.43 31.08 -15.69
C THR B 82 18.60 32.05 -15.78
N ASN B 83 19.65 31.76 -15.03
CA ASN B 83 20.84 32.60 -15.00
C ASN B 83 21.92 32.02 -15.91
N ARG B 84 21.72 30.79 -16.36
CA ARG B 84 22.71 30.16 -17.23
C ARG B 84 22.48 30.59 -18.68
N LYS B 85 23.53 30.51 -19.50
CA LYS B 85 23.45 30.90 -20.91
C LYS B 85 22.23 30.28 -21.62
N GLU B 86 22.26 28.98 -21.81
CA GLU B 86 21.16 28.31 -22.49
C GLU B 86 20.28 27.57 -21.51
N ASN B 87 18.98 27.82 -21.58
CA ASN B 87 18.04 27.16 -20.68
C ASN B 87 18.10 25.67 -20.95
N ILE B 88 17.93 24.89 -19.88
CA ILE B 88 17.96 23.44 -20.00
C ILE B 88 16.56 22.86 -19.99
N PRO B 89 16.25 22.03 -21.00
CA PRO B 89 14.94 21.39 -21.14
C PRO B 89 14.77 20.31 -20.06
N LEU B 90 13.64 20.35 -19.38
CA LEU B 90 13.39 19.42 -18.30
C LEU B 90 12.20 18.51 -18.52
N LYS B 91 12.25 17.34 -17.89
CA LYS B 91 11.19 16.36 -17.97
C LYS B 91 10.28 16.47 -16.74
N LEU B 92 8.99 16.18 -16.91
CA LEU B 92 8.02 16.25 -15.81
C LEU B 92 7.92 14.92 -15.08
N SER B 93 7.68 14.95 -13.77
CA SER B 93 7.55 13.72 -13.01
C SER B 93 7.13 13.89 -11.55
N GLU B 94 6.49 12.86 -11.01
CA GLU B 94 6.05 12.89 -9.62
C GLU B 94 7.28 12.62 -8.76
N ASP B 95 8.22 11.90 -9.35
CA ASP B 95 9.47 11.56 -8.71
C ASP B 95 10.34 12.77 -8.95
N CYS B 96 10.12 13.80 -8.13
CA CYS B 96 10.81 15.08 -8.23
C CYS B 96 11.49 15.62 -6.97
N LEU B 97 11.42 14.89 -5.87
CA LEU B 97 12.05 15.39 -4.66
C LEU B 97 13.58 15.26 -4.66
N TYR B 98 14.24 16.16 -5.39
CA TYR B 98 15.70 16.18 -5.51
C TYR B 98 16.24 17.56 -5.21
N LEU B 99 17.54 17.62 -4.96
CA LEU B 99 18.22 18.88 -4.70
C LEU B 99 19.57 18.85 -5.41
N ASN B 100 20.01 20.02 -5.87
CA ASN B 100 21.30 20.13 -6.53
C ASN B 100 22.27 20.86 -5.61
N ILE B 101 23.53 20.43 -5.62
CA ILE B 101 24.53 21.05 -4.77
C ILE B 101 25.73 21.61 -5.52
N TYR B 102 26.13 22.81 -5.14
CA TYR B 102 27.28 23.47 -5.73
C TYR B 102 28.19 23.84 -4.58
N THR B 103 29.27 23.09 -4.43
CA THR B 103 30.19 23.37 -3.35
C THR B 103 31.57 23.72 -3.92
N PRO B 104 32.09 24.89 -3.52
CA PRO B 104 33.40 25.36 -4.00
C PRO B 104 34.51 24.86 -3.07
N ALA B 105 34.13 24.13 -2.03
CA ALA B 105 35.09 23.62 -1.06
C ALA B 105 35.97 22.51 -1.63
N ASP B 106 37.20 22.44 -1.15
CA ASP B 106 38.14 21.41 -1.56
C ASP B 106 37.83 20.21 -0.68
N LEU B 107 37.05 19.29 -1.21
CA LEU B 107 36.61 18.10 -0.49
C LEU B 107 37.70 17.23 0.14
N THR B 108 38.95 17.37 -0.31
CA THR B 108 40.05 16.58 0.24
C THR B 108 40.42 16.99 1.66
N LYS B 109 39.88 18.11 2.11
CA LYS B 109 40.15 18.63 3.44
C LYS B 109 38.80 18.97 4.09
N LYS B 110 38.83 19.35 5.37
CA LYS B 110 37.59 19.71 6.06
C LYS B 110 37.20 21.16 5.77
N ASN B 111 35.90 21.38 5.62
CA ASN B 111 35.38 22.71 5.34
C ASN B 111 34.01 22.87 5.99
N ARG B 112 33.74 24.08 6.48
CA ARG B 112 32.48 24.39 7.12
C ARG B 112 31.99 25.72 6.56
N LEU B 113 31.86 25.78 5.25
CA LEU B 113 31.41 27.00 4.60
C LEU B 113 29.92 27.26 4.83
N PRO B 114 29.52 28.54 4.86
CA PRO B 114 28.09 28.78 5.08
C PRO B 114 27.30 28.15 3.93
N VAL B 115 26.11 27.66 4.25
CA VAL B 115 25.27 27.03 3.26
C VAL B 115 24.03 27.88 2.93
N MET B 116 23.77 28.04 1.64
CA MET B 116 22.61 28.79 1.18
C MET B 116 21.67 27.86 0.40
N VAL B 117 20.48 27.66 0.95
CA VAL B 117 19.49 26.79 0.34
C VAL B 117 18.46 27.64 -0.37
N TRP B 118 18.44 27.50 -1.69
CA TRP B 118 17.52 28.27 -2.52
C TRP B 118 16.19 27.53 -2.76
N ILE B 119 15.10 28.30 -2.70
CA ILE B 119 13.76 27.80 -2.92
C ILE B 119 13.10 28.59 -4.05
N HIS B 120 13.02 27.96 -5.22
CA HIS B 120 12.43 28.63 -6.38
C HIS B 120 10.97 29.04 -6.21
N GLY B 121 10.55 30.00 -7.03
CA GLY B 121 9.18 30.46 -7.00
C GLY B 121 8.41 29.86 -8.15
N GLY B 122 7.21 30.38 -8.40
CA GLY B 122 6.41 29.85 -9.48
C GLY B 122 4.98 29.65 -9.00
N GLY B 123 4.62 30.42 -7.97
CA GLY B 123 3.28 30.38 -7.39
C GLY B 123 2.84 29.07 -6.78
N LEU B 124 3.81 28.17 -6.59
CA LEU B 124 3.54 26.84 -6.03
C LEU B 124 2.88 25.93 -7.07
N MET B 125 2.81 26.40 -8.31
CA MET B 125 2.20 25.65 -9.40
C MET B 125 3.20 25.14 -10.43
N VAL B 126 4.28 25.90 -10.63
CA VAL B 126 5.31 25.54 -11.59
C VAL B 126 6.67 25.90 -11.03
N GLY B 127 7.71 25.61 -11.78
CA GLY B 127 9.06 25.92 -11.34
C GLY B 127 9.94 24.71 -11.23
N ALA B 128 11.23 24.92 -10.95
CA ALA B 128 12.19 23.83 -10.80
C ALA B 128 13.48 24.36 -10.19
N ALA B 129 14.32 23.48 -9.66
CA ALA B 129 15.58 23.90 -9.06
C ALA B 129 16.70 23.98 -10.09
N SER B 130 16.60 23.15 -11.12
CA SER B 130 17.63 23.12 -12.16
C SER B 130 17.74 24.43 -12.95
N THR B 131 16.68 25.23 -12.89
CA THR B 131 16.66 26.52 -13.57
C THR B 131 17.80 27.39 -13.06
N TYR B 132 18.06 27.30 -11.75
CA TYR B 132 19.09 28.10 -11.10
C TYR B 132 20.44 27.41 -10.95
N ASP B 133 21.45 27.97 -11.61
CA ASP B 133 22.80 27.45 -11.57
C ASP B 133 23.56 28.15 -10.45
N GLY B 134 23.93 27.40 -9.42
CA GLY B 134 24.65 28.00 -8.31
C GLY B 134 26.16 28.09 -8.48
N LEU B 135 26.63 27.92 -9.71
CA LEU B 135 28.06 27.97 -10.00
C LEU B 135 28.74 29.28 -9.62
N ALA B 136 28.24 30.38 -10.16
CA ALA B 136 28.78 31.71 -9.91
C ALA B 136 28.82 32.05 -8.42
N LEU B 137 27.65 32.10 -7.80
CA LEU B 137 27.54 32.44 -6.39
C LEU B 137 28.47 31.58 -5.54
N ALA B 138 28.51 30.28 -5.83
CA ALA B 138 29.36 29.36 -5.10
C ALA B 138 30.83 29.78 -5.09
N ALA B 139 31.43 29.88 -6.28
CA ALA B 139 32.83 30.26 -6.40
C ALA B 139 33.10 31.72 -6.04
N HIS B 140 32.24 32.61 -6.51
CA HIS B 140 32.42 34.03 -6.24
C HIS B 140 32.39 34.41 -4.77
N GLU B 141 31.52 33.80 -3.99
CA GLU B 141 31.42 34.11 -2.57
C GLU B 141 31.79 32.99 -1.61
N ASN B 142 32.34 31.91 -2.15
CA ASN B 142 32.73 30.74 -1.38
C ASN B 142 31.70 30.23 -0.37
N VAL B 143 30.55 29.82 -0.89
CA VAL B 143 29.47 29.27 -0.06
C VAL B 143 28.92 28.05 -0.79
N VAL B 144 28.29 27.15 -0.06
CA VAL B 144 27.69 25.98 -0.68
C VAL B 144 26.27 26.37 -1.08
N VAL B 145 25.95 26.19 -2.36
CA VAL B 145 24.63 26.54 -2.86
C VAL B 145 23.80 25.30 -3.09
N VAL B 146 22.59 25.28 -2.52
CA VAL B 146 21.70 24.14 -2.67
C VAL B 146 20.34 24.57 -3.22
N THR B 147 20.00 24.05 -4.40
CA THR B 147 18.69 24.37 -4.98
C THR B 147 17.85 23.14 -4.73
N ILE B 148 16.73 23.34 -4.05
CA ILE B 148 15.84 22.23 -3.73
C ILE B 148 14.57 22.25 -4.57
N GLN B 149 13.82 21.15 -4.50
CA GLN B 149 12.55 21.01 -5.20
C GLN B 149 11.52 20.51 -4.22
N TYR B 150 10.27 20.88 -4.46
CA TYR B 150 9.16 20.48 -3.60
C TYR B 150 7.95 20.25 -4.49
N ARG B 151 7.01 19.46 -4.00
CA ARG B 151 5.82 19.16 -4.77
C ARG B 151 5.02 20.42 -5.11
N LEU B 152 4.51 20.48 -6.34
CA LEU B 152 3.73 21.62 -6.80
C LEU B 152 2.26 21.29 -7.06
N GLY B 153 1.48 22.35 -7.21
CA GLY B 153 0.06 22.23 -7.48
C GLY B 153 -0.66 21.21 -6.62
N ILE B 154 -1.53 20.45 -7.27
CA ILE B 154 -2.32 19.41 -6.63
C ILE B 154 -1.44 18.50 -5.79
N TRP B 155 -0.35 18.03 -6.39
CA TRP B 155 0.58 17.14 -5.72
C TRP B 155 1.13 17.70 -4.41
N GLY B 156 1.49 18.98 -4.42
CA GLY B 156 2.06 19.57 -3.22
C GLY B 156 1.10 20.36 -2.35
N PHE B 157 -0.12 20.60 -2.82
CA PHE B 157 -1.03 21.40 -2.02
C PHE B 157 -2.48 20.99 -1.88
N PHE B 158 -2.85 19.82 -2.40
CA PHE B 158 -4.23 19.39 -2.27
C PHE B 158 -4.59 19.21 -0.81
N SER B 159 -5.59 19.94 -0.35
CA SER B 159 -6.02 19.88 1.04
C SER B 159 -7.52 19.75 1.22
N THR B 160 -7.96 18.80 2.05
CA THR B 160 -9.39 18.61 2.29
C THR B 160 -9.83 19.40 3.53
N GLY B 161 -8.88 20.09 4.15
CA GLY B 161 -9.21 20.86 5.33
C GLY B 161 -9.25 20.04 6.60
N ASP B 162 -9.01 18.74 6.49
CA ASP B 162 -9.02 17.87 7.67
C ASP B 162 -7.85 16.88 7.68
N GLU B 163 -7.89 15.93 8.61
CA GLU B 163 -6.83 14.95 8.77
C GLU B 163 -6.56 14.00 7.59
N HIS B 164 -7.51 13.85 6.69
CA HIS B 164 -7.34 12.95 5.55
C HIS B 164 -6.40 13.51 4.47
N SER B 165 -6.27 14.82 4.42
CA SER B 165 -5.38 15.50 3.49
C SER B 165 -5.18 16.94 3.95
N ARG B 166 -4.46 17.10 5.05
CA ARG B 166 -4.19 18.41 5.62
C ARG B 166 -3.68 19.44 4.62
N GLY B 167 -2.78 19.01 3.73
CA GLY B 167 -2.20 19.91 2.74
C GLY B 167 -0.79 20.33 3.14
N ASN B 168 -0.23 21.30 2.42
CA ASN B 168 1.12 21.82 2.67
C ASN B 168 2.24 20.79 2.47
N TRP B 169 2.02 19.85 1.55
CA TRP B 169 3.00 18.81 1.25
C TRP B 169 4.30 19.42 0.72
N GLY B 170 4.16 20.40 -0.16
CA GLY B 170 5.33 21.05 -0.71
C GLY B 170 6.17 21.72 0.36
N HIS B 171 5.52 22.36 1.32
CA HIS B 171 6.23 23.02 2.42
C HIS B 171 6.90 21.96 3.30
N LEU B 172 6.22 20.83 3.49
CA LEU B 172 6.79 19.75 4.29
C LEU B 172 8.03 19.26 3.54
N ASP B 173 7.92 19.19 2.20
CA ASP B 173 9.05 18.77 1.37
C ASP B 173 10.25 19.71 1.57
N GLN B 174 9.97 21.00 1.73
CA GLN B 174 11.03 21.99 1.94
C GLN B 174 11.74 21.69 3.25
N VAL B 175 10.94 21.40 4.27
CA VAL B 175 11.46 21.06 5.59
C VAL B 175 12.28 19.76 5.52
N ALA B 176 11.80 18.80 4.73
CA ALA B 176 12.52 17.54 4.61
C ALA B 176 13.90 17.75 3.98
N ALA B 177 13.96 18.69 3.04
CA ALA B 177 15.20 19.00 2.35
C ALA B 177 16.14 19.70 3.34
N LEU B 178 15.59 20.58 4.17
CA LEU B 178 16.38 21.28 5.16
C LEU B 178 16.95 20.30 6.19
N ARG B 179 16.16 19.29 6.53
CA ARG B 179 16.62 18.29 7.47
C ARG B 179 17.74 17.46 6.84
N TRP B 180 17.63 17.21 5.55
CA TRP B 180 18.65 16.44 4.82
C TRP B 180 19.98 17.19 4.88
N VAL B 181 19.90 18.51 4.68
CA VAL B 181 21.09 19.36 4.70
C VAL B 181 21.72 19.29 6.08
N GLN B 182 20.89 19.30 7.11
CA GLN B 182 21.39 19.26 8.48
C GLN B 182 22.17 17.97 8.72
N ASP B 183 21.75 16.89 8.06
CA ASP B 183 22.40 15.58 8.24
C ASP B 183 23.55 15.24 7.28
N ASN B 184 23.56 15.83 6.09
CA ASN B 184 24.60 15.49 5.13
C ASN B 184 25.53 16.61 4.65
N ILE B 185 25.07 17.84 4.65
CA ILE B 185 25.87 18.93 4.12
C ILE B 185 27.35 18.99 4.49
N ALA B 186 27.70 18.57 5.71
CA ALA B 186 29.09 18.59 6.14
C ALA B 186 29.97 17.79 5.19
N SER B 187 29.40 16.77 4.56
CA SER B 187 30.14 15.93 3.64
C SER B 187 30.47 16.68 2.37
N PHE B 188 29.71 17.73 2.08
CA PHE B 188 29.95 18.53 0.89
C PHE B 188 30.76 19.78 1.23
N GLY B 189 31.30 19.82 2.44
CA GLY B 189 32.09 20.96 2.85
C GLY B 189 31.28 22.13 3.36
N GLY B 190 30.02 21.87 3.72
CA GLY B 190 29.18 22.93 4.23
C GLY B 190 29.08 22.87 5.74
N ASN B 191 28.58 23.94 6.34
CA ASN B 191 28.43 23.98 7.79
C ASN B 191 26.94 23.92 8.14
N PRO B 192 26.49 22.79 8.68
CA PRO B 192 25.09 22.64 9.06
C PRO B 192 24.69 23.69 10.09
N GLY B 193 25.69 24.27 10.74
CA GLY B 193 25.48 25.28 11.76
C GLY B 193 25.27 26.69 11.22
N SER B 194 25.26 26.83 9.90
CA SER B 194 25.05 28.15 9.30
C SER B 194 24.38 28.01 7.93
N VAL B 195 23.08 27.72 7.98
CA VAL B 195 22.28 27.54 6.79
C VAL B 195 21.35 28.76 6.59
N THR B 196 21.33 29.29 5.37
CA THR B 196 20.49 30.43 5.05
C THR B 196 19.49 29.98 4.00
N ILE B 197 18.20 30.19 4.25
CA ILE B 197 17.20 29.83 3.26
C ILE B 197 16.79 31.10 2.55
N PHE B 198 16.66 31.02 1.23
CA PHE B 198 16.23 32.17 0.47
C PHE B 198 15.49 31.71 -0.77
N GLY B 199 14.53 32.52 -1.18
CA GLY B 199 13.73 32.21 -2.34
C GLY B 199 13.02 33.47 -2.79
N GLU B 200 12.39 33.44 -3.97
CA GLU B 200 11.69 34.61 -4.45
C GLU B 200 10.28 34.24 -4.88
N SER B 201 9.35 35.18 -4.73
CA SER B 201 7.94 34.96 -5.05
C SER B 201 7.41 33.84 -4.13
N ALA B 202 6.87 32.77 -4.71
CA ALA B 202 6.35 31.67 -3.90
C ALA B 202 7.49 31.12 -3.03
N GLY B 203 8.71 31.17 -3.55
CA GLY B 203 9.87 30.72 -2.80
C GLY B 203 10.07 31.67 -1.63
N GLY B 204 9.71 32.93 -1.85
CA GLY B 204 9.85 33.94 -0.80
C GLY B 204 8.78 33.72 0.26
N GLU B 205 7.58 33.37 -0.19
CA GLU B 205 6.47 33.12 0.73
C GLU B 205 6.79 31.86 1.51
N SER B 206 7.42 30.89 0.85
CA SER B 206 7.79 29.64 1.52
C SER B 206 8.75 29.94 2.67
N VAL B 207 9.77 30.75 2.39
CA VAL B 207 10.75 31.13 3.40
C VAL B 207 10.07 31.83 4.57
N SER B 208 9.15 32.74 4.25
CA SER B 208 8.43 33.48 5.27
C SER B 208 7.61 32.52 6.11
N VAL B 209 7.05 31.50 5.46
CA VAL B 209 6.25 30.49 6.15
C VAL B 209 7.15 29.68 7.11
N LEU B 210 8.30 29.27 6.61
CA LEU B 210 9.24 28.49 7.41
C LEU B 210 9.73 29.27 8.64
N VAL B 211 9.86 30.57 8.49
CA VAL B 211 10.30 31.41 9.60
C VAL B 211 9.22 31.42 10.69
N LEU B 212 7.97 31.17 10.30
CA LEU B 212 6.85 31.16 11.24
C LEU B 212 6.55 29.79 11.83
N SER B 213 6.80 28.74 11.05
CA SER B 213 6.51 27.36 11.47
C SER B 213 7.51 26.72 12.43
N PRO B 214 7.00 26.00 13.44
CA PRO B 214 7.81 25.31 14.45
C PRO B 214 8.47 24.05 13.88
N LEU B 215 7.94 23.55 12.77
CA LEU B 215 8.49 22.36 12.14
C LEU B 215 9.92 22.59 11.65
N ALA B 216 10.25 23.83 11.32
CA ALA B 216 11.57 24.15 10.81
C ALA B 216 12.43 24.84 11.87
N LYS B 217 11.97 24.78 13.12
CA LYS B 217 12.66 25.41 14.23
C LYS B 217 14.19 25.54 14.12
N ASN B 218 14.92 24.43 14.18
CA ASN B 218 16.38 24.54 14.10
C ASN B 218 16.99 24.06 12.79
N LEU B 219 16.31 24.38 11.68
CA LEU B 219 16.79 23.95 10.38
C LEU B 219 17.44 25.04 9.53
N PHE B 220 17.41 26.28 10.01
CA PHE B 220 18.03 27.40 9.31
C PHE B 220 18.47 28.47 10.31
N HIS B 221 19.33 29.39 9.87
CA HIS B 221 19.86 30.45 10.74
C HIS B 221 19.64 31.87 10.22
N ARG B 222 19.43 32.00 8.90
CA ARG B 222 19.17 33.29 8.27
C ARG B 222 18.12 33.04 7.20
N ALA B 223 17.29 34.03 6.95
CA ALA B 223 16.25 33.90 5.94
C ALA B 223 16.25 35.11 5.03
N ILE B 224 15.87 34.90 3.78
CA ILE B 224 15.79 35.99 2.82
C ILE B 224 14.56 35.76 1.97
N SER B 225 13.64 36.71 2.01
CA SER B 225 12.43 36.61 1.20
C SER B 225 12.49 37.66 0.12
N GLU B 226 12.64 37.21 -1.12
CA GLU B 226 12.70 38.13 -2.25
C GLU B 226 11.35 38.19 -2.93
N SER B 227 10.73 39.35 -2.90
CA SER B 227 9.44 39.56 -3.54
C SER B 227 8.39 38.51 -3.17
N GLY B 228 8.18 38.32 -1.87
CA GLY B 228 7.20 37.33 -1.43
C GLY B 228 7.29 37.02 0.05
N VAL B 229 6.17 37.06 0.74
CA VAL B 229 6.14 36.75 2.17
C VAL B 229 4.83 36.07 2.53
N ALA B 230 4.77 35.60 3.76
CA ALA B 230 3.59 34.91 4.28
C ALA B 230 2.32 35.76 4.19
N LEU B 231 2.50 37.08 4.08
CA LEU B 231 1.34 37.96 3.98
C LEU B 231 0.89 38.26 2.55
N THR B 232 1.55 37.66 1.56
CA THR B 232 1.11 37.87 0.19
C THR B 232 -0.10 36.94 0.05
N SER B 233 -1.27 37.50 0.35
CA SER B 233 -2.54 36.78 0.34
C SER B 233 -2.84 35.74 -0.74
N VAL B 234 -2.42 35.97 -1.98
CA VAL B 234 -2.74 35.01 -3.04
C VAL B 234 -2.16 33.59 -2.87
N LEU B 235 -1.15 33.44 -2.01
CA LEU B 235 -0.55 32.13 -1.80
C LEU B 235 -1.03 31.45 -0.52
N VAL B 236 -1.69 32.19 0.35
CA VAL B 236 -2.18 31.63 1.60
C VAL B 236 -3.71 31.58 1.62
N LYS B 237 -4.24 30.38 1.81
CA LYS B 237 -5.67 30.15 1.83
C LYS B 237 -6.24 30.26 3.25
N LYS B 238 -7.21 31.16 3.41
CA LYS B 238 -7.85 31.36 4.70
C LYS B 238 -9.34 31.06 4.57
N GLY B 239 -9.86 30.25 5.48
CA GLY B 239 -11.28 29.93 5.43
C GLY B 239 -11.51 28.49 5.04
N ASP B 240 -12.72 28.19 4.59
CA ASP B 240 -13.07 26.83 4.19
C ASP B 240 -12.41 26.46 2.88
N VAL B 241 -11.53 25.47 2.91
CA VAL B 241 -10.82 25.01 1.72
C VAL B 241 -11.55 23.83 1.07
N LYS B 242 -12.55 23.31 1.78
CA LYS B 242 -13.34 22.18 1.28
C LYS B 242 -13.88 22.44 -0.12
N PRO B 243 -14.42 23.64 -0.37
CA PRO B 243 -14.95 23.97 -1.71
C PRO B 243 -13.95 23.73 -2.85
N LEU B 244 -12.72 24.20 -2.67
CA LEU B 244 -11.71 24.03 -3.71
C LEU B 244 -11.44 22.54 -3.93
N ALA B 245 -11.23 21.82 -2.83
CA ALA B 245 -10.95 20.39 -2.90
C ALA B 245 -12.03 19.63 -3.68
N GLU B 246 -13.28 19.95 -3.42
CA GLU B 246 -14.38 19.29 -4.10
C GLU B 246 -14.41 19.64 -5.58
N GLN B 247 -13.96 20.84 -5.90
CA GLN B 247 -13.93 21.29 -7.28
C GLN B 247 -12.86 20.51 -8.06
N ILE B 248 -11.73 20.26 -7.42
CA ILE B 248 -10.66 19.50 -8.04
C ILE B 248 -11.11 18.05 -8.21
N ALA B 249 -11.64 17.47 -7.14
CA ALA B 249 -12.12 16.10 -7.15
C ALA B 249 -13.11 15.88 -8.30
N ILE B 250 -14.11 16.75 -8.38
CA ILE B 250 -15.12 16.65 -9.42
C ILE B 250 -14.48 16.77 -10.81
N THR B 251 -13.57 17.72 -10.97
CA THR B 251 -12.90 17.93 -12.25
C THR B 251 -12.12 16.70 -12.69
N ALA B 252 -11.67 15.93 -11.71
CA ALA B 252 -10.90 14.72 -11.98
C ALA B 252 -11.81 13.50 -12.10
N GLY B 253 -13.12 13.71 -11.89
CA GLY B 253 -14.06 12.60 -11.97
C GLY B 253 -14.00 11.76 -10.71
N CYS B 254 -14.30 12.38 -9.58
CA CYS B 254 -14.26 11.69 -8.30
C CYS B 254 -15.44 12.09 -7.44
N LYS B 255 -16.09 11.10 -6.83
CA LYS B 255 -17.22 11.40 -5.96
C LYS B 255 -16.70 12.28 -4.82
N THR B 256 -17.61 12.96 -4.14
CA THR B 256 -17.23 13.83 -3.04
C THR B 256 -17.96 13.42 -1.77
N THR B 257 -18.41 12.17 -1.75
CA THR B 257 -19.14 11.64 -0.59
C THR B 257 -18.50 12.10 0.71
N THR B 258 -17.19 11.92 0.82
CA THR B 258 -16.47 12.30 2.02
C THR B 258 -15.04 12.68 1.65
N SER B 259 -14.30 13.21 2.62
CA SER B 259 -12.92 13.61 2.41
C SER B 259 -12.05 12.42 2.08
N ALA B 260 -12.23 11.35 2.85
CA ALA B 260 -11.45 10.14 2.65
C ALA B 260 -11.66 9.56 1.26
N VAL B 261 -12.90 9.60 0.79
CA VAL B 261 -13.20 9.05 -0.52
C VAL B 261 -12.51 9.89 -1.58
N MET B 262 -12.57 11.21 -1.46
CA MET B 262 -11.93 12.10 -2.41
C MET B 262 -10.44 11.80 -2.54
N VAL B 263 -9.74 11.81 -1.40
CA VAL B 263 -8.31 11.56 -1.38
C VAL B 263 -7.98 10.18 -1.97
N HIS B 264 -8.80 9.19 -1.64
CA HIS B 264 -8.58 7.82 -2.13
C HIS B 264 -8.70 7.78 -3.64
N CYS B 265 -9.74 8.39 -4.16
CA CYS B 265 -10.00 8.43 -5.57
C CYS B 265 -8.86 9.15 -6.29
N LEU B 266 -8.46 10.28 -5.75
CA LEU B 266 -7.36 11.05 -6.35
C LEU B 266 -6.03 10.30 -6.20
N ARG B 267 -5.88 9.52 -5.13
CA ARG B 267 -4.64 8.75 -4.91
C ARG B 267 -4.50 7.60 -5.90
N GLN B 268 -5.44 7.49 -6.83
CA GLN B 268 -5.42 6.42 -7.81
C GLN B 268 -5.35 6.95 -9.21
N LYS B 269 -5.51 8.26 -9.36
CA LYS B 269 -5.44 8.86 -10.68
C LYS B 269 -3.97 8.84 -11.12
N THR B 270 -3.74 8.68 -12.42
CA THR B 270 -2.39 8.66 -12.93
C THR B 270 -1.86 10.08 -13.03
N GLU B 271 -0.54 10.21 -13.05
CA GLU B 271 0.08 11.53 -13.16
C GLU B 271 -0.61 12.30 -14.27
N GLU B 272 -0.70 11.67 -15.45
CA GLU B 272 -1.32 12.32 -16.59
C GLU B 272 -2.74 12.80 -16.31
N GLU B 273 -3.55 11.97 -15.68
CA GLU B 273 -4.93 12.38 -15.40
C GLU B 273 -4.95 13.61 -14.50
N LEU B 274 -4.09 13.64 -13.49
CA LEU B 274 -4.04 14.79 -12.58
C LEU B 274 -3.47 16.01 -13.29
N LEU B 275 -2.61 15.80 -14.29
CA LEU B 275 -2.07 16.93 -15.03
C LEU B 275 -3.19 17.56 -15.85
N GLU B 276 -4.04 16.72 -16.43
CA GLU B 276 -5.17 17.21 -17.22
C GLU B 276 -6.12 18.00 -16.34
N THR B 277 -6.38 17.49 -15.14
CA THR B 277 -7.26 18.20 -14.21
C THR B 277 -6.63 19.57 -13.94
N THR B 278 -5.31 19.60 -13.77
CA THR B 278 -4.59 20.84 -13.50
C THR B 278 -4.83 21.84 -14.63
N LEU B 279 -4.53 21.41 -15.86
CA LEU B 279 -4.70 22.26 -17.02
C LEU B 279 -6.15 22.76 -17.17
N LYS B 280 -7.13 21.94 -16.78
CA LYS B 280 -8.52 22.34 -16.89
C LYS B 280 -8.84 23.42 -15.87
N MET B 281 -8.27 23.30 -14.68
CA MET B 281 -8.52 24.27 -13.61
C MET B 281 -8.08 25.68 -14.01
N LYS B 282 -7.23 25.78 -15.02
CA LYS B 282 -6.74 27.06 -15.50
C LYS B 282 -6.09 27.89 -14.39
N PHE B 283 -5.08 27.32 -13.75
CA PHE B 283 -4.38 28.00 -12.67
C PHE B 283 -3.39 29.03 -13.22
N LEU B 284 -3.01 29.99 -12.38
CA LEU B 284 -2.07 31.03 -12.77
C LEU B 284 -2.59 31.88 -13.93
N SER B 285 -3.91 31.93 -14.08
CA SER B 285 -4.53 32.69 -15.15
C SER B 285 -5.69 33.52 -14.60
N LEU B 286 -5.71 34.80 -14.94
CA LEU B 286 -6.77 35.69 -14.48
C LEU B 286 -8.08 35.32 -15.14
N ASP B 287 -9.07 34.98 -14.33
CA ASP B 287 -10.38 34.60 -14.85
C ASP B 287 -11.19 35.87 -15.09
N LEU B 288 -11.55 36.11 -16.34
CA LEU B 288 -12.33 37.29 -16.70
C LEU B 288 -13.84 37.06 -16.60
N GLN B 289 -14.32 35.93 -17.14
CA GLN B 289 -15.74 35.62 -17.08
C GLN B 289 -16.06 34.82 -15.83
N GLY B 290 -16.87 35.39 -14.95
CA GLY B 290 -17.23 34.71 -13.73
C GLY B 290 -16.99 35.59 -12.52
N ASP B 291 -17.58 35.21 -11.39
CA ASP B 291 -17.43 35.96 -10.14
C ASP B 291 -16.01 35.88 -9.58
N PRO B 292 -15.34 37.05 -9.45
CA PRO B 292 -13.97 37.18 -8.93
C PRO B 292 -13.72 36.51 -7.58
N ARG B 293 -14.74 36.51 -6.72
CA ARG B 293 -14.63 35.92 -5.39
C ARG B 293 -14.63 34.38 -5.45
N GLU B 294 -14.80 33.84 -6.65
CA GLU B 294 -14.82 32.39 -6.83
C GLU B 294 -13.57 31.86 -7.51
N SER B 295 -13.13 32.54 -8.55
CA SER B 295 -11.95 32.14 -9.30
C SER B 295 -10.80 31.79 -8.37
N GLN B 296 -10.11 30.69 -8.67
CA GLN B 296 -8.99 30.23 -7.87
C GLN B 296 -7.73 30.21 -8.73
N PRO B 297 -6.87 31.24 -8.58
CA PRO B 297 -5.63 31.37 -9.34
C PRO B 297 -4.61 30.26 -9.09
N LEU B 298 -4.65 29.67 -7.90
CA LEU B 298 -3.72 28.61 -7.56
C LEU B 298 -3.99 27.98 -6.20
N LEU B 299 -3.53 26.76 -6.02
CA LEU B 299 -3.69 26.06 -4.75
C LEU B 299 -2.48 26.52 -3.96
N GLY B 300 -2.57 26.51 -2.63
CA GLY B 300 -1.42 26.96 -1.89
C GLY B 300 -1.41 26.62 -0.41
N THR B 301 -0.65 27.42 0.34
CA THR B 301 -0.51 27.26 1.77
C THR B 301 -1.87 27.34 2.47
N VAL B 302 -2.09 26.46 3.44
CA VAL B 302 -3.31 26.45 4.22
C VAL B 302 -2.91 26.33 5.68
N ILE B 303 -3.86 26.51 6.59
CA ILE B 303 -3.56 26.39 8.00
C ILE B 303 -3.91 24.93 8.35
N ASP B 304 -2.91 24.06 8.22
CA ASP B 304 -3.08 22.62 8.45
C ASP B 304 -3.01 22.13 9.89
N GLY B 305 -2.42 22.92 10.79
CA GLY B 305 -2.32 22.47 12.17
C GLY B 305 -1.05 21.68 12.43
N MET B 306 -0.19 21.60 11.41
CA MET B 306 1.09 20.90 11.52
C MET B 306 2.19 21.91 11.21
N LEU B 307 2.23 22.34 9.96
CA LEU B 307 3.20 23.34 9.53
C LEU B 307 2.82 24.66 10.19
N LEU B 308 1.64 25.15 9.88
CA LEU B 308 1.13 26.39 10.46
C LEU B 308 -0.02 26.10 11.41
N LEU B 309 0.13 26.48 12.67
CA LEU B 309 -0.90 26.26 13.68
C LEU B 309 -1.98 27.32 13.63
N LYS B 310 -1.61 28.51 13.18
CA LYS B 310 -2.54 29.62 13.06
C LYS B 310 -2.22 30.35 11.77
N THR B 311 -2.88 31.47 11.54
CA THR B 311 -2.62 32.25 10.33
C THR B 311 -1.33 33.05 10.51
N PRO B 312 -0.65 33.38 9.39
CA PRO B 312 0.60 34.15 9.42
C PRO B 312 0.49 35.43 10.27
N GLU B 313 -0.67 36.06 10.22
CA GLU B 313 -0.93 37.28 10.98
C GLU B 313 -0.92 36.98 12.48
N GLU B 314 -1.80 36.09 12.91
CA GLU B 314 -1.89 35.71 14.32
C GLU B 314 -0.53 35.25 14.84
N LEU B 315 0.26 34.65 13.97
CA LEU B 315 1.59 34.15 14.32
C LEU B 315 2.67 35.22 14.48
N GLN B 316 2.54 36.31 13.74
CA GLN B 316 3.51 37.41 13.80
C GLN B 316 3.37 38.21 15.09
N ALA B 317 2.12 38.52 15.43
CA ALA B 317 1.83 39.28 16.63
C ALA B 317 1.77 38.32 17.81
N GLU B 318 2.72 37.38 17.84
CA GLU B 318 2.77 36.40 18.92
C GLU B 318 4.19 36.27 19.43
N ARG B 319 5.13 36.87 18.71
CA ARG B 319 6.55 36.85 19.07
C ARG B 319 6.97 35.52 19.68
N ASN B 320 6.59 34.41 19.06
CA ASN B 320 6.97 33.11 19.57
C ASN B 320 7.90 32.39 18.61
N PHE B 321 7.72 32.66 17.32
CA PHE B 321 8.55 32.07 16.27
C PHE B 321 10.01 32.42 16.53
N HIS B 322 10.91 31.44 16.40
CA HIS B 322 12.34 31.65 16.64
C HIS B 322 12.84 32.83 15.79
N THR B 323 13.48 33.78 16.44
CA THR B 323 13.98 34.96 15.74
C THR B 323 15.33 34.71 15.08
N VAL B 324 15.38 34.92 13.77
CA VAL B 324 16.61 34.74 13.00
C VAL B 324 16.79 35.95 12.12
N PRO B 325 18.04 36.25 11.72
CA PRO B 325 18.26 37.41 10.85
C PRO B 325 17.39 37.18 9.62
N TYR B 326 16.54 38.16 9.32
CA TYR B 326 15.64 38.03 8.19
C TYR B 326 15.79 39.25 7.26
N MET B 327 16.02 38.98 5.98
CA MET B 327 16.14 40.04 4.99
C MET B 327 14.94 39.95 4.06
N VAL B 328 14.12 40.99 4.07
CA VAL B 328 12.91 41.05 3.25
C VAL B 328 13.08 42.12 2.20
N GLY B 329 12.94 41.76 0.93
CA GLY B 329 13.10 42.75 -0.12
C GLY B 329 12.06 42.67 -1.22
N ILE B 330 11.95 43.73 -2.01
CA ILE B 330 11.00 43.76 -3.12
C ILE B 330 11.67 44.44 -4.31
N ASN B 331 10.97 44.47 -5.43
CA ASN B 331 11.49 45.09 -6.64
C ASN B 331 10.64 46.30 -7.01
N LYS B 332 11.28 47.33 -7.54
CA LYS B 332 10.63 48.56 -7.94
C LYS B 332 9.26 48.37 -8.60
N GLN B 333 9.21 47.53 -9.64
CA GLN B 333 7.97 47.29 -10.37
C GLN B 333 7.61 45.79 -10.41
N GLU B 334 7.20 45.27 -9.26
CA GLU B 334 6.82 43.88 -9.13
C GLU B 334 5.82 43.39 -10.18
N PHE B 335 4.89 44.27 -10.55
CA PHE B 335 3.87 43.90 -11.53
C PHE B 335 4.13 44.58 -12.87
N GLY B 336 5.39 44.91 -13.10
CA GLY B 336 5.78 45.60 -14.32
C GLY B 336 5.54 44.92 -15.66
N TRP B 337 5.85 43.62 -15.76
CA TRP B 337 5.66 42.92 -17.01
C TRP B 337 5.43 41.42 -16.86
N LEU B 338 6.44 40.73 -16.34
CA LEU B 338 6.41 39.28 -16.13
C LEU B 338 5.09 38.70 -15.63
N ILE B 339 4.67 39.09 -14.42
CA ILE B 339 3.45 38.56 -13.85
C ILE B 339 2.21 38.83 -14.70
N PRO B 340 1.99 40.08 -15.10
CA PRO B 340 0.83 40.44 -15.92
C PRO B 340 0.80 39.59 -17.19
N MET B 341 1.96 39.51 -17.84
CA MET B 341 2.13 38.75 -19.07
C MET B 341 1.74 37.29 -18.87
N LEU B 342 2.35 36.65 -17.86
CA LEU B 342 2.06 35.25 -17.58
C LEU B 342 0.58 35.01 -17.32
N MET B 343 0.01 35.75 -16.37
CA MET B 343 -1.41 35.59 -16.05
C MET B 343 -2.31 36.06 -17.19
N SER B 344 -1.71 36.59 -18.24
CA SER B 344 -2.45 37.08 -19.39
C SER B 344 -3.42 38.20 -19.02
N TYR B 345 -2.89 39.30 -18.50
CA TYR B 345 -3.74 40.43 -18.13
C TYR B 345 -4.25 41.16 -19.37
N PRO B 346 -5.50 41.65 -19.30
CA PRO B 346 -6.20 42.38 -20.37
C PRO B 346 -5.54 43.70 -20.78
N LEU B 347 -4.38 44.00 -20.21
CA LEU B 347 -3.67 45.23 -20.51
C LEU B 347 -3.17 45.31 -21.95
N SER B 348 -3.98 44.81 -22.88
CA SER B 348 -3.62 44.84 -24.29
C SER B 348 -3.57 46.27 -24.83
N GLU B 349 -4.52 47.10 -24.40
CA GLU B 349 -4.59 48.48 -24.84
C GLU B 349 -3.46 49.36 -24.34
N GLY B 350 -2.77 48.91 -23.30
CA GLY B 350 -1.67 49.71 -22.75
C GLY B 350 -2.16 51.10 -22.42
N GLN B 351 -3.35 51.18 -21.85
CA GLN B 351 -3.97 52.44 -21.47
C GLN B 351 -5.17 52.08 -20.60
N LEU B 352 -5.44 52.87 -19.58
CA LEU B 352 -6.55 52.54 -18.68
C LEU B 352 -7.31 53.74 -18.13
N ASP B 353 -8.61 53.55 -17.90
CA ASP B 353 -9.46 54.61 -17.36
C ASP B 353 -10.23 54.13 -16.13
N GLN B 354 -10.47 55.05 -15.20
CA GLN B 354 -11.19 54.76 -13.95
C GLN B 354 -12.20 53.61 -14.04
N LYS B 355 -12.95 53.58 -15.13
CA LYS B 355 -13.96 52.54 -15.33
C LYS B 355 -13.38 51.14 -15.44
N THR B 356 -12.57 50.91 -16.47
CA THR B 356 -11.94 49.61 -16.69
C THR B 356 -11.16 49.18 -15.46
N ALA B 357 -10.38 50.11 -14.91
CA ALA B 357 -9.57 49.85 -13.73
C ALA B 357 -10.40 49.22 -12.62
N MET B 358 -11.49 49.86 -12.24
CA MET B 358 -12.35 49.37 -11.18
C MET B 358 -12.92 47.97 -11.45
N SER B 359 -13.11 47.63 -12.72
CA SER B 359 -13.63 46.32 -13.07
C SER B 359 -12.50 45.29 -13.00
N LEU B 360 -11.30 45.73 -13.38
CA LEU B 360 -10.13 44.86 -13.35
C LEU B 360 -9.66 44.60 -11.93
N LEU B 361 -9.56 45.67 -11.14
CA LEU B 361 -9.13 45.52 -9.76
C LEU B 361 -10.11 44.61 -9.03
N TRP B 362 -11.23 44.32 -9.68
CA TRP B 362 -12.25 43.46 -9.11
C TRP B 362 -12.03 42.04 -9.64
N LYS B 363 -11.95 41.90 -10.96
CA LYS B 363 -11.72 40.60 -11.57
C LYS B 363 -10.44 40.00 -11.01
N SER B 364 -9.52 40.87 -10.58
CA SER B 364 -8.25 40.44 -10.03
C SER B 364 -8.35 40.26 -8.52
N TYR B 365 -9.58 40.03 -8.05
CA TYR B 365 -9.85 39.85 -6.62
C TYR B 365 -8.96 38.81 -5.95
N PRO B 366 -8.84 37.62 -6.56
CA PRO B 366 -8.00 36.55 -5.98
C PRO B 366 -6.53 36.91 -5.76
N LEU B 367 -6.09 38.04 -6.30
CA LEU B 367 -4.71 38.46 -6.13
C LEU B 367 -4.55 39.49 -5.03
N VAL B 368 -5.42 40.50 -5.05
CA VAL B 368 -5.35 41.58 -4.09
C VAL B 368 -6.39 41.48 -2.98
N CYS B 369 -7.44 40.71 -3.21
CA CYS B 369 -8.50 40.55 -2.23
C CYS B 369 -9.07 41.88 -1.75
N ILE B 370 -9.35 42.77 -2.69
CA ILE B 370 -9.92 44.06 -2.35
C ILE B 370 -11.42 44.01 -2.63
N ALA B 371 -12.21 44.15 -1.57
CA ALA B 371 -13.67 44.10 -1.68
C ALA B 371 -14.22 45.08 -2.70
N LYS B 372 -15.18 44.61 -3.49
CA LYS B 372 -15.82 45.41 -4.54
C LYS B 372 -16.20 46.81 -4.05
N GLU B 373 -16.62 46.90 -2.80
CA GLU B 373 -17.04 48.16 -2.19
C GLU B 373 -15.87 49.09 -1.94
N LEU B 374 -14.66 48.55 -1.90
CA LEU B 374 -13.47 49.36 -1.66
C LEU B 374 -12.73 49.74 -2.92
N ILE B 375 -13.06 49.09 -4.03
CA ILE B 375 -12.41 49.36 -5.31
C ILE B 375 -12.30 50.86 -5.64
N PRO B 376 -13.37 51.64 -5.38
CA PRO B 376 -13.31 53.08 -5.68
C PRO B 376 -12.14 53.77 -4.98
N GLU B 377 -12.20 53.83 -3.65
CA GLU B 377 -11.15 54.46 -2.86
C GLU B 377 -9.75 54.07 -3.31
N ALA B 378 -9.60 52.82 -3.75
CA ALA B 378 -8.31 52.30 -4.19
C ALA B 378 -7.93 52.84 -5.56
N THR B 379 -8.85 52.76 -6.52
CA THR B 379 -8.58 53.25 -7.86
C THR B 379 -8.30 54.76 -7.83
N GLU B 380 -9.04 55.46 -6.99
CA GLU B 380 -8.92 56.91 -6.85
C GLU B 380 -7.61 57.34 -6.22
N LYS B 381 -7.17 56.60 -5.19
CA LYS B 381 -5.94 56.92 -4.49
C LYS B 381 -4.70 56.76 -5.38
N TYR B 382 -4.78 55.87 -6.38
CA TYR B 382 -3.66 55.62 -7.28
C TYR B 382 -3.84 56.19 -8.69
N LEU B 383 -5.07 56.16 -9.21
CA LEU B 383 -5.34 56.64 -10.55
C LEU B 383 -5.95 58.05 -10.61
N GLY B 384 -6.49 58.52 -9.49
CA GLY B 384 -7.09 59.83 -9.45
C GLY B 384 -6.14 60.97 -9.76
N GLY B 385 -4.91 60.87 -9.25
CA GLY B 385 -3.90 61.89 -9.46
C GLY B 385 -3.86 62.57 -10.81
N THR B 386 -3.65 61.80 -11.88
CA THR B 386 -3.59 62.37 -13.22
C THR B 386 -4.77 61.96 -14.10
N ASP B 387 -4.75 62.44 -15.34
CA ASP B 387 -5.80 62.12 -16.31
C ASP B 387 -5.21 61.35 -17.48
N ASP B 388 -3.90 61.18 -17.46
CA ASP B 388 -3.21 60.46 -18.53
C ASP B 388 -3.52 58.96 -18.43
N THR B 389 -4.45 58.49 -19.25
CA THR B 389 -4.84 57.09 -19.24
C THR B 389 -3.63 56.15 -19.26
N VAL B 390 -2.58 56.54 -19.96
CA VAL B 390 -1.38 55.72 -20.03
C VAL B 390 -0.69 55.72 -18.66
N LYS B 391 -0.79 56.83 -17.94
CA LYS B 391 -0.19 56.92 -16.61
C LYS B 391 -1.06 56.11 -15.65
N LYS B 392 -2.35 56.09 -15.91
CA LYS B 392 -3.30 55.37 -15.07
C LYS B 392 -2.99 53.87 -15.10
N LYS B 393 -2.62 53.38 -16.28
CA LYS B 393 -2.30 51.96 -16.46
C LYS B 393 -1.04 51.61 -15.69
N ASP B 394 -0.04 52.48 -15.76
CA ASP B 394 1.21 52.24 -15.06
C ASP B 394 1.03 52.37 -13.56
N LEU B 395 0.07 53.19 -13.14
CA LEU B 395 -0.18 53.37 -11.71
C LEU B 395 -1.04 52.21 -11.22
N PHE B 396 -1.79 51.61 -12.14
CA PHE B 396 -2.64 50.47 -11.80
C PHE B 396 -1.71 49.32 -11.44
N LEU B 397 -0.56 49.27 -12.12
CA LEU B 397 0.44 48.25 -11.91
C LEU B 397 1.14 48.49 -10.57
N ASP B 398 1.33 49.75 -10.20
CA ASP B 398 1.97 50.06 -8.94
C ASP B 398 0.98 49.80 -7.81
N LEU B 399 -0.30 49.67 -8.15
CA LEU B 399 -1.32 49.41 -7.16
C LEU B 399 -1.27 47.92 -6.82
N ILE B 400 -1.37 47.08 -7.85
CA ILE B 400 -1.33 45.64 -7.67
C ILE B 400 -0.06 45.23 -6.93
N ALA B 401 1.07 45.74 -7.40
CA ALA B 401 2.37 45.42 -6.82
C ALA B 401 2.47 45.80 -5.35
N ASP B 402 1.83 46.90 -4.98
CA ASP B 402 1.89 47.34 -3.60
C ASP B 402 1.05 46.48 -2.69
N VAL B 403 -0.06 45.98 -3.21
CA VAL B 403 -0.95 45.14 -2.45
C VAL B 403 -0.37 43.73 -2.31
N MET B 404 0.22 43.25 -3.39
CA MET B 404 0.81 41.92 -3.40
C MET B 404 2.17 41.79 -2.74
N PHE B 405 3.06 42.75 -2.97
CA PHE B 405 4.40 42.67 -2.39
C PHE B 405 4.83 43.78 -1.45
N GLY B 406 4.76 45.02 -1.93
CA GLY B 406 5.16 46.16 -1.13
C GLY B 406 4.61 46.19 0.29
N VAL B 407 3.31 46.41 0.42
CA VAL B 407 2.70 46.49 1.74
C VAL B 407 2.96 45.26 2.61
N PRO B 408 2.70 44.04 2.08
CA PRO B 408 2.91 42.80 2.83
C PRO B 408 4.35 42.66 3.32
N SER B 409 5.32 42.98 2.46
CA SER B 409 6.71 42.86 2.84
C SER B 409 7.09 43.77 4.01
N VAL B 410 6.64 45.01 3.96
CA VAL B 410 6.95 45.98 5.01
C VAL B 410 6.36 45.53 6.34
N ILE B 411 5.11 45.10 6.29
CA ILE B 411 4.42 44.64 7.51
C ILE B 411 5.16 43.47 8.14
N VAL B 412 5.55 42.50 7.32
CA VAL B 412 6.29 41.35 7.82
C VAL B 412 7.60 41.81 8.44
N ALA B 413 8.34 42.64 7.70
CA ALA B 413 9.62 43.15 8.18
C ALA B 413 9.48 43.90 9.52
N ARG B 414 8.46 44.75 9.62
CA ARG B 414 8.22 45.52 10.84
C ARG B 414 7.97 44.59 12.02
N ASN B 415 7.11 43.59 11.82
CA ASN B 415 6.79 42.64 12.87
C ASN B 415 7.99 41.80 13.26
N HIS B 416 8.86 41.49 12.31
CA HIS B 416 10.05 40.70 12.61
C HIS B 416 10.97 41.53 13.47
N ARG B 417 11.05 42.82 13.14
CA ARG B 417 11.88 43.76 13.88
C ARG B 417 11.32 43.89 15.28
N ASP B 418 10.04 44.25 15.38
CA ASP B 418 9.38 44.43 16.67
C ASP B 418 9.48 43.17 17.55
N ALA B 419 9.65 42.02 16.91
CA ALA B 419 9.79 40.76 17.64
C ALA B 419 11.19 40.71 18.24
N GLY B 420 12.02 41.67 17.86
CA GLY B 420 13.38 41.75 18.38
C GLY B 420 14.46 41.08 17.56
N ALA B 421 14.15 40.67 16.33
CA ALA B 421 15.14 40.00 15.50
C ALA B 421 15.76 40.93 14.44
N PRO B 422 17.04 40.69 14.09
CA PRO B 422 17.73 41.51 13.08
C PRO B 422 16.94 41.49 11.79
N THR B 423 16.50 42.67 11.35
CA THR B 423 15.71 42.78 10.13
C THR B 423 16.41 43.67 9.12
N TYR B 424 16.32 43.29 7.85
CA TYR B 424 16.93 44.06 6.77
C TYR B 424 15.97 44.12 5.60
N MET B 425 15.99 45.23 4.87
CA MET B 425 15.11 45.43 3.73
C MET B 425 15.84 46.09 2.58
N TYR B 426 15.38 45.83 1.37
CA TYR B 426 15.98 46.43 0.19
C TYR B 426 14.94 46.59 -0.89
N GLU B 427 15.18 47.52 -1.80
CA GLU B 427 14.28 47.71 -2.94
C GLU B 427 15.18 47.69 -4.16
N PHE B 428 14.97 46.68 -5.01
CA PHE B 428 15.75 46.51 -6.22
C PHE B 428 15.18 47.29 -7.37
N GLN B 429 15.98 48.17 -7.96
CA GLN B 429 15.56 49.01 -9.07
C GLN B 429 16.63 49.02 -10.16
N TYR B 430 16.56 48.04 -11.07
CA TYR B 430 17.53 47.91 -12.14
C TYR B 430 16.93 47.08 -13.26
N ARG B 431 17.17 47.45 -14.50
CA ARG B 431 16.64 46.66 -15.60
C ARG B 431 17.77 45.83 -16.18
N PRO B 432 17.77 44.52 -15.89
CA PRO B 432 18.82 43.64 -16.40
C PRO B 432 18.81 43.55 -17.93
N SER B 433 19.98 43.33 -18.51
CA SER B 433 20.10 43.23 -19.97
C SER B 433 19.64 41.85 -20.46
N PHE B 434 19.41 40.93 -19.52
CA PHE B 434 18.97 39.59 -19.86
C PHE B 434 17.45 39.55 -19.95
N SER B 435 16.83 40.73 -19.99
CA SER B 435 15.37 40.83 -20.08
C SER B 435 14.91 40.33 -21.44
N SER B 436 13.61 40.03 -21.54
CA SER B 436 13.03 39.56 -22.78
C SER B 436 12.67 40.73 -23.69
N ASP B 437 12.77 40.51 -24.99
CA ASP B 437 12.45 41.53 -25.98
C ASP B 437 11.00 41.99 -25.85
N MET B 438 10.12 41.05 -25.56
CA MET B 438 8.71 41.32 -25.42
C MET B 438 8.45 42.29 -24.28
N LYS B 439 9.45 42.50 -23.44
CA LYS B 439 9.33 43.37 -22.27
C LYS B 439 9.64 44.86 -22.50
N PRO B 440 8.65 45.73 -22.27
CA PRO B 440 8.87 47.17 -22.46
C PRO B 440 10.10 47.66 -21.73
N LYS B 441 10.92 48.43 -22.45
CA LYS B 441 12.16 48.96 -21.93
C LYS B 441 12.02 49.92 -20.74
N THR B 442 10.86 50.54 -20.60
CA THR B 442 10.64 51.48 -19.51
C THR B 442 10.55 50.78 -18.15
N VAL B 443 10.26 49.48 -18.19
CA VAL B 443 10.13 48.67 -16.98
C VAL B 443 11.48 48.46 -16.30
N ILE B 444 11.57 48.89 -15.05
CA ILE B 444 12.80 48.75 -14.29
C ILE B 444 12.50 48.13 -12.92
N GLY B 445 13.21 47.06 -12.59
CA GLY B 445 13.00 46.40 -11.31
C GLY B 445 11.77 45.49 -11.36
N ASP B 446 11.56 44.86 -12.49
CA ASP B 446 10.43 43.97 -12.69
C ASP B 446 10.57 42.74 -11.78
N HIS B 447 9.47 42.01 -11.61
CA HIS B 447 9.46 40.82 -10.78
C HIS B 447 10.59 39.87 -11.17
N GLY B 448 11.38 39.45 -10.18
CA GLY B 448 12.48 38.54 -10.43
C GLY B 448 13.70 39.13 -11.09
N ASP B 449 13.78 40.45 -11.19
CA ASP B 449 14.93 41.07 -11.82
C ASP B 449 16.21 40.95 -11.00
N GLU B 450 16.08 40.91 -9.69
CA GLU B 450 17.24 40.81 -8.82
C GLU B 450 17.90 39.43 -8.92
N LEU B 451 17.18 38.45 -9.45
CA LEU B 451 17.71 37.09 -9.57
C LEU B 451 19.03 37.02 -10.34
N PHE B 452 19.11 37.81 -11.42
CA PHE B 452 20.30 37.83 -12.26
C PHE B 452 21.53 38.34 -11.53
N SER B 453 21.31 39.19 -10.53
CA SER B 453 22.43 39.71 -9.75
C SER B 453 22.78 38.68 -8.67
N VAL B 454 21.78 38.15 -8.00
CA VAL B 454 22.01 37.18 -6.95
C VAL B 454 22.71 35.92 -7.44
N PHE B 455 22.28 35.40 -8.59
CA PHE B 455 22.88 34.19 -9.13
C PHE B 455 24.00 34.40 -10.13
N GLY B 456 24.57 35.60 -10.12
CA GLY B 456 25.68 35.91 -11.00
C GLY B 456 25.45 35.63 -12.46
N ALA B 457 24.25 35.92 -12.96
CA ALA B 457 23.93 35.71 -14.37
C ALA B 457 25.01 36.32 -15.29
N PRO B 458 25.60 37.46 -14.89
CA PRO B 458 26.62 38.10 -15.71
C PRO B 458 27.93 37.32 -15.87
N PHE B 459 28.06 36.19 -15.17
CA PHE B 459 29.28 35.40 -15.28
C PHE B 459 29.05 34.08 -15.99
N LEU B 460 27.83 33.88 -16.48
CA LEU B 460 27.47 32.66 -17.19
C LEU B 460 26.88 33.03 -18.55
N LYS B 461 26.03 34.05 -18.55
CA LYS B 461 25.41 34.53 -19.78
C LYS B 461 26.36 35.51 -20.44
N GLU B 462 25.99 35.99 -21.62
CA GLU B 462 26.83 36.92 -22.37
C GLU B 462 26.22 38.30 -22.55
N GLY B 463 27.07 39.28 -22.84
CA GLY B 463 26.59 40.64 -23.06
C GLY B 463 26.45 41.52 -21.84
N ALA B 464 27.01 41.10 -20.71
CA ALA B 464 26.92 41.90 -19.49
C ALA B 464 27.94 43.04 -19.49
N SER B 465 27.47 44.25 -19.22
CA SER B 465 28.34 45.42 -19.18
C SER B 465 29.12 45.45 -17.88
N GLU B 466 30.16 46.27 -17.83
CA GLU B 466 30.96 46.36 -16.62
C GLU B 466 30.08 46.78 -15.44
N GLU B 467 29.03 47.54 -15.73
CA GLU B 467 28.12 47.99 -14.68
C GLU B 467 27.28 46.86 -14.10
N GLU B 468 26.71 46.04 -14.99
CA GLU B 468 25.88 44.92 -14.57
C GLU B 468 26.73 43.90 -13.81
N ILE B 469 27.97 43.74 -14.25
CA ILE B 469 28.90 42.82 -13.62
C ILE B 469 29.21 43.32 -12.22
N ARG B 470 29.41 44.62 -12.08
CA ARG B 470 29.73 45.22 -10.80
C ARG B 470 28.54 45.07 -9.83
N LEU B 471 27.34 45.24 -10.35
CA LEU B 471 26.12 45.12 -9.57
C LEU B 471 25.95 43.72 -8.99
N SER B 472 26.17 42.72 -9.82
CA SER B 472 26.01 41.33 -9.38
C SER B 472 27.05 40.97 -8.32
N LYS B 473 28.29 41.41 -8.50
CA LYS B 473 29.34 41.12 -7.52
C LYS B 473 28.96 41.69 -6.14
N MET B 474 28.49 42.94 -6.14
CA MET B 474 28.09 43.58 -4.88
C MET B 474 26.91 42.83 -4.25
N VAL B 475 25.88 42.54 -5.05
CA VAL B 475 24.71 41.83 -4.55
C VAL B 475 25.09 40.51 -3.92
N MET B 476 25.95 39.76 -4.61
CA MET B 476 26.37 38.47 -4.10
C MET B 476 27.12 38.59 -2.77
N LYS B 477 27.97 39.60 -2.64
CA LYS B 477 28.70 39.80 -1.39
C LYS B 477 27.72 40.09 -0.26
N PHE B 478 26.74 40.94 -0.54
CA PHE B 478 25.72 41.29 0.42
C PHE B 478 25.00 40.02 0.87
N TRP B 479 24.52 39.25 -0.11
CA TRP B 479 23.81 38.02 0.18
C TRP B 479 24.71 37.04 0.92
N ALA B 480 25.93 36.82 0.44
CA ALA B 480 26.85 35.90 1.10
C ALA B 480 27.22 36.38 2.52
N ASN B 481 27.43 37.69 2.68
CA ASN B 481 27.79 38.23 3.99
C ASN B 481 26.65 37.98 4.97
N PHE B 482 25.43 38.22 4.51
CA PHE B 482 24.26 38.01 5.34
C PHE B 482 24.21 36.57 5.79
N ALA B 483 24.66 35.68 4.90
CA ALA B 483 24.67 34.26 5.17
C ALA B 483 25.64 33.90 6.28
N ARG B 484 26.87 34.41 6.20
CA ARG B 484 27.82 34.08 7.24
C ARG B 484 27.71 34.90 8.52
N ASN B 485 27.14 36.10 8.46
CA ASN B 485 27.04 36.94 9.66
C ASN B 485 25.67 37.40 10.12
N GLY B 486 24.65 37.22 9.30
CA GLY B 486 23.33 37.67 9.69
C GLY B 486 23.27 39.17 9.56
N ASN B 487 24.24 39.72 8.82
CA ASN B 487 24.37 41.16 8.55
C ASN B 487 25.02 41.25 7.17
N PRO B 488 24.41 41.98 6.24
CA PRO B 488 24.97 42.11 4.89
C PRO B 488 26.23 42.97 4.69
N ASN B 489 26.51 43.85 5.63
CA ASN B 489 27.67 44.72 5.50
C ASN B 489 29.02 44.02 5.39
N GLY B 490 29.95 44.70 4.74
CA GLY B 490 31.29 44.17 4.55
C GLY B 490 32.15 45.28 3.99
N GLU B 491 33.45 45.24 4.28
CA GLU B 491 34.36 46.27 3.78
C GLU B 491 34.28 46.40 2.27
N GLY B 492 34.13 47.63 1.80
CA GLY B 492 34.06 47.87 0.37
C GLY B 492 32.65 47.96 -0.21
N LEU B 493 31.65 47.68 0.61
CA LEU B 493 30.27 47.72 0.17
C LEU B 493 29.51 48.89 0.78
N PRO B 494 28.61 49.50 0.00
CA PRO B 494 27.85 50.63 0.55
C PRO B 494 27.14 50.20 1.84
N HIS B 495 27.09 51.08 2.82
CA HIS B 495 26.45 50.75 4.09
C HIS B 495 24.98 50.39 3.98
N TRP B 496 24.62 49.26 4.60
CA TRP B 496 23.24 48.78 4.61
C TRP B 496 22.73 48.99 6.03
N PRO B 497 21.80 49.93 6.22
CA PRO B 497 21.26 50.18 7.56
C PRO B 497 20.31 49.08 8.00
N GLU B 498 20.36 48.74 9.29
CA GLU B 498 19.47 47.72 9.82
C GLU B 498 18.08 48.33 9.79
N TYR B 499 17.06 47.50 9.59
CA TYR B 499 15.69 47.97 9.53
C TYR B 499 15.09 48.02 10.94
N ASN B 500 15.36 49.10 11.66
CA ASN B 500 14.83 49.30 13.01
C ASN B 500 13.71 50.34 12.97
N GLN B 501 13.61 51.14 14.03
CA GLN B 501 12.58 52.17 14.10
C GLN B 501 12.69 53.23 13.01
N LYS B 502 13.92 53.57 12.62
CA LYS B 502 14.12 54.56 11.57
C LYS B 502 13.68 53.97 10.24
N GLU B 503 13.51 52.65 10.21
CA GLU B 503 13.10 51.92 9.03
C GLU B 503 14.02 52.15 7.83
N GLY B 504 15.31 52.05 8.07
CA GLY B 504 16.27 52.23 6.99
C GLY B 504 16.35 51.00 6.09
N TYR B 505 16.52 51.24 4.80
CA TYR B 505 16.65 50.15 3.84
C TYR B 505 17.67 50.51 2.78
N LEU B 506 17.96 49.57 1.89
CA LEU B 506 18.95 49.80 0.85
C LEU B 506 18.33 49.77 -0.54
N GLN B 507 18.59 50.81 -1.31
CA GLN B 507 18.09 50.87 -2.68
C GLN B 507 19.23 50.31 -3.52
N ILE B 508 18.97 49.16 -4.14
CA ILE B 508 19.99 48.50 -4.94
C ILE B 508 19.80 48.74 -6.43
N GLY B 509 20.85 49.27 -7.07
CA GLY B 509 20.80 49.54 -8.49
C GLY B 509 22.05 50.24 -8.97
N ALA B 510 21.95 50.94 -10.10
CA ALA B 510 23.08 51.67 -10.67
C ALA B 510 23.72 52.49 -9.56
N ASN B 511 22.88 53.07 -8.71
CA ASN B 511 23.34 53.86 -7.58
C ASN B 511 22.75 53.23 -6.32
N THR B 512 23.56 52.42 -5.64
CA THR B 512 23.12 51.75 -4.41
C THR B 512 23.36 52.60 -3.18
N GLN B 513 22.27 52.99 -2.52
CA GLN B 513 22.36 53.82 -1.32
C GLN B 513 21.20 53.60 -0.35
N ALA B 514 21.42 53.94 0.91
CA ALA B 514 20.41 53.78 1.95
C ALA B 514 19.34 54.86 1.85
N ALA B 515 18.12 54.48 2.23
CA ALA B 515 16.98 55.40 2.22
C ALA B 515 16.19 55.07 3.49
N GLN B 516 14.99 55.61 3.63
CA GLN B 516 14.20 55.34 4.82
C GLN B 516 12.68 55.28 4.62
N LYS B 517 12.04 54.43 5.42
CA LYS B 517 10.60 54.25 5.39
C LYS B 517 10.02 53.82 4.03
N LEU B 518 10.37 52.61 3.61
CA LEU B 518 9.90 52.08 2.34
C LEU B 518 8.40 51.86 2.39
N LYS B 519 7.70 52.27 1.34
CA LYS B 519 6.26 52.10 1.23
C LYS B 519 5.47 52.60 2.42
N ASP B 520 6.17 53.15 3.41
CA ASP B 520 5.54 53.67 4.62
C ASP B 520 4.14 54.27 4.43
N LYS B 521 3.97 55.12 3.42
CA LYS B 521 2.68 55.73 3.17
C LYS B 521 1.67 54.77 2.60
N GLU B 522 2.10 53.92 1.66
CA GLU B 522 1.22 52.93 1.05
C GLU B 522 0.72 51.97 2.14
N VAL B 523 1.61 51.59 3.04
CA VAL B 523 1.26 50.69 4.12
C VAL B 523 0.12 51.30 4.94
N ALA B 524 0.26 52.58 5.25
CA ALA B 524 -0.75 53.29 6.03
C ALA B 524 -2.11 53.27 5.34
N PHE B 525 -2.13 53.70 4.09
CA PHE B 525 -3.37 53.73 3.31
C PHE B 525 -4.10 52.40 3.27
N TRP B 526 -3.40 51.36 2.85
CA TRP B 526 -4.00 50.03 2.76
C TRP B 526 -4.42 49.43 4.09
N THR B 527 -3.56 49.52 5.10
CA THR B 527 -3.92 48.96 6.40
C THR B 527 -5.27 49.52 6.83
N ASN B 528 -5.44 50.81 6.62
CA ASN B 528 -6.69 51.49 6.98
C ASN B 528 -7.88 51.00 6.15
N LEU B 529 -7.75 51.09 4.83
CA LEU B 529 -8.81 50.65 3.92
C LEU B 529 -9.34 49.27 4.26
N PHE B 530 -8.48 48.26 4.09
CA PHE B 530 -8.83 46.88 4.38
C PHE B 530 -9.57 46.75 5.71
N ALA B 531 -9.20 47.59 6.66
CA ALA B 531 -9.83 47.58 7.97
C ALA B 531 -11.22 48.20 7.89
N LYS B 532 -12.05 47.69 6.98
CA LYS B 532 -13.40 48.20 6.80
C LYS B 532 -14.35 47.15 6.22
N SER C 2 -3.87 -42.39 9.03
CA SER C 2 -4.46 -41.07 9.27
C SER C 2 -3.47 -39.96 8.92
N PRO C 3 -3.94 -38.94 8.18
CA PRO C 3 -3.13 -37.80 7.73
C PRO C 3 -2.15 -37.24 8.75
N PRO C 4 -0.90 -37.01 8.33
CA PRO C 4 0.14 -36.46 9.22
C PRO C 4 -0.01 -34.94 9.39
N VAL C 5 0.03 -34.49 10.64
CA VAL C 5 -0.08 -33.06 10.92
C VAL C 5 1.14 -32.57 11.67
N VAL C 6 1.80 -31.57 11.10
CA VAL C 6 3.01 -30.99 11.69
C VAL C 6 2.77 -29.53 12.08
N ASP C 7 3.36 -29.10 13.19
CA ASP C 7 3.21 -27.73 13.64
C ASP C 7 4.41 -26.89 13.23
N THR C 8 4.20 -26.01 12.26
CA THR C 8 5.29 -25.14 11.81
C THR C 8 5.19 -23.84 12.59
N VAL C 9 6.22 -23.01 12.46
CA VAL C 9 6.25 -21.72 13.14
C VAL C 9 4.97 -20.93 12.89
N HIS C 10 4.46 -20.96 11.66
CA HIS C 10 3.27 -20.21 11.33
C HIS C 10 1.92 -20.93 11.39
N GLY C 11 1.89 -22.15 11.88
CA GLY C 11 0.63 -22.86 11.97
C GLY C 11 0.72 -24.32 11.59
N LYS C 12 -0.34 -25.08 11.81
CA LYS C 12 -0.34 -26.50 11.51
C LYS C 12 -0.58 -26.80 10.03
N VAL C 13 0.15 -27.80 9.52
CA VAL C 13 0.01 -28.21 8.13
C VAL C 13 -0.37 -29.69 8.07
N LEU C 14 -1.38 -29.98 7.26
CA LEU C 14 -1.90 -31.32 7.06
C LEU C 14 -1.40 -31.87 5.71
N GLY C 15 -0.69 -33.00 5.75
CA GLY C 15 -0.19 -33.60 4.53
C GLY C 15 -0.85 -34.95 4.27
N LYS C 16 -0.15 -35.85 3.59
CA LYS C 16 -0.69 -37.18 3.31
C LYS C 16 0.44 -38.20 3.19
N PHE C 17 0.14 -39.44 3.57
CA PHE C 17 1.10 -40.53 3.51
C PHE C 17 1.04 -41.22 2.16
N VAL C 18 2.20 -41.52 1.61
CA VAL C 18 2.26 -42.23 0.34
C VAL C 18 3.27 -43.33 0.49
N SER C 19 3.00 -44.46 -0.15
CA SER C 19 3.89 -45.61 -0.09
C SER C 19 4.52 -45.90 -1.44
N LEU C 20 5.83 -46.14 -1.43
CA LEU C 20 6.56 -46.46 -2.63
C LEU C 20 6.75 -47.97 -2.61
N GLU C 21 6.07 -48.67 -3.51
CA GLU C 21 6.14 -50.14 -3.59
C GLU C 21 7.43 -50.71 -3.00
N GLY C 22 7.28 -51.56 -1.99
CA GLY C 22 8.45 -52.18 -1.37
C GLY C 22 8.87 -51.60 -0.05
N PHE C 23 8.66 -50.30 0.13
CA PHE C 23 9.03 -49.68 1.39
C PHE C 23 7.92 -49.70 2.42
N ALA C 24 8.23 -50.22 3.58
CA ALA C 24 7.26 -50.32 4.65
C ALA C 24 6.95 -48.94 5.24
N GLN C 25 7.99 -48.17 5.55
CA GLN C 25 7.80 -46.84 6.11
C GLN C 25 7.15 -45.89 5.10
N PRO C 26 5.96 -45.36 5.43
CA PRO C 26 5.27 -44.44 4.52
C PRO C 26 6.05 -43.14 4.43
N VAL C 27 5.90 -42.43 3.32
CA VAL C 27 6.58 -41.14 3.18
C VAL C 27 5.52 -40.06 3.36
N ALA C 28 5.79 -39.12 4.26
CA ALA C 28 4.87 -38.02 4.53
C ALA C 28 5.12 -36.92 3.50
N ILE C 29 4.12 -36.66 2.66
CA ILE C 29 4.24 -35.64 1.62
C ILE C 29 3.37 -34.43 1.87
N PHE C 30 4.01 -33.25 1.88
CA PHE C 30 3.33 -31.99 2.09
C PHE C 30 3.48 -31.12 0.85
N LEU C 31 2.35 -30.72 0.28
CA LEU C 31 2.32 -29.93 -0.95
C LEU C 31 1.76 -28.52 -0.81
N GLY C 32 2.58 -27.54 -1.17
CA GLY C 32 2.16 -26.15 -1.12
C GLY C 32 2.32 -25.43 0.20
N ILE C 33 3.45 -25.61 0.87
CA ILE C 33 3.65 -24.92 2.12
C ILE C 33 4.20 -23.52 1.81
N PRO C 34 3.46 -22.47 2.20
CA PRO C 34 3.90 -21.09 1.95
C PRO C 34 5.07 -20.73 2.84
N PHE C 35 6.12 -20.16 2.27
CA PHE C 35 7.28 -19.78 3.06
C PHE C 35 7.51 -18.28 3.03
N ALA C 36 6.55 -17.55 2.47
CA ALA C 36 6.65 -16.11 2.38
C ALA C 36 5.30 -15.50 2.06
N LYS C 37 5.18 -14.20 2.28
CA LYS C 37 3.94 -13.51 2.00
C LYS C 37 3.81 -13.44 0.47
N PRO C 38 2.59 -13.65 -0.07
CA PRO C 38 2.39 -13.59 -1.52
C PRO C 38 2.85 -12.24 -2.06
N PRO C 39 3.90 -12.22 -2.89
CA PRO C 39 4.45 -10.99 -3.49
C PRO C 39 3.53 -10.33 -4.51
N LEU C 40 2.35 -9.93 -4.06
CA LEU C 40 1.38 -9.30 -4.95
C LEU C 40 1.41 -7.79 -4.84
N GLY C 41 0.90 -7.13 -5.87
CA GLY C 41 0.84 -5.68 -5.90
C GLY C 41 2.09 -4.94 -5.46
N PRO C 42 1.99 -4.14 -4.39
CA PRO C 42 3.16 -3.40 -3.89
C PRO C 42 4.37 -4.25 -3.52
N LEU C 43 4.15 -5.53 -3.23
CA LEU C 43 5.27 -6.41 -2.85
C LEU C 43 6.04 -6.93 -4.07
N ARG C 44 5.61 -6.54 -5.26
CA ARG C 44 6.29 -6.96 -6.47
C ARG C 44 7.62 -6.18 -6.59
N PHE C 45 8.70 -6.90 -6.87
CA PHE C 45 10.04 -6.32 -6.99
C PHE C 45 10.54 -5.86 -5.63
N THR C 46 10.24 -6.63 -4.59
CA THR C 46 10.69 -6.31 -3.24
C THR C 46 11.14 -7.61 -2.59
N PRO C 47 12.02 -7.52 -1.58
CA PRO C 47 12.47 -8.74 -0.92
C PRO C 47 11.27 -9.50 -0.35
N PRO C 48 11.32 -10.84 -0.37
CA PRO C 48 10.21 -11.64 0.15
C PRO C 48 10.02 -11.36 1.62
N GLN C 49 8.77 -11.31 2.05
CA GLN C 49 8.45 -11.05 3.45
C GLN C 49 7.90 -12.32 4.08
N PRO C 50 8.00 -12.43 5.41
CA PRO C 50 7.50 -13.62 6.10
C PRO C 50 6.00 -13.84 5.91
N ALA C 51 5.60 -15.10 5.82
CA ALA C 51 4.19 -15.44 5.66
C ALA C 51 3.45 -15.14 6.95
N GLU C 52 2.21 -14.68 6.81
CA GLU C 52 1.36 -14.37 7.96
C GLU C 52 0.95 -15.71 8.57
N PRO C 53 0.90 -15.80 9.91
CA PRO C 53 0.51 -17.09 10.51
C PRO C 53 -0.97 -17.39 10.30
N TRP C 54 -1.32 -18.67 10.24
CA TRP C 54 -2.71 -19.10 10.04
C TRP C 54 -3.23 -19.77 11.31
N SER C 55 -4.55 -19.67 11.49
CA SER C 55 -5.19 -20.21 12.67
C SER C 55 -5.29 -21.71 12.88
N PHE C 56 -6.12 -22.40 12.11
CA PHE C 56 -6.28 -23.82 12.36
C PHE C 56 -5.32 -24.66 11.55
N VAL C 57 -5.78 -25.77 11.01
CA VAL C 57 -4.95 -26.67 10.20
C VAL C 57 -4.95 -26.29 8.71
N LYS C 58 -3.77 -26.00 8.16
CA LYS C 58 -3.66 -25.67 6.74
C LYS C 58 -3.52 -26.97 5.96
N ASN C 59 -4.40 -27.13 4.98
CA ASN C 59 -4.44 -28.33 4.16
C ASN C 59 -3.40 -28.31 3.03
N ALA C 60 -2.18 -28.80 3.29
CA ALA C 60 -1.14 -28.81 2.26
C ALA C 60 -1.18 -30.08 1.41
N THR C 61 -2.22 -30.22 0.59
CA THR C 61 -2.37 -31.42 -0.24
C THR C 61 -2.64 -31.13 -1.72
N SER C 62 -2.22 -29.97 -2.20
CA SER C 62 -2.40 -29.60 -3.60
C SER C 62 -1.11 -28.97 -4.13
N TYR C 63 -0.79 -29.24 -5.38
CA TYR C 63 0.42 -28.66 -5.96
C TYR C 63 0.23 -27.15 -6.04
N PRO C 64 1.25 -26.39 -5.62
CA PRO C 64 1.06 -24.95 -5.69
C PRO C 64 1.20 -24.49 -7.13
N PRO C 65 0.80 -23.26 -7.42
CA PRO C 65 0.93 -22.80 -8.80
C PRO C 65 2.43 -22.59 -9.07
N MET C 66 2.82 -22.60 -10.34
CA MET C 66 4.22 -22.33 -10.65
C MET C 66 4.23 -20.82 -10.89
N CYS C 67 5.37 -20.17 -10.67
CA CYS C 67 5.46 -18.72 -10.86
C CYS C 67 5.14 -18.35 -12.30
N THR C 68 4.57 -17.16 -12.48
CA THR C 68 4.21 -16.71 -13.82
C THR C 68 5.35 -16.90 -14.80
N GLN C 69 5.05 -17.54 -15.92
CA GLN C 69 6.04 -17.80 -16.95
C GLN C 69 5.32 -18.10 -18.25
N ASP C 70 6.10 -18.26 -19.31
CA ASP C 70 5.56 -18.60 -20.62
C ASP C 70 4.82 -19.92 -20.38
N PRO C 71 3.48 -19.94 -20.50
CA PRO C 71 2.82 -21.22 -20.25
C PRO C 71 3.21 -22.36 -21.19
N LYS C 72 3.59 -22.05 -22.42
CA LYS C 72 3.97 -23.11 -23.36
C LYS C 72 5.35 -23.69 -23.07
N ALA C 73 6.35 -22.82 -22.97
CA ALA C 73 7.72 -23.27 -22.68
C ALA C 73 7.79 -23.94 -21.32
N GLY C 74 6.99 -23.44 -20.38
CA GLY C 74 6.98 -23.99 -19.04
C GLY C 74 6.42 -25.38 -18.93
N GLN C 75 5.27 -25.62 -19.58
CA GLN C 75 4.65 -26.94 -19.53
C GLN C 75 5.54 -27.93 -20.27
N LEU C 76 6.22 -27.43 -21.29
CA LEU C 76 7.10 -28.25 -22.10
C LEU C 76 8.32 -28.71 -21.29
N LEU C 77 8.96 -27.78 -20.60
CA LEU C 77 10.13 -28.13 -19.80
C LEU C 77 9.74 -29.10 -18.69
N SER C 78 8.57 -28.90 -18.09
CA SER C 78 8.11 -29.76 -17.02
C SER C 78 7.86 -31.19 -17.54
N GLU C 79 7.30 -31.29 -18.74
CA GLU C 79 7.04 -32.60 -19.33
C GLU C 79 8.32 -33.31 -19.72
N LEU C 80 9.38 -32.55 -19.96
CA LEU C 80 10.65 -33.13 -20.34
C LEU C 80 11.52 -33.51 -19.15
N PHE C 81 11.33 -32.82 -18.02
CA PHE C 81 12.14 -33.07 -16.83
C PHE C 81 11.49 -33.89 -15.72
N THR C 82 10.16 -33.95 -15.70
CA THR C 82 9.48 -34.66 -14.64
C THR C 82 9.98 -36.09 -14.46
N ASN C 83 10.06 -36.53 -13.21
CA ASN C 83 10.54 -37.87 -12.94
C ASN C 83 9.39 -38.79 -12.56
N ARG C 84 8.19 -38.23 -12.49
CA ARG C 84 7.02 -39.01 -12.13
C ARG C 84 6.30 -39.53 -13.38
N LYS C 85 5.49 -40.57 -13.19
CA LYS C 85 4.74 -41.19 -14.29
C LYS C 85 3.98 -40.22 -15.19
N GLU C 86 2.94 -39.60 -14.65
CA GLU C 86 2.13 -38.69 -15.43
C GLU C 86 2.37 -37.22 -15.06
N ASN C 87 2.65 -36.40 -16.07
CA ASN C 87 2.90 -34.98 -15.84
C ASN C 87 1.69 -34.35 -15.15
N ILE C 88 1.95 -33.35 -14.33
CA ILE C 88 0.89 -32.67 -13.61
C ILE C 88 0.62 -31.28 -14.15
N PRO C 89 -0.60 -31.04 -14.65
CA PRO C 89 -0.93 -29.73 -15.19
C PRO C 89 -0.80 -28.69 -14.08
N LEU C 90 -0.05 -27.62 -14.33
CA LEU C 90 0.13 -26.61 -13.31
C LEU C 90 -0.53 -25.28 -13.65
N LYS C 91 -0.94 -24.58 -12.62
CA LYS C 91 -1.60 -23.29 -12.74
C LYS C 91 -0.51 -22.21 -12.67
N LEU C 92 -0.81 -21.02 -13.17
CA LEU C 92 0.12 -19.90 -13.15
C LEU C 92 -0.34 -18.85 -12.15
N SER C 93 0.60 -18.24 -11.45
CA SER C 93 0.27 -17.18 -10.50
C SER C 93 1.50 -16.52 -9.90
N GLU C 94 1.33 -15.27 -9.47
CA GLU C 94 2.41 -14.55 -8.85
C GLU C 94 2.50 -15.10 -7.43
N ASP C 95 1.39 -15.67 -6.98
CA ASP C 95 1.29 -16.27 -5.66
C ASP C 95 1.94 -17.64 -5.85
N CYS C 96 3.26 -17.70 -5.72
CA CYS C 96 3.96 -18.95 -5.97
C CYS C 96 5.11 -19.29 -5.02
N LEU C 97 5.27 -18.53 -3.94
CA LEU C 97 6.36 -18.84 -3.02
C LEU C 97 5.99 -19.98 -2.06
N TYR C 98 6.02 -21.20 -2.57
CA TYR C 98 5.70 -22.39 -1.79
C TYR C 98 6.82 -23.41 -1.97
N LEU C 99 6.76 -24.46 -1.18
CA LEU C 99 7.74 -25.52 -1.29
C LEU C 99 7.04 -26.84 -0.99
N ASN C 100 7.62 -27.93 -1.47
CA ASN C 100 7.05 -29.25 -1.26
C ASN C 100 8.01 -30.07 -0.43
N ILE C 101 7.48 -30.80 0.55
CA ILE C 101 8.30 -31.63 1.42
C ILE C 101 7.98 -33.11 1.33
N TYR C 102 9.04 -33.90 1.19
CA TYR C 102 8.92 -35.35 1.15
C TYR C 102 9.83 -35.80 2.27
N THR C 103 9.24 -36.46 3.27
CA THR C 103 10.01 -36.92 4.41
C THR C 103 9.68 -38.36 4.80
N PRO C 104 10.72 -39.19 4.93
CA PRO C 104 10.63 -40.61 5.30
C PRO C 104 10.80 -40.81 6.81
N ALA C 105 10.98 -39.72 7.54
CA ALA C 105 11.15 -39.81 8.99
C ALA C 105 9.83 -40.19 9.64
N ASP C 106 9.91 -40.76 10.84
CA ASP C 106 8.71 -41.12 11.57
C ASP C 106 8.34 -39.87 12.34
N LEU C 107 7.29 -39.19 11.89
CA LEU C 107 6.88 -37.96 12.53
C LEU C 107 6.38 -38.07 13.96
N THR C 108 5.91 -39.24 14.38
CA THR C 108 5.43 -39.40 15.76
C THR C 108 6.63 -39.47 16.70
N LYS C 109 7.81 -39.66 16.13
CA LYS C 109 9.04 -39.73 16.91
C LYS C 109 9.91 -38.55 16.49
N LYS C 110 11.09 -38.43 17.07
CA LYS C 110 12.00 -37.36 16.70
C LYS C 110 13.02 -37.91 15.73
N ASN C 111 13.41 -37.10 14.74
CA ASN C 111 14.38 -37.52 13.73
C ASN C 111 15.13 -36.31 13.18
N ARG C 112 16.35 -36.53 12.72
CA ARG C 112 17.18 -35.47 12.17
C ARG C 112 17.84 -35.94 10.89
N LEU C 113 17.04 -36.40 9.94
CA LEU C 113 17.56 -36.88 8.67
C LEU C 113 18.18 -35.73 7.88
N PRO C 114 19.26 -36.00 7.14
CA PRO C 114 19.85 -34.90 6.37
C PRO C 114 18.79 -34.31 5.43
N VAL C 115 18.90 -33.01 5.13
CA VAL C 115 17.92 -32.34 4.29
C VAL C 115 18.50 -31.93 2.92
N MET C 116 17.77 -32.27 1.86
CA MET C 116 18.19 -31.92 0.52
C MET C 116 17.18 -31.01 -0.15
N VAL C 117 17.54 -29.73 -0.25
CA VAL C 117 16.69 -28.71 -0.84
C VAL C 117 17.01 -28.58 -2.32
N TRP C 118 16.03 -28.90 -3.16
CA TRP C 118 16.18 -28.83 -4.62
C TRP C 118 15.73 -27.52 -5.25
N ILE C 119 16.57 -26.96 -6.12
CA ILE C 119 16.28 -25.71 -6.82
C ILE C 119 16.20 -25.98 -8.31
N HIS C 120 15.00 -25.92 -8.87
CA HIS C 120 14.80 -26.20 -10.28
C HIS C 120 15.45 -25.19 -11.24
N GLY C 121 15.74 -25.66 -12.45
CA GLY C 121 16.33 -24.83 -13.47
C GLY C 121 15.25 -24.33 -14.43
N GLY C 122 15.67 -23.67 -15.50
CA GLY C 122 14.73 -23.14 -16.46
C GLY C 122 15.14 -21.73 -16.87
N GLY C 123 16.44 -21.49 -16.89
CA GLY C 123 17.00 -20.21 -17.28
C GLY C 123 16.54 -19.02 -16.44
N LEU C 124 15.96 -19.31 -15.28
CA LEU C 124 15.45 -18.29 -14.36
C LEU C 124 14.23 -17.63 -14.98
N MET C 125 13.71 -18.24 -16.04
CA MET C 125 12.54 -17.73 -16.76
C MET C 125 11.33 -18.67 -16.63
N VAL C 126 11.59 -19.97 -16.55
CA VAL C 126 10.52 -20.96 -16.42
C VAL C 126 10.90 -22.01 -15.37
N GLY C 127 9.96 -22.92 -15.08
CA GLY C 127 10.22 -23.94 -14.11
C GLY C 127 9.24 -23.99 -12.96
N ALA C 128 9.39 -24.99 -12.11
CA ALA C 128 8.52 -25.19 -10.96
C ALA C 128 9.07 -26.31 -10.08
N ALA C 129 8.66 -26.31 -8.82
CA ALA C 129 9.09 -27.34 -7.88
C ALA C 129 8.28 -28.63 -8.06
N SER C 130 6.98 -28.46 -8.32
CA SER C 130 6.07 -29.58 -8.49
C SER C 130 6.49 -30.55 -9.59
N THR C 131 7.39 -30.11 -10.45
CA THR C 131 7.85 -30.97 -11.53
C THR C 131 8.63 -32.16 -10.96
N TYR C 132 9.35 -31.93 -9.87
CA TYR C 132 10.17 -32.96 -9.25
C TYR C 132 9.53 -33.64 -8.04
N ASP C 133 9.22 -34.93 -8.19
CA ASP C 133 8.62 -35.72 -7.12
C ASP C 133 9.77 -36.31 -6.30
N GLY C 134 9.82 -35.94 -5.01
CA GLY C 134 10.89 -36.44 -4.16
C GLY C 134 10.68 -37.77 -3.48
N LEU C 135 9.54 -38.40 -3.71
CA LEU C 135 9.19 -39.67 -3.11
C LEU C 135 10.29 -40.74 -3.17
N ALA C 136 10.81 -41.00 -4.36
CA ALA C 136 11.83 -42.02 -4.54
C ALA C 136 13.14 -41.75 -3.80
N LEU C 137 13.71 -40.57 -3.97
CA LEU C 137 14.96 -40.21 -3.31
C LEU C 137 14.79 -40.24 -1.79
N ALA C 138 13.64 -39.76 -1.33
CA ALA C 138 13.34 -39.74 0.08
C ALA C 138 13.36 -41.17 0.63
N ALA C 139 12.51 -42.02 0.06
CA ALA C 139 12.42 -43.42 0.47
C ALA C 139 13.71 -44.22 0.36
N HIS C 140 14.37 -44.12 -0.80
CA HIS C 140 15.60 -44.88 -1.05
C HIS C 140 16.87 -44.50 -0.29
N GLU C 141 16.97 -43.26 0.16
CA GLU C 141 18.17 -42.83 0.88
C GLU C 141 17.89 -42.27 2.26
N ASN C 142 16.62 -42.24 2.63
CA ASN C 142 16.19 -41.76 3.93
C ASN C 142 16.64 -40.32 4.24
N VAL C 143 16.28 -39.40 3.37
CA VAL C 143 16.60 -38.00 3.54
C VAL C 143 15.33 -37.22 3.31
N VAL C 144 15.28 -35.99 3.80
CA VAL C 144 14.12 -35.16 3.60
C VAL C 144 14.37 -34.40 2.30
N VAL C 145 13.43 -34.46 1.38
CA VAL C 145 13.59 -33.75 0.11
C VAL C 145 12.66 -32.56 0.10
N VAL C 146 13.22 -31.39 -0.20
CA VAL C 146 12.45 -30.16 -0.25
C VAL C 146 12.64 -29.49 -1.60
N THR C 147 11.56 -29.39 -2.37
CA THR C 147 11.59 -28.72 -3.67
C THR C 147 11.01 -27.31 -3.45
N ILE C 148 11.74 -26.28 -3.88
CA ILE C 148 11.27 -24.92 -3.67
C ILE C 148 10.99 -24.16 -4.95
N GLN C 149 10.29 -23.05 -4.81
CA GLN C 149 9.98 -22.20 -5.95
C GLN C 149 10.46 -20.79 -5.65
N TYR C 150 10.73 -20.03 -6.72
CA TYR C 150 11.21 -18.66 -6.59
C TYR C 150 10.71 -17.90 -7.80
N ARG C 151 10.37 -16.62 -7.62
CA ARG C 151 9.88 -15.78 -8.72
C ARG C 151 10.79 -15.89 -9.96
N LEU C 152 10.15 -15.88 -11.12
CA LEU C 152 10.87 -16.01 -12.38
C LEU C 152 10.76 -14.78 -13.28
N GLY C 153 11.55 -14.78 -14.34
CA GLY C 153 11.55 -13.69 -15.30
C GLY C 153 11.50 -12.30 -14.70
N ILE C 154 10.66 -11.45 -15.29
CA ILE C 154 10.51 -10.08 -14.83
C ILE C 154 10.25 -10.02 -13.33
N TRP C 155 9.31 -10.83 -12.87
CA TRP C 155 8.95 -10.86 -11.47
C TRP C 155 10.12 -11.11 -10.55
N GLY C 156 10.94 -12.10 -10.86
CA GLY C 156 12.05 -12.40 -9.99
C GLY C 156 13.36 -11.72 -10.29
N PHE C 157 13.50 -11.10 -11.47
CA PHE C 157 14.78 -10.51 -11.81
C PHE C 157 14.82 -9.12 -12.43
N PHE C 158 13.70 -8.41 -12.44
CA PHE C 158 13.70 -7.06 -12.98
C PHE C 158 14.60 -6.19 -12.08
N SER C 159 15.53 -5.48 -12.71
CA SER C 159 16.47 -4.63 -12.00
C SER C 159 16.75 -3.33 -12.74
N THR C 160 16.64 -2.21 -12.03
CA THR C 160 16.92 -0.91 -12.64
C THR C 160 18.36 -0.55 -12.32
N GLY C 161 19.08 -1.51 -11.75
CA GLY C 161 20.47 -1.29 -11.39
C GLY C 161 20.69 -0.31 -10.24
N ASP C 162 19.65 -0.01 -9.48
CA ASP C 162 19.77 0.93 -8.37
C ASP C 162 18.82 0.59 -7.22
N GLU C 163 18.78 1.42 -6.18
CA GLU C 163 17.93 1.16 -5.03
C GLU C 163 16.41 1.00 -5.24
N HIS C 164 15.89 1.52 -6.35
CA HIS C 164 14.44 1.43 -6.60
C HIS C 164 13.99 0.03 -7.03
N SER C 165 14.96 -0.78 -7.45
CA SER C 165 14.72 -2.15 -7.88
C SER C 165 16.08 -2.83 -8.07
N ARG C 166 16.71 -3.18 -6.96
CA ARG C 166 18.03 -3.81 -6.99
C ARG C 166 18.10 -5.06 -7.86
N GLY C 167 17.12 -5.93 -7.74
CA GLY C 167 17.13 -7.14 -8.53
C GLY C 167 17.37 -8.37 -7.67
N ASN C 168 17.57 -9.51 -8.31
CA ASN C 168 17.80 -10.78 -7.63
C ASN C 168 16.66 -11.17 -6.68
N TRP C 169 15.43 -10.78 -6.99
CA TRP C 169 14.29 -11.12 -6.15
C TRP C 169 14.15 -12.65 -6.06
N GLY C 170 14.34 -13.31 -7.20
CA GLY C 170 14.24 -14.76 -7.23
C GLY C 170 15.25 -15.43 -6.33
N HIS C 171 16.46 -14.88 -6.28
CA HIS C 171 17.50 -15.45 -5.42
C HIS C 171 17.15 -15.22 -3.95
N LEU C 172 16.65 -14.03 -3.63
CA LEU C 172 16.26 -13.74 -2.25
C LEU C 172 15.15 -14.71 -1.85
N ASP C 173 14.31 -15.11 -2.81
CA ASP C 173 13.25 -16.06 -2.52
C ASP C 173 13.88 -17.39 -2.11
N GLN C 174 15.00 -17.73 -2.75
CA GLN C 174 15.69 -18.97 -2.45
C GLN C 174 16.24 -18.90 -1.02
N VAL C 175 16.81 -17.76 -0.66
CA VAL C 175 17.35 -17.58 0.68
C VAL C 175 16.23 -17.67 1.72
N ALA C 176 15.05 -17.15 1.37
CA ALA C 176 13.89 -17.17 2.26
C ALA C 176 13.41 -18.59 2.51
N ALA C 177 13.50 -19.45 1.51
CA ALA C 177 13.06 -20.83 1.66
C ALA C 177 14.06 -21.61 2.52
N LEU C 178 15.35 -21.41 2.26
CA LEU C 178 16.38 -22.08 3.06
C LEU C 178 16.25 -21.65 4.51
N ARG C 179 15.90 -20.38 4.69
CA ARG C 179 15.71 -19.82 6.01
C ARG C 179 14.51 -20.50 6.68
N TRP C 180 13.45 -20.69 5.90
CA TRP C 180 12.25 -21.36 6.43
C TRP C 180 12.59 -22.77 6.88
N VAL C 181 13.50 -23.41 6.12
CA VAL C 181 13.94 -24.77 6.44
C VAL C 181 14.64 -24.76 7.80
N GLN C 182 15.50 -23.78 8.02
CA GLN C 182 16.21 -23.68 9.29
C GLN C 182 15.25 -23.63 10.48
N ASP C 183 14.13 -22.94 10.31
CA ASP C 183 13.19 -22.80 11.41
C ASP C 183 12.09 -23.85 11.50
N ASN C 184 11.90 -24.64 10.44
CA ASN C 184 10.81 -25.61 10.46
C ASN C 184 11.10 -27.06 10.15
N ILE C 185 12.24 -27.34 9.50
CA ILE C 185 12.53 -28.71 9.11
C ILE C 185 12.60 -29.75 10.22
N ALA C 186 13.04 -29.34 11.42
CA ALA C 186 13.11 -30.29 12.52
C ALA C 186 11.72 -30.91 12.76
N SER C 187 10.66 -30.13 12.52
CA SER C 187 9.29 -30.59 12.71
C SER C 187 8.90 -31.62 11.65
N PHE C 188 9.71 -31.71 10.60
CA PHE C 188 9.44 -32.68 9.54
C PHE C 188 10.43 -33.85 9.56
N GLY C 189 11.11 -34.02 10.69
CA GLY C 189 12.07 -35.10 10.83
C GLY C 189 13.37 -34.81 10.14
N GLY C 190 13.63 -33.53 9.89
CA GLY C 190 14.87 -33.14 9.23
C GLY C 190 15.83 -32.44 10.16
N ASN C 191 17.11 -32.56 9.87
CA ASN C 191 18.15 -31.95 10.68
C ASN C 191 18.57 -30.60 10.10
N PRO C 192 18.11 -29.49 10.71
CA PRO C 192 18.46 -28.15 10.21
C PRO C 192 19.96 -27.91 10.25
N GLY C 193 20.68 -28.74 11.00
CA GLY C 193 22.12 -28.61 11.09
C GLY C 193 22.86 -29.26 9.94
N SER C 194 22.12 -29.88 9.01
CA SER C 194 22.73 -30.52 7.85
C SER C 194 21.82 -30.41 6.62
N VAL C 195 21.85 -29.26 5.98
CA VAL C 195 21.04 -28.98 4.81
C VAL C 195 21.92 -28.88 3.56
N THR C 196 21.61 -29.68 2.56
CA THR C 196 22.38 -29.66 1.30
C THR C 196 21.55 -28.95 0.26
N ILE C 197 22.17 -28.09 -0.55
CA ILE C 197 21.42 -27.44 -1.61
C ILE C 197 21.90 -27.98 -2.93
N PHE C 198 20.97 -28.38 -3.80
CA PHE C 198 21.33 -28.87 -5.12
C PHE C 198 20.32 -28.39 -6.16
N GLY C 199 20.81 -28.14 -7.37
CA GLY C 199 19.95 -27.68 -8.44
C GLY C 199 20.63 -27.84 -9.79
N GLU C 200 19.86 -27.76 -10.87
CA GLU C 200 20.46 -27.92 -12.18
C GLU C 200 20.17 -26.75 -13.13
N SER C 201 21.16 -26.43 -13.95
CA SER C 201 21.06 -25.34 -14.91
C SER C 201 20.93 -24.02 -14.14
N ALA C 202 19.80 -23.34 -14.26
CA ALA C 202 19.63 -22.08 -13.55
C ALA C 202 19.62 -22.40 -12.06
N GLY C 203 19.18 -23.61 -11.73
CA GLY C 203 19.15 -24.03 -10.35
C GLY C 203 20.57 -24.25 -9.86
N GLY C 204 21.41 -24.81 -10.72
CA GLY C 204 22.78 -25.05 -10.34
C GLY C 204 23.50 -23.72 -10.24
N GLU C 205 23.07 -22.78 -11.07
CA GLU C 205 23.65 -21.45 -11.09
C GLU C 205 23.26 -20.74 -9.80
N SER C 206 22.04 -20.98 -9.33
CA SER C 206 21.57 -20.37 -8.09
C SER C 206 22.38 -20.92 -6.92
N VAL C 207 22.62 -22.23 -6.93
CA VAL C 207 23.40 -22.85 -5.88
C VAL C 207 24.79 -22.19 -5.83
N SER C 208 25.37 -21.98 -7.02
CA SER C 208 26.68 -21.36 -7.15
C SER C 208 26.67 -19.97 -6.53
N VAL C 209 25.64 -19.20 -6.85
CA VAL C 209 25.50 -17.84 -6.34
C VAL C 209 25.42 -17.88 -4.81
N LEU C 210 24.55 -18.74 -4.28
CA LEU C 210 24.38 -18.88 -2.85
C LEU C 210 25.69 -19.24 -2.15
N VAL C 211 26.49 -20.08 -2.79
CA VAL C 211 27.77 -20.48 -2.23
C VAL C 211 28.68 -19.25 -2.07
N LEU C 212 28.56 -18.29 -2.98
CA LEU C 212 29.37 -17.09 -2.93
C LEU C 212 28.75 -15.94 -2.12
N SER C 213 27.44 -15.99 -1.91
CA SER C 213 26.74 -14.94 -1.17
C SER C 213 26.79 -15.09 0.36
N PRO C 214 27.36 -14.10 1.05
CA PRO C 214 27.48 -14.10 2.51
C PRO C 214 26.13 -14.08 3.24
N LEU C 215 25.06 -13.80 2.52
CA LEU C 215 23.72 -13.77 3.11
C LEU C 215 23.24 -15.18 3.43
N ALA C 216 23.69 -16.15 2.63
CA ALA C 216 23.30 -17.53 2.81
C ALA C 216 24.26 -18.34 3.69
N LYS C 217 25.30 -17.67 4.17
CA LYS C 217 26.33 -18.28 5.02
C LYS C 217 25.92 -19.51 5.83
N ASN C 218 25.09 -19.32 6.85
CA ASN C 218 24.68 -20.42 7.72
C ASN C 218 23.37 -21.07 7.33
N LEU C 219 23.06 -21.11 6.03
CA LEU C 219 21.81 -21.70 5.59
C LEU C 219 21.92 -23.05 4.92
N PHE C 220 23.15 -23.47 4.64
CA PHE C 220 23.39 -24.78 4.04
C PHE C 220 24.76 -25.30 4.46
N HIS C 221 24.95 -26.61 4.33
CA HIS C 221 26.19 -27.25 4.74
C HIS C 221 26.88 -28.04 3.64
N ARG C 222 26.14 -28.34 2.57
CA ARG C 222 26.67 -29.05 1.40
C ARG C 222 26.03 -28.37 0.20
N ALA C 223 26.69 -28.47 -0.96
CA ALA C 223 26.17 -27.87 -2.18
C ALA C 223 26.44 -28.70 -3.43
N ILE C 224 25.45 -28.75 -4.31
CA ILE C 224 25.59 -29.48 -5.56
C ILE C 224 25.08 -28.66 -6.75
N SER C 225 25.99 -28.39 -7.68
CA SER C 225 25.67 -27.66 -8.89
C SER C 225 25.73 -28.65 -10.06
N GLU C 226 24.57 -28.96 -10.62
CA GLU C 226 24.47 -29.85 -11.76
C GLU C 226 24.29 -29.03 -13.05
N SER C 227 25.28 -29.09 -13.93
CA SER C 227 25.21 -28.38 -15.21
C SER C 227 24.87 -26.90 -15.08
N GLY C 228 25.72 -26.13 -14.41
CA GLY C 228 25.43 -24.72 -14.25
C GLY C 228 26.06 -24.13 -13.01
N VAL C 229 26.85 -23.07 -13.19
CA VAL C 229 27.52 -22.37 -12.09
C VAL C 229 27.43 -20.87 -12.31
N ALA C 230 27.92 -20.09 -11.36
CA ALA C 230 27.88 -18.62 -11.44
C ALA C 230 28.69 -18.03 -12.59
N LEU C 231 29.57 -18.85 -13.18
CA LEU C 231 30.38 -18.39 -14.31
C LEU C 231 29.73 -18.72 -15.64
N THR C 232 28.49 -19.20 -15.60
CA THR C 232 27.71 -19.50 -16.81
C THR C 232 27.17 -18.14 -17.25
N SER C 233 27.96 -17.46 -18.08
CA SER C 233 27.65 -16.11 -18.58
C SER C 233 26.21 -15.70 -18.78
N VAL C 234 25.50 -16.42 -19.63
CA VAL C 234 24.11 -16.09 -19.94
C VAL C 234 23.20 -15.78 -18.75
N LEU C 235 23.50 -16.33 -17.58
CA LEU C 235 22.67 -16.10 -16.40
C LEU C 235 23.08 -14.93 -15.50
N VAL C 236 24.29 -14.41 -15.69
CA VAL C 236 24.78 -13.30 -14.87
C VAL C 236 25.02 -12.02 -15.69
N LYS C 237 24.12 -11.06 -15.52
CA LYS C 237 24.21 -9.79 -16.22
C LYS C 237 25.34 -8.95 -15.64
N LYS C 238 26.35 -8.67 -16.46
CA LYS C 238 27.48 -7.86 -16.03
C LYS C 238 27.49 -6.51 -16.72
N GLY C 239 27.60 -5.44 -15.94
CA GLY C 239 27.63 -4.11 -16.51
C GLY C 239 26.35 -3.35 -16.21
N ASP C 240 26.07 -2.31 -17.00
CA ASP C 240 24.87 -1.50 -16.80
C ASP C 240 23.64 -2.25 -17.29
N VAL C 241 22.74 -2.53 -16.35
CA VAL C 241 21.51 -3.25 -16.63
C VAL C 241 20.33 -2.33 -16.93
N LYS C 242 20.55 -1.03 -16.77
CA LYS C 242 19.51 -0.03 -16.99
C LYS C 242 18.85 -0.11 -18.38
N PRO C 243 19.64 -0.34 -19.43
CA PRO C 243 19.03 -0.43 -20.77
C PRO C 243 17.97 -1.52 -20.89
N LEU C 244 18.28 -2.70 -20.36
CA LEU C 244 17.36 -3.82 -20.42
C LEU C 244 16.07 -3.46 -19.70
N ALA C 245 16.23 -2.75 -18.58
CA ALA C 245 15.10 -2.32 -17.76
C ALA C 245 14.19 -1.38 -18.53
N GLU C 246 14.79 -0.46 -19.26
CA GLU C 246 14.03 0.51 -20.05
C GLU C 246 13.32 -0.19 -21.20
N GLN C 247 14.02 -1.11 -21.85
CA GLN C 247 13.45 -1.89 -22.94
C GLN C 247 12.20 -2.62 -22.43
N ILE C 248 12.27 -3.15 -21.21
CA ILE C 248 11.14 -3.85 -20.64
C ILE C 248 10.01 -2.88 -20.28
N ALA C 249 10.36 -1.76 -19.68
CA ALA C 249 9.37 -0.75 -19.33
C ALA C 249 8.62 -0.29 -20.59
N ILE C 250 9.38 0.03 -21.63
CA ILE C 250 8.81 0.49 -22.88
C ILE C 250 7.87 -0.57 -23.44
N THR C 251 8.31 -1.82 -23.42
CA THR C 251 7.50 -2.91 -23.95
C THR C 251 6.21 -3.12 -23.15
N ALA C 252 6.25 -2.73 -21.87
CA ALA C 252 5.09 -2.87 -21.00
C ALA C 252 4.21 -1.63 -21.12
N GLY C 253 4.67 -0.64 -21.88
CA GLY C 253 3.91 0.58 -22.05
C GLY C 253 4.11 1.49 -20.85
N CYS C 254 5.36 1.64 -20.44
CA CYS C 254 5.70 2.48 -19.31
C CYS C 254 6.73 3.51 -19.67
N LYS C 255 6.70 4.63 -18.96
CA LYS C 255 7.66 5.70 -19.17
C LYS C 255 9.00 5.28 -18.57
N THR C 256 10.06 5.92 -19.00
CA THR C 256 11.36 5.59 -18.47
C THR C 256 11.99 6.85 -17.88
N THR C 257 11.15 7.81 -17.51
CA THR C 257 11.61 9.07 -16.94
C THR C 257 12.65 8.87 -15.85
N THR C 258 12.37 8.00 -14.87
CA THR C 258 13.29 7.69 -13.79
C THR C 258 13.10 6.22 -13.39
N SER C 259 14.04 5.68 -12.64
CA SER C 259 13.95 4.29 -12.20
C SER C 259 12.66 4.09 -11.36
N ALA C 260 12.45 4.98 -10.40
CA ALA C 260 11.27 4.90 -9.54
C ALA C 260 9.98 4.88 -10.36
N VAL C 261 9.94 5.69 -11.41
CA VAL C 261 8.77 5.75 -12.27
C VAL C 261 8.55 4.40 -12.96
N MET C 262 9.61 3.83 -13.50
CA MET C 262 9.49 2.54 -14.17
C MET C 262 8.95 1.49 -13.17
N VAL C 263 9.56 1.38 -12.00
CA VAL C 263 9.13 0.40 -11.02
C VAL C 263 7.67 0.62 -10.60
N HIS C 264 7.31 1.87 -10.32
CA HIS C 264 5.93 2.18 -9.91
C HIS C 264 4.95 1.78 -11.00
N CYS C 265 5.34 2.02 -12.25
CA CYS C 265 4.51 1.71 -13.40
C CYS C 265 4.30 0.20 -13.56
N LEU C 266 5.39 -0.56 -13.54
CA LEU C 266 5.30 -2.00 -13.67
C LEU C 266 4.56 -2.64 -12.48
N ARG C 267 4.57 -1.99 -11.33
CA ARG C 267 3.87 -2.52 -10.16
C ARG C 267 2.35 -2.38 -10.32
N GLN C 268 1.94 -1.46 -11.20
CA GLN C 268 0.53 -1.22 -11.45
C GLN C 268 -0.01 -2.12 -12.56
N LYS C 269 0.90 -2.81 -13.26
CA LYS C 269 0.50 -3.69 -14.34
C LYS C 269 0.01 -5.02 -13.79
N THR C 270 -0.94 -5.63 -14.48
CA THR C 270 -1.50 -6.90 -14.07
C THR C 270 -0.52 -8.03 -14.41
N GLU C 271 -0.66 -9.15 -13.70
CA GLU C 271 0.19 -10.30 -13.92
C GLU C 271 0.23 -10.64 -15.40
N GLU C 272 -0.94 -10.60 -16.01
CA GLU C 272 -1.08 -10.94 -17.43
C GLU C 272 -0.45 -9.92 -18.34
N GLU C 273 -0.53 -8.66 -17.98
CA GLU C 273 0.06 -7.63 -18.80
C GLU C 273 1.57 -7.88 -18.86
N LEU C 274 2.14 -8.28 -17.73
CA LEU C 274 3.58 -8.57 -17.66
C LEU C 274 3.88 -9.88 -18.38
N LEU C 275 2.90 -10.78 -18.46
CA LEU C 275 3.12 -12.04 -19.15
C LEU C 275 3.22 -11.74 -20.65
N GLU C 276 2.34 -10.87 -21.14
CA GLU C 276 2.38 -10.50 -22.57
C GLU C 276 3.71 -9.83 -22.87
N THR C 277 4.13 -8.95 -21.98
CA THR C 277 5.38 -8.24 -22.13
C THR C 277 6.48 -9.29 -22.24
N THR C 278 6.39 -10.33 -21.41
CA THR C 278 7.38 -11.41 -21.42
C THR C 278 7.39 -12.05 -22.79
N LEU C 279 6.21 -12.42 -23.28
CA LEU C 279 6.08 -13.03 -24.60
C LEU C 279 6.63 -12.13 -25.70
N LYS C 280 6.42 -10.83 -25.56
CA LYS C 280 6.90 -9.88 -26.54
C LYS C 280 8.42 -9.87 -26.59
N MET C 281 9.06 -9.90 -25.42
CA MET C 281 10.51 -9.90 -25.35
C MET C 281 11.14 -11.09 -26.09
N LYS C 282 10.37 -12.16 -26.26
CA LYS C 282 10.84 -13.37 -26.94
C LYS C 282 12.11 -13.94 -26.30
N PHE C 283 12.05 -14.14 -24.98
CA PHE C 283 13.16 -14.70 -24.22
C PHE C 283 13.33 -16.18 -24.54
N LEU C 284 14.43 -16.75 -24.05
CA LEU C 284 14.75 -18.16 -24.25
C LEU C 284 14.68 -18.60 -25.71
N SER C 285 14.97 -17.67 -26.61
CA SER C 285 14.95 -17.98 -28.03
C SER C 285 16.03 -17.21 -28.75
N LEU C 286 16.87 -17.93 -29.47
CA LEU C 286 17.95 -17.34 -30.24
C LEU C 286 17.43 -16.41 -31.33
N ASP C 287 17.96 -15.20 -31.38
CA ASP C 287 17.53 -14.25 -32.39
C ASP C 287 18.42 -14.37 -33.61
N LEU C 288 17.81 -14.61 -34.78
CA LEU C 288 18.56 -14.73 -36.02
C LEU C 288 18.73 -13.38 -36.72
N GLN C 289 17.68 -12.56 -36.72
CA GLN C 289 17.76 -11.23 -37.32
C GLN C 289 17.89 -10.23 -36.18
N GLY C 290 18.91 -9.39 -36.22
CA GLY C 290 19.10 -8.41 -35.16
C GLY C 290 20.47 -8.60 -34.55
N ASP C 291 21.16 -7.49 -34.28
CA ASP C 291 22.50 -7.55 -33.70
C ASP C 291 22.55 -8.50 -32.51
N PRO C 292 23.33 -9.58 -32.64
CA PRO C 292 23.48 -10.58 -31.57
C PRO C 292 23.91 -9.98 -30.24
N ARG C 293 24.60 -8.85 -30.30
CA ARG C 293 25.08 -8.19 -29.08
C ARG C 293 23.98 -7.43 -28.34
N GLU C 294 22.80 -7.34 -28.94
CA GLU C 294 21.68 -6.63 -28.31
C GLU C 294 20.51 -7.55 -27.95
N SER C 295 20.69 -8.85 -28.16
CA SER C 295 19.64 -9.80 -27.86
C SER C 295 19.72 -10.29 -26.40
N GLN C 296 18.61 -10.13 -25.68
CA GLN C 296 18.53 -10.55 -24.28
C GLN C 296 17.79 -11.88 -24.20
N PRO C 297 18.52 -13.00 -24.22
CA PRO C 297 17.84 -14.29 -24.14
C PRO C 297 17.09 -14.49 -22.84
N LEU C 298 17.41 -13.69 -21.82
CA LEU C 298 16.76 -13.82 -20.52
C LEU C 298 17.25 -12.77 -19.51
N LEU C 299 16.50 -12.57 -18.44
CA LEU C 299 16.91 -11.62 -17.40
C LEU C 299 17.47 -12.51 -16.32
N GLY C 300 18.42 -12.00 -15.55
CA GLY C 300 18.97 -12.84 -14.51
C GLY C 300 19.67 -12.20 -13.34
N THR C 301 20.66 -12.92 -12.83
CA THR C 301 21.44 -12.48 -11.69
C THR C 301 22.18 -11.19 -11.99
N VAL C 302 22.12 -10.26 -11.04
CA VAL C 302 22.85 -9.00 -11.16
C VAL C 302 23.63 -8.77 -9.88
N ILE C 303 24.48 -7.75 -9.88
CA ILE C 303 25.27 -7.42 -8.71
C ILE C 303 24.43 -6.35 -8.03
N ASP C 304 23.59 -6.79 -7.11
CA ASP C 304 22.66 -5.92 -6.39
C ASP C 304 23.21 -5.20 -5.16
N GLY C 305 24.24 -5.75 -4.54
CA GLY C 305 24.81 -5.12 -3.36
C GLY C 305 24.24 -5.64 -2.05
N MET C 306 23.34 -6.63 -2.13
CA MET C 306 22.72 -7.25 -0.95
C MET C 306 23.08 -8.73 -0.95
N LEU C 307 22.83 -9.38 -2.09
CA LEU C 307 23.13 -10.79 -2.28
C LEU C 307 24.56 -10.92 -2.82
N LEU C 308 24.91 -10.08 -3.79
CA LEU C 308 26.24 -10.10 -4.39
C LEU C 308 26.84 -8.69 -4.34
N LEU C 309 27.99 -8.57 -3.70
CA LEU C 309 28.65 -7.28 -3.57
C LEU C 309 29.54 -6.99 -4.77
N LYS C 310 29.80 -8.02 -5.56
CA LYS C 310 30.61 -7.90 -6.75
C LYS C 310 30.43 -9.12 -7.65
N THR C 311 31.08 -9.11 -8.80
CA THR C 311 30.96 -10.21 -9.75
C THR C 311 31.44 -11.53 -9.16
N PRO C 312 30.84 -12.63 -9.62
CA PRO C 312 31.21 -13.97 -9.15
C PRO C 312 32.71 -14.23 -9.24
N GLU C 313 33.35 -13.66 -10.26
CA GLU C 313 34.78 -13.85 -10.45
C GLU C 313 35.61 -13.17 -9.38
N GLU C 314 35.24 -11.93 -9.02
CA GLU C 314 35.97 -11.21 -7.98
C GLU C 314 35.81 -11.90 -6.63
N LEU C 315 34.65 -12.50 -6.42
CA LEU C 315 34.36 -13.20 -5.17
C LEU C 315 35.11 -14.51 -5.01
N GLN C 316 35.51 -15.10 -6.13
CA GLN C 316 36.23 -16.37 -6.11
C GLN C 316 37.67 -16.26 -5.61
N ALA C 317 38.40 -15.31 -6.18
CA ALA C 317 39.80 -15.09 -5.80
C ALA C 317 39.89 -14.64 -4.35
N GLU C 318 38.81 -14.05 -3.86
CA GLU C 318 38.73 -13.54 -2.50
C GLU C 318 38.84 -14.62 -1.42
N ARG C 319 38.56 -15.87 -1.77
CA ARG C 319 38.61 -16.97 -0.79
C ARG C 319 37.77 -16.52 0.41
N ASN C 320 36.81 -15.65 0.12
CA ASN C 320 35.93 -15.08 1.13
C ASN C 320 34.69 -15.94 1.39
N PHE C 321 34.01 -16.34 0.31
CA PHE C 321 32.82 -17.16 0.40
C PHE C 321 33.06 -18.32 1.37
N HIS C 322 32.07 -18.63 2.21
CA HIS C 322 32.25 -19.72 3.17
C HIS C 322 32.37 -21.07 2.45
N THR C 323 33.41 -21.80 2.82
CA THR C 323 33.69 -23.09 2.23
C THR C 323 32.87 -24.23 2.80
N VAL C 324 32.29 -25.02 1.91
CA VAL C 324 31.48 -26.17 2.29
C VAL C 324 31.69 -27.22 1.21
N PRO C 325 31.43 -28.50 1.55
CA PRO C 325 31.61 -29.55 0.54
C PRO C 325 30.83 -29.13 -0.71
N TYR C 326 31.51 -29.12 -1.85
CA TYR C 326 30.89 -28.69 -3.08
C TYR C 326 31.14 -29.66 -4.23
N MET C 327 30.04 -30.21 -4.76
CA MET C 327 30.10 -31.15 -5.88
C MET C 327 29.66 -30.40 -7.13
N VAL C 328 30.50 -30.43 -8.15
CA VAL C 328 30.21 -29.73 -9.40
C VAL C 328 30.31 -30.71 -10.57
N GLY C 329 29.23 -30.86 -11.33
CA GLY C 329 29.26 -31.78 -12.44
C GLY C 329 28.62 -31.25 -13.71
N ILE C 330 28.90 -31.91 -14.82
CA ILE C 330 28.35 -31.53 -16.13
C ILE C 330 27.96 -32.80 -16.88
N ASN C 331 27.22 -32.64 -17.98
CA ASN C 331 26.82 -33.77 -18.79
C ASN C 331 27.69 -33.83 -20.02
N LYS C 332 27.85 -35.02 -20.59
CA LYS C 332 28.70 -35.21 -21.77
C LYS C 332 28.35 -34.29 -22.93
N GLN C 333 27.05 -34.15 -23.20
CA GLN C 333 26.58 -33.30 -24.30
C GLN C 333 25.54 -32.31 -23.79
N GLU C 334 25.97 -31.38 -22.94
CA GLU C 334 25.06 -30.37 -22.37
C GLU C 334 24.23 -29.63 -23.40
N PHE C 335 24.81 -29.40 -24.57
CA PHE C 335 24.13 -28.69 -25.63
C PHE C 335 23.85 -29.65 -26.79
N GLY C 336 23.51 -30.89 -26.45
CA GLY C 336 23.25 -31.91 -27.44
C GLY C 336 21.88 -31.89 -28.11
N TRP C 337 20.84 -31.57 -27.36
CA TRP C 337 19.51 -31.52 -27.95
C TRP C 337 18.53 -30.56 -27.29
N LEU C 338 18.22 -30.83 -26.03
CA LEU C 338 17.27 -30.01 -25.28
C LEU C 338 17.38 -28.51 -25.45
N ILE C 339 18.53 -27.94 -25.16
CA ILE C 339 18.65 -26.49 -25.28
C ILE C 339 18.52 -25.97 -26.70
N PRO C 340 19.26 -26.54 -27.65
CA PRO C 340 19.15 -26.06 -29.04
C PRO C 340 17.72 -26.16 -29.55
N MET C 341 17.04 -27.23 -29.15
CA MET C 341 15.66 -27.47 -29.55
C MET C 341 14.76 -26.40 -28.95
N LEU C 342 14.93 -26.15 -27.65
CA LEU C 342 14.13 -25.16 -26.95
C LEU C 342 14.34 -23.72 -27.46
N MET C 343 15.52 -23.44 -27.99
CA MET C 343 15.80 -22.10 -28.49
C MET C 343 15.63 -21.97 -30.01
N SER C 344 15.28 -23.07 -30.66
CA SER C 344 15.04 -23.10 -32.10
C SER C 344 16.29 -22.85 -32.94
N TYR C 345 17.37 -23.54 -32.62
CA TYR C 345 18.59 -23.38 -33.39
C TYR C 345 18.35 -23.86 -34.81
N PRO C 346 18.89 -23.14 -35.81
CA PRO C 346 18.76 -23.44 -37.24
C PRO C 346 19.64 -24.64 -37.63
N LEU C 347 19.33 -25.81 -37.10
CA LEU C 347 20.12 -26.99 -37.42
C LEU C 347 19.27 -28.04 -38.12
N SER C 348 18.24 -27.56 -38.79
CA SER C 348 17.30 -28.42 -39.50
C SER C 348 17.97 -29.48 -40.37
N GLU C 349 19.12 -29.14 -40.98
CA GLU C 349 19.82 -30.08 -41.85
C GLU C 349 20.74 -31.04 -41.12
N GLY C 350 20.93 -30.85 -39.81
CA GLY C 350 21.80 -31.73 -39.07
C GLY C 350 23.17 -31.75 -39.72
N GLN C 351 23.60 -30.59 -40.19
CA GLN C 351 24.87 -30.49 -40.88
C GLN C 351 25.40 -29.05 -40.80
N LEU C 352 26.73 -28.90 -40.74
CA LEU C 352 27.31 -27.57 -40.63
C LEU C 352 28.70 -27.45 -41.25
N ASP C 353 28.95 -26.32 -41.88
CA ASP C 353 30.27 -26.06 -42.48
C ASP C 353 30.88 -24.88 -41.72
N GLN C 354 32.18 -24.63 -41.91
CA GLN C 354 32.87 -23.56 -41.20
C GLN C 354 32.20 -22.18 -41.22
N LYS C 355 31.94 -21.65 -42.42
CA LYS C 355 31.32 -20.33 -42.54
C LYS C 355 29.97 -20.20 -41.85
N THR C 356 29.17 -21.27 -41.83
CA THR C 356 27.86 -21.22 -41.21
C THR C 356 28.03 -21.32 -39.70
N ALA C 357 28.99 -22.14 -39.29
CA ALA C 357 29.27 -22.32 -37.87
C ALA C 357 29.66 -20.98 -37.29
N MET C 358 30.50 -20.24 -38.00
CA MET C 358 30.94 -18.93 -37.56
C MET C 358 29.78 -17.97 -37.41
N SER C 359 28.86 -17.99 -38.37
CA SER C 359 27.68 -17.13 -38.35
C SER C 359 26.79 -17.50 -37.18
N LEU C 360 26.62 -18.80 -36.95
CA LEU C 360 25.80 -19.27 -35.83
C LEU C 360 26.45 -18.91 -34.51
N LEU C 361 27.77 -19.05 -34.45
CA LEU C 361 28.50 -18.76 -33.23
C LEU C 361 28.34 -17.30 -32.87
N TRP C 362 28.32 -16.45 -33.90
CA TRP C 362 28.17 -15.03 -33.68
C TRP C 362 26.73 -14.71 -33.28
N LYS C 363 25.77 -15.41 -33.88
CA LYS C 363 24.36 -15.22 -33.56
C LYS C 363 24.07 -15.59 -32.12
N SER C 364 24.80 -16.58 -31.61
CA SER C 364 24.60 -17.01 -30.24
C SER C 364 25.50 -16.29 -29.25
N TYR C 365 25.83 -15.05 -29.59
CA TYR C 365 26.67 -14.22 -28.74
C TYR C 365 26.10 -14.13 -27.33
N PRO C 366 24.78 -13.92 -27.21
CA PRO C 366 24.16 -13.83 -25.89
C PRO C 366 24.35 -15.08 -25.03
N LEU C 367 24.82 -16.17 -25.64
CA LEU C 367 25.04 -17.39 -24.88
C LEU C 367 26.51 -17.70 -24.62
N VAL C 368 27.40 -17.22 -25.49
CA VAL C 368 28.80 -17.53 -25.33
C VAL C 368 29.76 -16.33 -25.24
N CYS C 369 29.24 -15.13 -25.46
CA CYS C 369 30.05 -13.92 -25.37
C CYS C 369 31.42 -14.04 -26.04
N ILE C 370 31.45 -14.46 -27.30
CA ILE C 370 32.70 -14.57 -28.05
C ILE C 370 32.85 -13.43 -29.06
N ALA C 371 33.79 -12.53 -28.81
CA ALA C 371 34.03 -11.39 -29.70
C ALA C 371 34.10 -11.83 -31.16
N LYS C 372 33.45 -11.08 -32.03
CA LYS C 372 33.41 -11.41 -33.44
C LYS C 372 34.78 -11.72 -34.06
N GLU C 373 35.82 -11.06 -33.56
CA GLU C 373 37.15 -11.29 -34.12
C GLU C 373 37.73 -12.62 -33.64
N LEU C 374 37.22 -13.14 -32.53
CA LEU C 374 37.70 -14.41 -32.00
C LEU C 374 37.02 -15.64 -32.60
N ILE C 375 35.89 -15.43 -33.27
CA ILE C 375 35.13 -16.54 -33.86
C ILE C 375 35.97 -17.50 -34.71
N PRO C 376 36.78 -16.98 -35.63
CA PRO C 376 37.61 -17.87 -36.46
C PRO C 376 38.49 -18.79 -35.63
N GLU C 377 39.14 -18.22 -34.62
CA GLU C 377 40.02 -18.99 -33.74
C GLU C 377 39.27 -20.14 -33.08
N ALA C 378 38.15 -19.80 -32.44
CA ALA C 378 37.31 -20.76 -31.74
C ALA C 378 36.77 -21.81 -32.69
N THR C 379 36.11 -21.36 -33.75
CA THR C 379 35.55 -22.30 -34.72
C THR C 379 36.62 -23.21 -35.29
N GLU C 380 37.72 -22.62 -35.75
CA GLU C 380 38.81 -23.41 -36.31
C GLU C 380 39.32 -24.44 -35.32
N LYS C 381 39.36 -24.07 -34.04
CA LYS C 381 39.83 -24.96 -33.00
C LYS C 381 38.99 -26.22 -32.84
N TYR C 382 37.67 -26.09 -32.95
CA TYR C 382 36.77 -27.23 -32.80
C TYR C 382 36.40 -27.96 -34.09
N LEU C 383 36.07 -27.20 -35.14
CA LEU C 383 35.65 -27.82 -36.39
C LEU C 383 36.77 -28.08 -37.39
N GLY C 384 37.82 -27.27 -37.35
CA GLY C 384 38.93 -27.42 -38.28
C GLY C 384 39.56 -28.79 -38.42
N GLY C 385 39.56 -29.58 -37.36
CA GLY C 385 40.18 -30.90 -37.44
C GLY C 385 39.46 -31.93 -38.28
N THR C 386 38.31 -31.57 -38.86
CA THR C 386 37.56 -32.52 -39.67
C THR C 386 36.84 -31.90 -40.88
N ASP C 387 36.59 -32.73 -41.88
CA ASP C 387 35.92 -32.31 -43.10
C ASP C 387 34.50 -32.81 -43.14
N ASP C 388 34.16 -33.70 -42.21
CA ASP C 388 32.83 -34.26 -42.12
C ASP C 388 31.87 -33.18 -41.61
N THR C 389 30.93 -32.77 -42.46
CA THR C 389 29.98 -31.72 -42.08
C THR C 389 29.02 -32.10 -40.96
N VAL C 390 28.88 -33.40 -40.69
CA VAL C 390 28.01 -33.81 -39.60
C VAL C 390 28.80 -33.66 -38.31
N LYS C 391 30.07 -34.07 -38.34
CA LYS C 391 30.92 -33.94 -37.17
C LYS C 391 31.13 -32.48 -36.79
N LYS C 392 31.19 -31.59 -37.78
CA LYS C 392 31.38 -30.16 -37.51
C LYS C 392 30.22 -29.63 -36.68
N LYS C 393 29.02 -30.09 -36.99
CA LYS C 393 27.85 -29.66 -36.26
C LYS C 393 27.90 -30.22 -34.83
N ASP C 394 28.30 -31.47 -34.70
CA ASP C 394 28.40 -32.06 -33.38
C ASP C 394 29.51 -31.41 -32.57
N LEU C 395 30.64 -31.14 -33.21
CA LEU C 395 31.75 -30.50 -32.53
C LEU C 395 31.40 -29.05 -32.20
N PHE C 396 30.49 -28.50 -33.00
CA PHE C 396 30.02 -27.13 -32.80
C PHE C 396 29.16 -27.13 -31.54
N LEU C 397 28.42 -28.22 -31.33
CA LEU C 397 27.60 -28.33 -30.13
C LEU C 397 28.50 -28.52 -28.92
N ASP C 398 29.66 -29.14 -29.14
CA ASP C 398 30.63 -29.35 -28.06
C ASP C 398 31.16 -27.98 -27.67
N LEU C 399 31.47 -27.17 -28.68
CA LEU C 399 31.98 -25.83 -28.46
C LEU C 399 31.04 -25.05 -27.54
N ILE C 400 29.76 -24.97 -27.90
CA ILE C 400 28.81 -24.24 -27.08
C ILE C 400 28.79 -24.78 -25.64
N ALA C 401 28.63 -26.10 -25.51
CA ALA C 401 28.58 -26.77 -24.22
C ALA C 401 29.78 -26.45 -23.34
N ASP C 402 30.97 -26.41 -23.93
CA ASP C 402 32.16 -26.13 -23.17
C ASP C 402 32.21 -24.71 -22.63
N VAL C 403 31.90 -23.73 -23.48
CA VAL C 403 31.91 -22.33 -23.07
C VAL C 403 30.83 -22.03 -22.03
N MET C 404 29.70 -22.70 -22.15
CA MET C 404 28.59 -22.49 -21.22
C MET C 404 28.64 -23.26 -19.92
N PHE C 405 29.05 -24.52 -19.99
CA PHE C 405 29.09 -25.34 -18.77
C PHE C 405 30.44 -25.91 -18.37
N GLY C 406 31.05 -26.69 -19.26
CA GLY C 406 32.34 -27.31 -18.95
C GLY C 406 33.44 -26.45 -18.33
N VAL C 407 33.94 -25.47 -19.06
CA VAL C 407 35.01 -24.60 -18.58
C VAL C 407 34.61 -23.83 -17.32
N PRO C 408 33.39 -23.25 -17.29
CA PRO C 408 32.94 -22.48 -16.12
C PRO C 408 32.88 -23.35 -14.86
N SER C 409 32.35 -24.56 -15.00
CA SER C 409 32.24 -25.48 -13.87
C SER C 409 33.61 -25.85 -13.33
N VAL C 410 34.50 -26.26 -14.24
CA VAL C 410 35.84 -26.67 -13.84
C VAL C 410 36.56 -25.50 -13.18
N ILE C 411 36.44 -24.31 -13.77
CA ILE C 411 37.09 -23.14 -13.18
C ILE C 411 36.50 -22.89 -11.78
N VAL C 412 35.19 -23.08 -11.63
CA VAL C 412 34.56 -22.88 -10.33
C VAL C 412 35.04 -23.94 -9.35
N ALA C 413 35.17 -25.18 -9.83
CA ALA C 413 35.64 -26.27 -8.98
C ALA C 413 37.08 -25.96 -8.51
N ARG C 414 37.91 -25.50 -9.44
CA ARG C 414 39.29 -25.20 -9.12
C ARG C 414 39.40 -24.10 -8.09
N ASN C 415 38.53 -23.09 -8.16
CA ASN C 415 38.58 -22.00 -7.21
C ASN C 415 38.07 -22.45 -5.84
N HIS C 416 37.01 -23.24 -5.84
CA HIS C 416 36.47 -23.72 -4.58
C HIS C 416 37.54 -24.58 -3.91
N ARG C 417 38.21 -25.40 -4.72
CA ARG C 417 39.26 -26.27 -4.23
C ARG C 417 40.42 -25.49 -3.63
N ASP C 418 41.01 -24.60 -4.41
CA ASP C 418 42.15 -23.82 -3.94
C ASP C 418 41.81 -22.93 -2.75
N ALA C 419 40.54 -22.87 -2.39
CA ALA C 419 40.09 -22.06 -1.26
C ALA C 419 40.12 -22.93 0.00
N GLY C 420 40.54 -24.18 -0.14
CA GLY C 420 40.63 -25.08 0.99
C GLY C 420 39.45 -25.99 1.27
N ALA C 421 38.37 -25.81 0.53
CA ALA C 421 37.16 -26.61 0.73
C ALA C 421 37.15 -27.91 -0.08
N PRO C 422 36.46 -28.93 0.43
CA PRO C 422 36.33 -30.24 -0.22
C PRO C 422 35.56 -30.07 -1.53
N THR C 423 36.15 -30.54 -2.62
CA THR C 423 35.51 -30.41 -3.92
C THR C 423 35.37 -31.75 -4.62
N TYR C 424 34.29 -31.90 -5.36
CA TYR C 424 34.02 -33.13 -6.09
C TYR C 424 33.40 -32.81 -7.45
N MET C 425 33.85 -33.51 -8.47
CA MET C 425 33.33 -33.30 -9.81
C MET C 425 32.91 -34.59 -10.49
N TYR C 426 32.08 -34.46 -11.51
CA TYR C 426 31.61 -35.61 -12.25
C TYR C 426 31.17 -35.21 -13.64
N GLU C 427 31.16 -36.18 -14.55
CA GLU C 427 30.69 -35.96 -15.90
C GLU C 427 29.73 -37.10 -16.16
N PHE C 428 28.45 -36.77 -16.26
CA PHE C 428 27.40 -37.75 -16.48
C PHE C 428 27.23 -38.03 -17.95
N GLN C 429 27.38 -39.29 -18.33
CA GLN C 429 27.22 -39.69 -19.72
C GLN C 429 26.34 -40.91 -19.84
N TYR C 430 25.04 -40.68 -20.04
CA TYR C 430 24.10 -41.77 -20.18
C TYR C 430 22.86 -41.23 -20.86
N ARG C 431 22.13 -42.09 -21.56
CA ARG C 431 20.92 -41.65 -22.23
C ARG C 431 19.71 -42.32 -21.60
N PRO C 432 19.02 -41.62 -20.69
CA PRO C 432 17.83 -42.16 -20.03
C PRO C 432 16.77 -42.60 -21.02
N SER C 433 16.07 -43.69 -20.70
CA SER C 433 15.03 -44.21 -21.58
C SER C 433 13.80 -43.33 -21.56
N PHE C 434 13.69 -42.48 -20.55
CA PHE C 434 12.56 -41.58 -20.42
C PHE C 434 12.80 -40.33 -21.26
N SER C 435 13.80 -40.37 -22.14
CA SER C 435 14.11 -39.25 -23.01
C SER C 435 12.96 -39.02 -23.97
N SER C 436 12.81 -37.80 -24.46
CA SER C 436 11.75 -37.46 -25.40
C SER C 436 11.92 -38.29 -26.68
N ASP C 437 10.81 -38.62 -27.33
CA ASP C 437 10.87 -39.40 -28.55
C ASP C 437 11.47 -38.60 -29.70
N MET C 438 11.45 -37.27 -29.57
CA MET C 438 11.99 -36.39 -30.61
C MET C 438 13.51 -36.23 -30.56
N LYS C 439 14.10 -36.64 -29.44
CA LYS C 439 15.54 -36.53 -29.23
C LYS C 439 16.28 -37.60 -30.04
N PRO C 440 17.28 -37.19 -30.83
CA PRO C 440 18.01 -38.18 -31.61
C PRO C 440 18.70 -39.17 -30.66
N LYS C 441 18.64 -40.45 -31.01
CA LYS C 441 19.21 -41.51 -30.19
C LYS C 441 20.72 -41.51 -29.97
N THR C 442 21.45 -40.78 -30.80
CA THR C 442 22.90 -40.73 -30.64
C THR C 442 23.31 -39.78 -29.52
N VAL C 443 22.36 -38.96 -29.08
CA VAL C 443 22.62 -38.00 -28.02
C VAL C 443 22.72 -38.73 -26.68
N ILE C 444 23.90 -38.68 -26.06
CA ILE C 444 24.16 -39.34 -24.79
C ILE C 444 24.65 -38.33 -23.76
N GLY C 445 24.02 -38.29 -22.59
CA GLY C 445 24.44 -37.33 -21.58
C GLY C 445 24.02 -35.91 -21.96
N ASP C 446 22.76 -35.77 -22.34
CA ASP C 446 22.20 -34.48 -22.72
C ASP C 446 21.83 -33.70 -21.47
N HIS C 447 21.64 -32.40 -21.63
CA HIS C 447 21.29 -31.52 -20.53
C HIS C 447 20.05 -32.06 -19.79
N GLY C 448 20.17 -32.20 -18.48
CA GLY C 448 19.06 -32.69 -17.68
C GLY C 448 18.96 -34.20 -17.58
N ASP C 449 19.77 -34.92 -18.35
CA ASP C 449 19.72 -36.37 -18.32
C ASP C 449 19.99 -37.03 -16.97
N GLU C 450 20.84 -36.43 -16.15
CA GLU C 450 21.13 -37.02 -14.85
C GLU C 450 19.93 -36.88 -13.90
N LEU C 451 19.05 -35.92 -14.19
CA LEU C 451 17.87 -35.70 -13.34
C LEU C 451 17.09 -36.99 -13.11
N PHE C 452 17.02 -37.84 -14.12
CA PHE C 452 16.27 -39.08 -13.99
C PHE C 452 16.89 -40.06 -13.02
N SER C 453 18.21 -40.00 -12.87
CA SER C 453 18.90 -40.88 -11.94
C SER C 453 18.78 -40.31 -10.53
N VAL C 454 19.06 -39.02 -10.41
CA VAL C 454 19.02 -38.32 -9.12
C VAL C 454 17.65 -38.45 -8.47
N PHE C 455 16.60 -38.25 -9.24
CA PHE C 455 15.26 -38.34 -8.67
C PHE C 455 14.57 -39.68 -8.84
N GLY C 456 15.38 -40.72 -8.99
CA GLY C 456 14.85 -42.06 -9.12
C GLY C 456 13.67 -42.25 -10.06
N ALA C 457 13.79 -41.69 -11.25
CA ALA C 457 12.74 -41.82 -12.27
C ALA C 457 12.45 -43.32 -12.52
N PRO C 458 13.50 -44.16 -12.55
CA PRO C 458 13.29 -45.59 -12.79
C PRO C 458 12.37 -46.27 -11.78
N PHE C 459 12.01 -45.58 -10.71
CA PHE C 459 11.15 -46.18 -9.69
C PHE C 459 9.76 -45.56 -9.61
N LEU C 460 9.51 -44.56 -10.46
CA LEU C 460 8.22 -43.90 -10.51
C LEU C 460 7.67 -44.05 -11.91
N LYS C 461 8.56 -44.04 -12.89
CA LYS C 461 8.20 -44.19 -14.29
C LYS C 461 8.46 -45.64 -14.74
N GLU C 462 7.85 -46.03 -15.85
CA GLU C 462 7.98 -47.39 -16.35
C GLU C 462 8.99 -47.59 -17.48
N GLY C 463 9.45 -48.83 -17.64
CA GLY C 463 10.38 -49.16 -18.70
C GLY C 463 11.87 -49.14 -18.40
N ALA C 464 12.24 -48.93 -17.14
CA ALA C 464 13.67 -48.89 -16.79
C ALA C 464 14.32 -50.27 -16.83
N SER C 465 15.46 -50.38 -17.49
CA SER C 465 16.19 -51.63 -17.57
C SER C 465 16.96 -51.79 -16.26
N GLU C 466 17.52 -52.98 -16.04
CA GLU C 466 18.26 -53.23 -14.81
C GLU C 466 19.45 -52.29 -14.71
N GLU C 467 20.06 -52.02 -15.84
CA GLU C 467 21.21 -51.13 -15.91
C GLU C 467 20.83 -49.72 -15.49
N GLU C 468 19.69 -49.25 -15.99
CA GLU C 468 19.22 -47.91 -15.68
C GLU C 468 18.82 -47.78 -14.21
N ILE C 469 18.20 -48.83 -13.68
CA ILE C 469 17.78 -48.86 -12.30
C ILE C 469 19.00 -48.84 -11.40
N ARG C 470 20.00 -49.62 -11.76
CA ARG C 470 21.23 -49.66 -10.96
C ARG C 470 21.91 -48.31 -10.97
N LEU C 471 21.91 -47.64 -12.12
CA LEU C 471 22.54 -46.34 -12.24
C LEU C 471 21.90 -45.35 -11.27
N SER C 472 20.57 -45.33 -11.25
CA SER C 472 19.84 -44.44 -10.36
C SER C 472 20.19 -44.72 -8.89
N LYS C 473 20.11 -45.97 -8.49
CA LYS C 473 20.43 -46.32 -7.11
C LYS C 473 21.83 -45.85 -6.77
N MET C 474 22.76 -46.03 -7.69
CA MET C 474 24.11 -45.62 -7.43
C MET C 474 24.19 -44.10 -7.24
N VAL C 475 23.57 -43.36 -8.16
CA VAL C 475 23.56 -41.90 -8.10
C VAL C 475 22.90 -41.36 -6.83
N MET C 476 21.71 -41.85 -6.51
CA MET C 476 21.02 -41.39 -5.31
C MET C 476 21.84 -41.62 -4.06
N LYS C 477 22.54 -42.75 -3.98
CA LYS C 477 23.38 -43.02 -2.82
C LYS C 477 24.53 -42.04 -2.80
N PHE C 478 25.11 -41.77 -3.96
CA PHE C 478 26.21 -40.83 -4.06
C PHE C 478 25.73 -39.47 -3.55
N TRP C 479 24.59 -39.00 -4.05
CA TRP C 479 24.03 -37.72 -3.65
C TRP C 479 23.71 -37.68 -2.15
N ALA C 480 23.00 -38.70 -1.68
CA ALA C 480 22.63 -38.79 -0.28
C ALA C 480 23.83 -38.97 0.66
N ASN C 481 24.88 -39.65 0.18
CA ASN C 481 26.09 -39.85 0.99
C ASN C 481 26.80 -38.51 1.13
N PHE C 482 26.73 -37.71 0.08
CA PHE C 482 27.35 -36.39 0.08
C PHE C 482 26.56 -35.50 1.04
N ALA C 483 25.23 -35.66 1.01
CA ALA C 483 24.34 -34.87 1.84
C ALA C 483 24.66 -35.05 3.33
N ARG C 484 24.94 -36.27 3.76
CA ARG C 484 25.25 -36.48 5.17
C ARG C 484 26.71 -36.33 5.60
N ASN C 485 27.66 -36.58 4.71
CA ASN C 485 29.07 -36.46 5.10
C ASN C 485 29.88 -35.45 4.31
N GLY C 486 29.32 -34.92 3.24
CA GLY C 486 30.07 -33.97 2.46
C GLY C 486 31.10 -34.76 1.68
N ASN C 487 30.79 -36.04 1.50
CA ASN C 487 31.62 -36.99 0.77
C ASN C 487 30.65 -38.01 0.18
N PRO C 488 30.73 -38.26 -1.13
CA PRO C 488 29.82 -39.23 -1.74
C PRO C 488 30.22 -40.69 -1.56
N ASN C 489 31.48 -40.95 -1.27
CA ASN C 489 31.97 -42.32 -1.11
C ASN C 489 31.22 -43.14 -0.07
N GLY C 490 31.18 -44.45 -0.32
CA GLY C 490 30.50 -45.36 0.58
C GLY C 490 30.66 -46.80 0.11
N GLU C 491 30.44 -47.73 1.03
CA GLU C 491 30.57 -49.16 0.71
C GLU C 491 29.62 -49.52 -0.42
N GLY C 492 30.10 -50.37 -1.33
CA GLY C 492 29.26 -50.81 -2.43
C GLY C 492 29.19 -49.83 -3.59
N LEU C 493 30.00 -48.78 -3.54
CA LEU C 493 30.03 -47.80 -4.61
C LEU C 493 31.45 -47.58 -5.10
N PRO C 494 31.62 -47.35 -6.41
CA PRO C 494 32.95 -47.12 -6.96
C PRO C 494 33.60 -45.90 -6.33
N HIS C 495 34.92 -45.92 -6.19
CA HIS C 495 35.64 -44.81 -5.58
C HIS C 495 35.52 -43.50 -6.36
N TRP C 496 35.12 -42.45 -5.65
CA TRP C 496 34.99 -41.14 -6.24
C TRP C 496 36.11 -40.31 -5.63
N PRO C 497 37.20 -40.11 -6.38
CA PRO C 497 38.33 -39.32 -5.89
C PRO C 497 37.91 -37.88 -5.67
N GLU C 498 38.55 -37.23 -4.70
CA GLU C 498 38.24 -35.85 -4.42
C GLU C 498 38.86 -34.99 -5.53
N TYR C 499 38.25 -33.84 -5.79
CA TYR C 499 38.78 -32.97 -6.81
C TYR C 499 39.88 -32.12 -6.18
N ASN C 500 41.08 -32.66 -6.15
CA ASN C 500 42.21 -31.96 -5.58
C ASN C 500 43.14 -31.53 -6.70
N GLN C 501 44.41 -31.31 -6.39
CA GLN C 501 45.35 -30.88 -7.41
C GLN C 501 45.46 -31.84 -8.59
N LYS C 502 45.22 -33.12 -8.36
CA LYS C 502 45.31 -34.11 -9.42
C LYS C 502 44.05 -34.03 -10.30
N GLU C 503 43.06 -33.31 -9.80
CA GLU C 503 41.79 -33.10 -10.49
C GLU C 503 41.05 -34.34 -10.93
N GLY C 504 41.05 -35.36 -10.06
CA GLY C 504 40.34 -36.58 -10.37
C GLY C 504 38.85 -36.31 -10.28
N TYR C 505 38.06 -37.03 -11.06
CA TYR C 505 36.61 -36.86 -11.08
C TYR C 505 35.95 -38.17 -11.49
N LEU C 506 34.66 -38.30 -11.17
CA LEU C 506 33.94 -39.51 -11.51
C LEU C 506 33.21 -39.37 -12.84
N GLN C 507 33.25 -40.44 -13.62
CA GLN C 507 32.57 -40.49 -14.91
C GLN C 507 31.37 -41.39 -14.65
N ILE C 508 30.17 -40.83 -14.76
CA ILE C 508 28.96 -41.59 -14.47
C ILE C 508 28.19 -41.99 -15.74
N GLY C 509 27.81 -43.26 -15.79
CA GLY C 509 27.07 -43.82 -16.91
C GLY C 509 27.06 -45.33 -16.80
N ALA C 510 26.93 -46.01 -17.94
CA ALA C 510 26.91 -47.47 -17.96
C ALA C 510 28.10 -47.95 -17.16
N ASN C 511 29.27 -47.43 -17.49
CA ASN C 511 30.50 -47.76 -16.79
C ASN C 511 30.92 -46.52 -16.00
N THR C 512 31.07 -46.69 -14.69
CA THR C 512 31.46 -45.59 -13.82
C THR C 512 32.83 -45.83 -13.21
N GLN C 513 33.71 -44.86 -13.34
CA GLN C 513 35.05 -44.96 -12.77
C GLN C 513 35.77 -43.61 -12.74
N ALA C 514 36.70 -43.48 -11.81
CA ALA C 514 37.47 -42.25 -11.66
C ALA C 514 38.29 -41.99 -12.90
N ALA C 515 38.49 -40.71 -13.20
CA ALA C 515 39.26 -40.27 -14.34
C ALA C 515 39.92 -39.00 -13.84
N GLN C 516 40.72 -38.34 -14.68
CA GLN C 516 41.38 -37.12 -14.21
C GLN C 516 41.41 -35.97 -15.21
N LYS C 517 41.71 -34.79 -14.67
CA LYS C 517 41.81 -33.54 -15.42
C LYS C 517 40.70 -33.23 -16.41
N LEU C 518 39.47 -33.30 -15.94
CA LEU C 518 38.29 -33.00 -16.75
C LEU C 518 38.37 -31.66 -17.48
N LYS C 519 38.14 -31.69 -18.80
CA LYS C 519 38.16 -30.47 -19.64
C LYS C 519 39.42 -29.61 -19.48
N ASP C 520 40.53 -30.21 -19.08
CA ASP C 520 41.74 -29.44 -18.86
C ASP C 520 42.25 -28.58 -20.03
N LYS C 521 42.29 -29.15 -21.22
CA LYS C 521 42.76 -28.42 -22.39
C LYS C 521 41.79 -27.31 -22.80
N GLU C 522 40.50 -27.60 -22.70
CA GLU C 522 39.46 -26.63 -23.07
C GLU C 522 39.55 -25.38 -22.19
N VAL C 523 39.72 -25.58 -20.88
CA VAL C 523 39.84 -24.45 -19.97
C VAL C 523 41.07 -23.62 -20.35
N ALA C 524 42.14 -24.31 -20.75
CA ALA C 524 43.37 -23.62 -21.14
C ALA C 524 43.16 -22.84 -22.42
N PHE C 525 42.44 -23.43 -23.38
CA PHE C 525 42.18 -22.76 -24.65
C PHE C 525 41.29 -21.54 -24.48
N TRP C 526 40.19 -21.70 -23.73
CA TRP C 526 39.26 -20.60 -23.55
C TRP C 526 39.73 -19.46 -22.64
N THR C 527 40.41 -19.78 -21.54
CA THR C 527 40.92 -18.73 -20.66
C THR C 527 41.86 -17.87 -21.48
N ASN C 528 42.68 -18.51 -22.30
CA ASN C 528 43.64 -17.82 -23.14
C ASN C 528 43.00 -17.01 -24.26
N LEU C 529 41.94 -17.55 -24.86
CA LEU C 529 41.27 -16.85 -25.95
C LEU C 529 40.47 -15.66 -25.43
N PHE C 530 39.85 -15.82 -24.27
CA PHE C 530 39.06 -14.76 -23.68
C PHE C 530 39.89 -13.65 -23.06
N ALA C 531 41.20 -13.86 -22.96
CA ALA C 531 42.07 -12.84 -22.38
C ALA C 531 42.63 -11.95 -23.48
N LYS C 532 42.30 -12.29 -24.73
CA LYS C 532 42.77 -11.54 -25.90
C LYS C 532 41.79 -10.44 -26.32
C1 GLC D . -49.13 -12.87 3.69
C2 GLC D . -49.50 -13.73 4.92
C3 GLC D . -49.10 -12.98 6.22
C4 GLC D . -47.61 -12.71 6.19
C5 GLC D . -47.25 -11.86 4.96
C6 GLC D . -45.77 -11.61 4.87
O2 GLC D . -50.90 -14.01 4.89
O3 GLC D . -49.43 -13.78 7.35
O4 GLC D . -47.21 -12.01 7.41
O5 GLC D . -47.69 -12.57 3.75
O6 GLC D . -45.44 -11.01 3.62
C1 FRU D . -50.21 -11.73 1.19
C2 FRU D . -50.55 -11.03 2.52
C3 FRU D . -52.07 -10.97 2.84
C4 FRU D . -52.15 -9.69 3.65
C5 FRU D . -51.28 -8.83 2.73
C6 FRU D . -50.82 -7.45 3.21
O1 FRU D . -48.90 -11.29 0.77
O2 FRU D . -49.91 -11.64 3.72
O3 FRU D . -52.52 -12.10 3.56
O4 FRU D . -53.50 -9.25 3.72
O5 FRU D . -50.15 -9.68 2.45
O6 FRU D . -51.78 -6.77 4.00
C1 GLC E . 0.97 46.11 -21.34
C2 GLC E . 1.67 46.56 -20.04
C3 GLC E . 2.85 45.60 -19.68
C4 GLC E . 2.30 44.21 -19.52
C5 GLC E . 1.64 43.74 -20.82
C6 GLC E . 1.07 42.36 -20.70
O2 GLC E . 2.09 47.92 -20.20
O3 GLC E . 3.45 46.04 -18.48
O4 GLC E . 3.40 43.31 -19.15
O5 GLC E . 0.56 44.68 -21.17
O6 GLC E . 1.95 41.38 -21.25
C1 FRU E . 0.93 47.68 -24.34
C2 FRU E . 1.32 46.28 -23.88
C3 FRU E . 2.41 45.58 -24.76
C4 FRU E . 2.02 44.13 -24.72
C5 FRU E . 0.49 44.26 -24.74
C6 FRU E . -0.34 43.08 -24.27
O1 FRU E . 0.85 47.69 -25.77
O2 FRU E . 1.86 46.30 -22.48
O3 FRU E . 3.72 45.81 -24.28
O4 FRU E . 2.54 43.48 -25.88
O5 FRU E . 0.20 45.41 -23.94
O6 FRU E . -0.11 41.89 -24.98
C1 GLC F . 19.30 -31.14 -35.50
C2 GLC F . 20.72 -31.34 -34.93
C3 GLC F . 20.63 -31.87 -33.49
C4 GLC F . 19.88 -30.88 -32.64
C5 GLC F . 18.45 -30.69 -33.20
C6 GLC F . 17.68 -29.68 -32.40
O2 GLC F . 21.43 -32.24 -35.80
O3 GLC F . 21.94 -32.05 -33.00
O4 GLC F . 19.81 -31.37 -31.28
O5 GLC F . 18.56 -30.23 -34.59
O6 GLC F . 16.27 -29.95 -32.44
C1 FRU F . 18.67 -32.91 -38.05
C2 FRU F . 17.81 -32.70 -36.79
C3 FRU F . 16.89 -33.91 -36.41
C4 FRU F . 15.74 -33.21 -35.71
C5 FRU F . 15.57 -32.03 -36.69
C6 FRU F . 14.73 -30.85 -36.29
O1 FRU F . 17.80 -33.11 -39.17
O2 FRU F . 18.66 -32.42 -35.62
O3 FRU F . 17.55 -34.86 -35.57
O4 FRU F . 14.61 -34.09 -35.69
O5 FRU F . 16.92 -31.62 -36.97
O6 FRU F . 14.92 -30.44 -34.95
O1 NTJ G . -30.86 -8.74 11.52
P1 NTJ G . -32.35 -9.31 11.30
N1 NTJ G . -33.28 -8.15 10.27
C2 NTJ G . -33.35 -6.84 10.95
C1 NTJ G . -34.65 -8.66 10.05
O2 NTJ G . -32.27 -10.76 10.56
C3 NTJ G . -31.64 -11.73 11.39
C4 NTJ G . -31.59 -13.08 10.66
C1 NAG H . -19.93 22.43 10.51
C2 NAG H . -20.34 23.12 11.80
C3 NAG H . -20.22 24.63 11.55
C4 NAG H . -18.81 25.00 11.04
C5 NAG H . -18.26 24.03 9.97
C6 NAG H . -16.75 24.14 9.82
C7 NAG H . -22.68 23.62 12.27
C8 NAG H . -23.61 23.76 11.07
N2 NAG H . -21.69 22.73 12.18
O3 NAG H . -20.50 25.34 12.75
O4 NAG H . -18.86 26.31 10.49
O5 NAG H . -18.53 22.65 10.33
O6 NAG H . -16.09 22.95 10.23
O7 NAG H . -22.85 24.31 13.27
C1 SIA I . -17.93 18.34 8.25
C2 SIA I . -18.50 17.09 7.60
C3 SIA I . -18.19 17.09 6.10
C4 SIA I . -18.76 15.84 5.40
C5 SIA I . -19.07 14.74 6.43
C6 SIA I . -17.96 14.69 7.49
C7 SIA I . -18.11 13.49 8.45
C8 SIA I . -18.58 13.93 9.85
C9 SIA I . -19.67 13.01 10.38
C10 SIA I . -20.37 12.95 5.47
C11 SIA I . -20.94 13.23 4.08
N5 SIA I . -19.18 13.45 5.75
O1A SIA I . -18.19 19.45 7.73
O1B SIA I . -17.24 18.23 9.28
O2 SIA I . -19.88 17.04 7.80
O4 SIA I . -19.93 16.17 4.69
O6 SIA I . -17.91 15.94 8.26
O7 SIA I . -19.03 12.52 7.93
O8 SIA I . -17.47 13.92 10.74
O9 SIA I . -20.81 13.08 9.53
O10 SIA I . -21.02 12.27 6.27
S SO4 J . -3.57 -7.41 -1.47
O1 SO4 J . -2.87 -6.43 -2.32
O2 SO4 J . -5.01 -7.38 -1.79
O3 SO4 J . -3.03 -8.76 -1.73
O4 SO4 J . -3.37 -7.07 -0.05
S SO4 K . -13.93 2.64 -4.62
O1 SO4 K . -13.94 1.21 -4.24
O2 SO4 K . -13.88 2.76 -6.09
O3 SO4 K . -15.17 3.29 -4.12
O4 SO4 K . -12.76 3.29 -4.02
O1 NTJ L . 5.80 32.80 -7.50
P1 NTJ L . 5.55 34.21 -8.24
N1 NTJ L . 5.59 33.94 -10.03
C2 NTJ L . 6.92 33.42 -10.42
C1 NTJ L . 5.36 35.22 -10.73
O2 NTJ L . 4.09 34.77 -7.84
C3 NTJ L . 4.00 34.97 -6.43
C4 NTJ L . 2.61 35.50 -6.08
C1 NAG M . 28.37 6.62 -12.99
C2 NAG M . 27.56 6.22 -14.23
C3 NAG M . 28.44 5.38 -15.15
C4 NAG M . 29.77 6.09 -15.47
C5 NAG M . 30.46 6.58 -14.18
C6 NAG M . 31.66 7.45 -14.47
C7 NAG M . 25.42 5.23 -14.71
C8 NAG M . 24.38 6.33 -14.88
N2 NAG M . 26.40 5.45 -13.84
O3 NAG M . 27.74 5.14 -16.37
O4 NAG M . 30.64 5.19 -16.15
O5 NAG M . 29.54 7.37 -13.39
O6 NAG M . 32.47 7.63 -13.31
O7 NAG M . 25.32 4.19 -15.36
C1 SIA N . 22.28 6.94 -10.69
C2 SIA N . 21.73 8.12 -11.50
C3 SIA N . 22.33 8.09 -12.90
C4 SIA N . 21.26 8.22 -13.99
C5 SIA N . 20.25 9.31 -13.63
C6 SIA N . 19.62 9.09 -12.24
C7 SIA N . 19.58 10.38 -11.38
C8 SIA N . 18.21 11.07 -11.49
C9 SIA N . 18.30 12.49 -10.93
C10 SIA N . 18.61 8.24 -15.06
C11 SIA N . 17.58 7.58 -14.15
N5 SIA N . 19.19 9.36 -14.63
O1A SIA N . 23.30 6.33 -11.11
O1B SIA N . 21.70 6.61 -9.63
O2 SIA N . 22.05 9.30 -10.86
O4 SIA N . 21.88 8.54 -15.24
O6 SIA N . 20.30 8.00 -11.52
O7 SIA N . 19.84 10.10 -10.02
O8 SIA N . 17.80 11.12 -12.85
O9 SIA N . 18.91 13.36 -11.87
O10 SIA N . 18.88 7.72 -16.15
S SO4 O . -6.57 6.26 0.93
O1 SO4 O . -5.35 6.11 1.74
O2 SO4 O . -7.36 7.40 1.44
O3 SO4 O . -6.20 6.51 -0.47
O4 SO4 O . -7.37 5.03 1.02
O1 NTJ P . 18.20 -23.45 -16.46
P1 NTJ P . 18.59 -24.15 -17.87
N1 NTJ P . 17.11 -24.92 -18.58
C2 NTJ P . 16.60 -25.97 -17.66
C1 NTJ P . 17.46 -25.55 -19.88
O2 NTJ P . 19.11 -23.02 -18.91
C3 NTJ P . 20.37 -22.48 -18.49
C4 NTJ P . 20.81 -21.43 -19.53
S SO4 Q . -2.89 -8.32 -10.87
O1 SO4 Q . -3.10 -9.04 -12.14
O2 SO4 Q . -1.91 -9.06 -10.04
O3 SO4 Q . -2.39 -6.96 -11.13
O4 SO4 Q . -4.18 -8.23 -10.15
C1 NAG R . -8.40 -30.82 2.94
C2 NAG R . -9.20 -31.32 4.16
C3 NAG R . -10.68 -30.94 4.04
C4 NAG R . -10.80 -29.42 3.78
C5 NAG R . -9.99 -29.07 2.53
C6 NAG R . -10.05 -27.59 2.16
C7 NAG R . -8.61 -33.36 5.38
C8 NAG R . -7.89 -32.50 6.42
N2 NAG R . -9.07 -32.77 4.27
O3 NAG R . -11.35 -31.27 5.24
O4 NAG R . -12.17 -29.06 3.60
O5 NAG R . -8.61 -29.41 2.75
O6 NAG R . -9.39 -27.36 0.92
O7 NAG R . -8.74 -34.57 5.58
C1 SIA S . -4.44 -23.38 2.55
C2 SIA S . -4.81 -24.67 1.79
C3 SIA S . -6.25 -24.57 1.28
C4 SIA S . -6.48 -25.52 0.11
C5 SIA S . -5.52 -25.22 -1.04
C6 SIA S . -4.37 -24.33 -0.56
C7 SIA S . -3.25 -24.23 -1.60
C8 SIA S . -2.10 -25.23 -1.42
C9 SIA S . -0.99 -24.63 -0.56
C10 SIA S . -7.04 -25.26 -2.90
C11 SIA S . -8.41 -25.66 -2.36
N5 SIA S . -6.25 -24.56 -2.10
O1A SIA S . -4.97 -23.18 3.67
O1B SIA S . -3.63 -22.59 2.03
O2 SIA S . -4.69 -25.75 2.63
O4 SIA S . -6.29 -26.87 0.54
O6 SIA S . -3.87 -24.81 0.70
O7 SIA S . -3.78 -24.36 -2.91
O8 SIA S . -2.57 -26.44 -0.83
O9 SIA S . -1.54 -23.84 0.47
O10 SIA S . -6.71 -25.61 -4.03
S SO4 T . 5.69 1.99 -5.71
O1 SO4 T . 4.78 0.84 -5.70
O2 SO4 T . 6.48 1.99 -4.46
O3 SO4 T . 6.60 1.91 -6.87
O4 SO4 T . 4.90 3.24 -5.79
#